data_6X6A
#
_entry.id   6X6A
#
_cell.length_a   1.00
_cell.length_b   1.00
_cell.length_c   1.00
_cell.angle_alpha   90.00
_cell.angle_beta   90.00
_cell.angle_gamma   90.00
#
_symmetry.space_group_name_H-M   'P 1'
#
loop_
_entity.id
_entity.type
_entity.pdbx_description
1 polymer 'Dipeptidyl peptidase 9'
2 polymer 'NACHT, LRR and PYD domains-containing protein 1'
3 polymer 'NACHT, LRR and PYD domains-containing protein 1'
#
loop_
_entity_poly.entity_id
_entity_poly.type
_entity_poly.pdbx_seq_one_letter_code
_entity_poly.pdbx_strand_id
1 'polypeptide(L)'
;MATTGTPTADRGDAAATDDPAARFQVQKHSWDGLRSIIHGSRKYSGLIVNKAPHDFQFVQKTDESGPHSHRLYYLGMPYG
SRENSLLYSEIPKKVRKEALLLLSWKQMLDHFQATPHHGVYSREEELLRERKRLGVFGITSYDFHSESGLFLFQASNSLF
HCRDGGKNGFMVSPMKPLEIKTQCSGPRMDPKICPADPAFFSFINNSDLWVANIETGEERRLTFCHQGLSNVLDDPKSAG
VATFVIQEEFDRFTGYWWCPTASWEGSEGLKTLRILYEEVDESEVEVIHVPSPALEERKTDSYRYPRTGSKNPKIALKLA
EFQTDSQGKIVSTQEKELVQPFSSLFPKVEYIARAGWTRDGKYAWAMFLDRPQQWLQLVLLPPALFIPSTENEEQRLASA
RAVPRNVQPYVVYEEVTNVWINVHDIFYPFPQSEGEDELCFLRANECKTGFCHLYKVTAVLKSQGYDWSEPFSPGEDEFK
CPIKEEIALTSGEWEVLARHGSKIWVNEETKLVYFQGTKDTPLEHHLYVVSYEAAGEIVRLTTPGFSHSCSMSQNFDMFV
SHYSSVSTPPCVHVYKLSGPDDDPLHKQPRFWASMMEAASCPPDYVPPEIFHFHTRSDVRLYGMIYKPHALQPGKKHPTV
LFVYGGPQVQLVNNSFKGIKYLRLNTLASLGYAVVVIDGRGSCQRGLRFEGALKNQMGQVEIEDQVEGLQFVAEKYGFID
LSRVAIHGWSYGGFLSLMGLIHKPQVFKVAIAGAPVTVWMAYDTGYTERYMDVPENNQHGYEAGSVALHVEKLPNEPNRL
LILHGFLDENVHFFHTNFLVSQLIRAGKPYQLQIYPNERHSIRCPESGEHYEVTLLHFLQEYL
;
A,D
2 'polypeptide(L)'
;MAGGAWGRLACYLEFLKKEELKEFQLLLANKAHSRSSSGETPAQPEKTSGMEVASYLVAQYGEQRAWDLALHTWEQMGLR
SLCAQAQEGAGHSPSFPYSPSEPHLGSPSQPTSTAVLMPWIHELPAGCTQGSERRVLRQLPDTSGRRWREISASLLYQAL
PSSPDHESPSQESPNAPTSTAVLGSWGSPPQPSLAPREQEAPGTQWPLDETSGIYYTEIREREREKSEKGRPPWAAVVGT
PPQAHTSLQPHHHPWEPSVRESLCSTWPWKNEDFNQKFTQLLLLQRPHPRSQDPLVKRSWPDYVEENRGHLIEIRDLFGP
GLDTQEPRIVILQGAAGIGKSTLARQVKEAWGRGQLYGDRFQHVFYFSCRELAQSKVVSLAELIGKDGTATPAPIRQILS
RPERLLFILDGVDEPGWVLQEPSSELCLHWSQPQPADALLGSLLGKTILPEASFLITARTTALQNLIPSLEQARWVEVLG
FSESSRKEYFYRYFTDERQAIRAFRLVKSNKELWALCLVPWVSWLACTCLMQQMKRKEKLTLTSKTTTTLCLHYLAQALQ
AQPLGPQLRDLCSLAAEGIWQKKTLFSPDDLRKHGLDGAIISTFLKMGILQEHPIPLSYSFIHLCFQEFFAAMSYVLEDE
KGRGKHSNCIIDLEKTLEAYGIHGLFGASTTRFLLGLLSDEGEREMENIFHCRLSQGRNLMQWVPSLQLLLQPHSLESLH
CLYETRNKTFLTQVMAHFEEMGMCVETDMELLVCTFCIKFSRHVKKLQLIEGRQHRSTWSPTMVVLFRWVPVTDAYWQIL
FSVLKVTRNLKELDLSGNSLSHSAVKSLCKTLRRPRCLLETLRLAGCGLTAEDCKDLAFGLRANQTLTELDLSFNVLTDA
GAKHLCQRLRQPSCKLQRLQLVSCGLTSDCCQDLASVLSASPSLKELDLQQNNLDDVGVRLLCEGLRHPACKLIRLGLDQ
TTLSDEMRQELRALEQEKPQLLIFSRRKPSVMTPTEGLDTGEMSNSTSSLKRQRLGSERAASHVAQANLKLLDVSKIFPI
AEIAEESSPEVVPVELLCVPSPASQGDLHTKPLGTDDDFWGPTGPVATEVVDKEKNLYRVHFPVAGSYRWPNTGLCFVMR
EAVTVEIEFCVWDQFLGEINPQHSWMVAGPLLDIKAEPGAVEAVHLPHFVALQGGHVDTSLFQMAHFKEEGMLLEKPARV
ELHHIVLENPSF
;
B,E
3 'polypeptide(L)'
;SPLGVLLKMIHNALRFIPVTSVVLLYHRVHPEEVTFHLYLIPSDCSIRKAIDDLEMKFQFVRIHKPPPLTPLYMGCRYTV
SGSGSGMLEILPKELELCYRSPGEDQLFSEFYVGHLGSGIRLQVKDKKDETLVWEALVKPGDLMPATTLIPPARIAVPSP
LDAPQLLHFVDQYREQLIARVTSVEVVLDKLHGQVLSQEQYERVLAENTRPSQMRKLFSLSQSWDRKCKDGLYQALKETH
PHLIMELWEKGSKKGLLPLSS
;
G,C,I,F
#
# COMPACT_ATOMS: atom_id res chain seq x y z
N ASP A 18 20.23 -34.49 -0.25
CA ASP A 18 21.38 -35.15 -0.86
C ASP A 18 22.57 -35.14 0.08
N ASP A 19 23.42 -34.11 -0.05
CA ASP A 19 24.66 -33.98 0.73
C ASP A 19 24.62 -32.65 1.46
N PRO A 20 24.01 -32.58 2.65
CA PRO A 20 23.93 -31.30 3.36
C PRO A 20 25.26 -30.83 3.93
N ALA A 21 26.28 -31.67 3.94
CA ALA A 21 27.62 -31.23 4.29
C ALA A 21 28.38 -30.72 3.07
N ALA A 22 27.80 -30.85 1.88
CA ALA A 22 28.44 -30.39 0.65
C ALA A 22 27.65 -29.25 -0.01
N ARG A 23 26.86 -28.52 0.76
CA ARG A 23 26.19 -27.33 0.27
C ARG A 23 26.62 -26.15 1.10
N PHE A 24 26.73 -24.98 0.46
CA PHE A 24 27.23 -23.81 1.15
C PHE A 24 26.12 -23.17 1.97
N GLN A 25 26.40 -22.91 3.24
CA GLN A 25 25.50 -22.15 4.09
C GLN A 25 26.03 -20.74 4.19
N VAL A 26 25.21 -19.76 3.80
CA VAL A 26 25.62 -18.37 3.81
C VAL A 26 25.71 -17.89 5.24
N GLN A 27 26.76 -17.13 5.55
CA GLN A 27 26.95 -16.63 6.90
C GLN A 27 25.85 -15.62 7.23
N LYS A 28 25.02 -15.96 8.20
CA LYS A 28 23.88 -15.14 8.57
C LYS A 28 24.38 -13.94 9.35
N HIS A 29 24.32 -12.77 8.74
CA HIS A 29 24.72 -11.54 9.38
C HIS A 29 23.54 -10.91 10.09
N SER A 30 23.84 -10.13 11.13
CA SER A 30 22.86 -9.27 11.75
C SER A 30 22.38 -8.20 10.76
N TRP A 31 21.26 -7.58 11.11
CA TRP A 31 20.72 -6.49 10.29
C TRP A 31 21.71 -5.33 10.23
N ASP A 32 22.29 -4.96 11.37
CA ASP A 32 23.29 -3.92 11.39
C ASP A 32 24.55 -4.34 10.65
N GLY A 33 24.90 -5.62 10.73
CA GLY A 33 25.95 -6.17 9.88
C GLY A 33 25.69 -5.99 8.40
N LEU A 34 24.46 -6.30 7.95
CA LEU A 34 24.11 -6.14 6.54
C LEU A 34 24.16 -4.69 6.12
N ARG A 35 23.74 -3.78 6.99
CA ARG A 35 23.93 -2.36 6.73
C ARG A 35 25.40 -2.00 6.63
N SER A 36 26.24 -2.54 7.52
CA SER A 36 27.68 -2.32 7.45
C SER A 36 28.26 -2.81 6.13
N ILE A 37 27.72 -3.90 5.59
CA ILE A 37 28.18 -4.43 4.31
C ILE A 37 27.77 -3.52 3.16
N ILE A 38 26.50 -3.10 3.16
CA ILE A 38 25.99 -2.20 2.13
C ILE A 38 26.73 -0.86 2.19
N HIS A 39 26.97 -0.33 3.39
CA HIS A 39 27.77 0.88 3.52
C HIS A 39 29.19 0.69 3.02
N GLY A 40 29.84 -0.43 3.36
CA GLY A 40 31.16 -0.64 2.78
C GLY A 40 31.16 -0.78 1.27
N SER A 41 30.02 -1.15 0.68
CA SER A 41 29.91 -1.17 -0.78
C SER A 41 29.79 0.26 -1.30
N ARG A 42 29.01 1.05 -0.58
CA ARG A 42 28.78 2.46 -0.85
C ARG A 42 30.02 3.31 -0.66
N LYS A 43 31.00 2.80 0.09
CA LYS A 43 32.25 3.53 0.31
C LYS A 43 33.05 3.68 -0.96
N TYR A 44 32.91 2.75 -1.89
CA TYR A 44 33.48 2.90 -3.22
C TYR A 44 32.46 3.01 -4.35
N SER A 45 31.14 2.95 -4.07
CA SER A 45 30.29 3.28 -5.21
C SER A 45 30.27 4.78 -5.51
N GLY A 46 30.79 5.58 -4.58
CA GLY A 46 31.04 7.01 -4.68
C GLY A 46 32.17 7.31 -5.64
N LEU A 47 32.96 6.28 -5.94
CA LEU A 47 34.05 6.17 -6.88
C LEU A 47 33.58 5.57 -8.19
N ILE A 48 32.76 4.51 -8.16
CA ILE A 48 32.55 3.77 -9.39
C ILE A 48 31.50 4.50 -10.22
N VAL A 49 30.50 5.13 -9.60
CA VAL A 49 29.64 6.01 -10.39
C VAL A 49 30.43 7.29 -10.68
N ASN A 50 30.34 7.75 -11.92
CA ASN A 50 31.05 8.94 -12.35
C ASN A 50 30.12 9.84 -13.13
N LYS A 51 29.10 9.23 -13.74
CA LYS A 51 28.28 9.83 -14.80
C LYS A 51 29.19 10.46 -15.86
N ALA A 52 29.81 9.57 -16.60
CA ALA A 52 30.61 9.80 -17.80
C ALA A 52 29.94 10.80 -18.73
N PRO A 53 30.70 11.67 -19.37
CA PRO A 53 30.12 12.79 -20.11
C PRO A 53 29.34 12.36 -21.34
N HIS A 54 28.39 13.23 -21.72
CA HIS A 54 27.44 12.90 -22.76
C HIS A 54 26.97 14.17 -23.44
N ASP A 55 26.32 13.97 -24.59
CA ASP A 55 25.77 15.02 -25.45
C ASP A 55 26.87 15.98 -25.92
N PHE A 56 27.80 15.40 -26.69
CA PHE A 56 28.95 16.12 -27.18
C PHE A 56 28.59 16.98 -28.39
N GLN A 57 29.21 18.15 -28.45
CA GLN A 57 29.08 19.06 -29.59
C GLN A 57 30.45 19.60 -29.94
N PHE A 58 31.00 19.10 -31.03
CA PHE A 58 32.26 19.59 -31.58
C PHE A 58 32.11 20.90 -32.31
N VAL A 59 32.98 21.86 -32.02
CA VAL A 59 33.04 23.11 -32.77
C VAL A 59 34.51 23.37 -33.09
N GLN A 60 34.78 23.73 -34.35
CA GLN A 60 36.16 24.00 -34.69
C GLN A 60 36.58 25.36 -34.14
N LYS A 61 37.88 25.57 -34.03
CA LYS A 61 38.34 26.86 -33.52
C LYS A 61 38.49 27.88 -34.63
N THR A 62 38.63 27.42 -35.89
CA THR A 62 38.80 28.24 -37.09
C THR A 62 39.93 29.26 -36.93
N ASP A 63 41.08 28.78 -36.48
CA ASP A 63 42.21 29.64 -36.18
C ASP A 63 43.39 29.43 -37.11
N GLU A 64 43.81 28.18 -37.31
CA GLU A 64 44.95 27.72 -38.11
C GLU A 64 46.30 28.23 -37.61
N SER A 65 46.32 28.94 -36.47
CA SER A 65 47.55 29.37 -35.83
C SER A 65 47.54 29.19 -34.33
N GLY A 66 46.39 28.92 -33.72
CA GLY A 66 46.33 28.68 -32.29
C GLY A 66 46.75 27.27 -31.94
N PRO A 67 46.68 26.95 -30.64
CA PRO A 67 47.12 25.63 -30.21
C PRO A 67 46.04 24.56 -30.28
N HIS A 68 44.77 24.94 -30.17
CA HIS A 68 43.68 23.97 -30.04
C HIS A 68 42.90 23.87 -31.34
N SER A 69 42.62 22.65 -31.79
CA SER A 69 41.92 22.48 -33.05
C SER A 69 40.41 22.64 -32.89
N HIS A 70 39.86 22.09 -31.82
CA HIS A 70 38.43 22.19 -31.56
C HIS A 70 38.15 22.52 -30.12
N ARG A 71 36.87 22.75 -29.84
CA ARG A 71 36.34 22.74 -28.49
C ARG A 71 35.16 21.79 -28.46
N LEU A 72 35.26 20.80 -27.60
CA LEU A 72 34.20 19.83 -27.37
C LEU A 72 33.35 20.29 -26.19
N TYR A 73 32.05 20.47 -26.41
CA TYR A 73 31.14 20.87 -25.35
C TYR A 73 30.30 19.68 -24.92
N TYR A 74 30.09 19.54 -23.62
CA TYR A 74 29.39 18.36 -23.13
C TYR A 74 28.89 18.59 -21.72
N LEU A 75 28.06 17.65 -21.27
CA LEU A 75 27.55 17.64 -19.91
C LEU A 75 28.41 16.73 -19.05
N GLY A 76 28.56 17.10 -17.78
CA GLY A 76 29.39 16.28 -16.92
C GLY A 76 29.42 16.71 -15.47
N MET A 77 29.53 15.75 -14.55
CA MET A 77 29.83 16.08 -13.17
C MET A 77 31.30 15.89 -12.91
N PRO A 78 32.05 16.94 -12.58
CA PRO A 78 33.51 16.83 -12.50
C PRO A 78 34.05 16.19 -11.24
N TYR A 79 33.20 15.90 -10.25
CA TYR A 79 33.57 15.43 -8.90
C TYR A 79 34.51 16.39 -8.17
N GLY A 80 34.54 17.65 -8.58
CA GLY A 80 34.89 18.74 -7.70
C GLY A 80 33.58 19.31 -7.23
N SER A 81 32.52 18.93 -7.95
CA SER A 81 31.15 19.31 -7.64
C SER A 81 30.27 18.08 -7.75
N ARG A 82 29.01 18.25 -7.36
CA ARG A 82 28.07 17.13 -7.29
C ARG A 82 27.15 17.08 -8.50
N GLU A 83 26.40 18.15 -8.75
CA GLU A 83 25.50 18.18 -9.88
C GLU A 83 26.29 18.32 -11.17
N ASN A 84 25.77 17.73 -12.24
CA ASN A 84 26.49 17.78 -13.49
C ASN A 84 26.29 19.13 -14.14
N SER A 85 27.30 19.57 -14.89
CA SER A 85 27.28 20.92 -15.42
C SER A 85 27.82 20.93 -16.84
N LEU A 86 27.58 22.05 -17.51
CA LEU A 86 28.08 22.22 -18.87
C LEU A 86 29.58 22.41 -18.78
N LEU A 87 30.32 21.70 -19.62
CA LEU A 87 31.75 21.79 -19.56
C LEU A 87 32.24 21.88 -20.98
N TYR A 88 33.55 22.04 -21.12
CA TYR A 88 34.18 21.92 -22.41
C TYR A 88 35.59 21.44 -22.26
N SER A 89 36.10 20.87 -23.34
CA SER A 89 37.49 20.51 -23.46
C SER A 89 38.03 21.21 -24.69
N GLU A 90 39.33 21.38 -24.71
CA GLU A 90 40.04 21.98 -25.83
C GLU A 90 40.87 20.89 -26.51
N ILE A 91 40.46 20.52 -27.71
CA ILE A 91 41.14 19.46 -28.47
C ILE A 91 42.26 20.10 -29.28
N PRO A 92 43.52 19.73 -29.05
CA PRO A 92 44.64 20.41 -29.71
C PRO A 92 44.82 19.96 -31.15
N LYS A 93 45.63 20.74 -31.88
CA LYS A 93 45.93 20.44 -33.27
C LYS A 93 46.90 19.30 -33.43
N LYS A 94 47.80 19.13 -32.47
CA LYS A 94 48.78 18.06 -32.52
C LYS A 94 48.99 17.54 -31.11
N VAL A 95 49.49 16.32 -31.03
CA VAL A 95 49.79 15.70 -29.75
C VAL A 95 51.14 15.01 -29.85
N ARG A 96 51.94 15.11 -28.80
CA ARG A 96 53.17 14.32 -28.68
C ARG A 96 52.73 12.87 -28.62
N LYS A 97 53.06 12.11 -29.66
CA LYS A 97 52.61 10.74 -29.79
C LYS A 97 53.31 9.84 -28.79
N GLU A 98 52.76 8.62 -28.64
CA GLU A 98 53.15 7.58 -27.69
C GLU A 98 53.20 8.08 -26.24
N ALA A 99 52.40 9.10 -25.93
CA ALA A 99 52.27 9.66 -24.59
C ALA A 99 50.91 10.32 -24.55
N LEU A 100 49.97 9.72 -23.82
CA LEU A 100 48.57 10.03 -24.01
C LEU A 100 48.19 11.31 -23.28
N LEU A 101 47.30 12.07 -23.90
CA LEU A 101 46.83 13.35 -23.41
C LEU A 101 45.48 13.18 -22.76
N LEU A 102 45.35 13.59 -21.51
CA LEU A 102 44.07 13.54 -20.82
C LEU A 102 43.48 14.93 -20.84
N LEU A 103 42.28 15.05 -21.37
CA LEU A 103 41.66 16.36 -21.54
C LEU A 103 41.18 16.89 -20.21
N SER A 104 41.48 18.16 -19.93
CA SER A 104 40.96 18.78 -18.73
C SER A 104 39.46 19.02 -18.85
N TRP A 105 38.78 18.97 -17.71
CA TRP A 105 37.34 19.28 -17.66
C TRP A 105 37.18 20.72 -17.21
N LYS A 106 37.26 21.62 -18.17
CA LYS A 106 37.09 23.04 -17.88
C LYS A 106 35.63 23.31 -17.64
N GLN A 107 35.32 24.06 -16.58
CA GLN A 107 33.93 24.33 -16.28
C GLN A 107 33.47 25.50 -17.14
N MET A 108 32.40 25.28 -17.88
CA MET A 108 31.91 26.32 -18.77
C MET A 108 31.26 27.43 -17.98
N LEU A 109 30.50 27.09 -16.96
CA LEU A 109 29.86 28.07 -16.10
C LEU A 109 30.57 28.12 -14.76
N ASP A 110 30.37 29.21 -14.05
CA ASP A 110 31.14 29.51 -12.84
C ASP A 110 30.40 29.10 -11.57
N HIS A 111 30.32 27.78 -11.42
CA HIS A 111 29.91 26.99 -10.23
C HIS A 111 28.63 27.53 -9.54
N PHE A 112 27.57 27.61 -10.32
CA PHE A 112 26.24 27.76 -9.76
C PHE A 112 25.55 26.40 -9.72
N GLN A 113 24.48 26.31 -8.93
CA GLN A 113 23.76 25.06 -8.77
C GLN A 113 22.51 25.04 -9.63
N ALA A 114 22.19 23.87 -10.19
CA ALA A 114 21.06 23.73 -11.10
C ALA A 114 19.91 22.90 -10.52
N THR A 115 19.91 22.65 -9.22
CA THR A 115 18.76 22.05 -8.53
C THR A 115 18.43 22.89 -7.32
N PRO A 116 17.18 22.97 -6.93
CA PRO A 116 16.85 23.60 -5.65
C PRO A 116 17.23 22.75 -4.45
N HIS A 117 16.93 23.23 -3.24
CA HIS A 117 17.33 22.54 -2.01
C HIS A 117 16.59 21.22 -1.88
N HIS A 118 17.36 20.16 -1.61
CA HIS A 118 16.89 18.78 -1.43
C HIS A 118 16.17 18.25 -2.67
N GLY A 119 16.55 18.74 -3.85
CA GLY A 119 16.05 18.17 -5.09
C GLY A 119 14.62 18.48 -5.44
N VAL A 120 14.00 19.51 -4.85
CA VAL A 120 12.59 19.77 -5.11
C VAL A 120 12.42 20.32 -6.52
N TYR A 121 11.58 19.67 -7.29
CA TYR A 121 11.32 19.97 -8.69
C TYR A 121 9.83 20.19 -8.89
N SER A 122 9.44 20.45 -10.12
CA SER A 122 8.02 20.44 -10.42
C SER A 122 7.55 19.01 -10.66
N ARG A 123 6.23 18.83 -10.66
CA ARG A 123 5.68 17.50 -10.90
C ARG A 123 5.87 17.08 -12.35
N GLU A 124 5.85 18.04 -13.27
CA GLU A 124 6.09 17.72 -14.68
C GLU A 124 7.56 17.45 -14.95
N GLU A 125 8.46 18.12 -14.22
CA GLU A 125 9.88 17.82 -14.37
C GLU A 125 10.18 16.44 -13.81
N GLU A 126 9.59 16.10 -12.67
CA GLU A 126 9.85 14.80 -12.05
C GLU A 126 9.26 13.68 -12.89
N LEU A 127 8.15 13.96 -13.57
CA LEU A 127 7.55 12.97 -14.46
C LEU A 127 8.41 12.78 -15.70
N LEU A 128 8.94 13.86 -16.27
CA LEU A 128 9.80 13.72 -17.46
C LEU A 128 11.11 13.02 -17.11
N ARG A 129 11.67 13.29 -15.93
CA ARG A 129 12.88 12.59 -15.53
C ARG A 129 12.59 11.14 -15.17
N GLU A 130 11.37 10.87 -14.74
CA GLU A 130 10.98 9.51 -14.49
C GLU A 130 10.93 8.79 -15.83
N ARG A 131 10.45 9.48 -16.85
CA ARG A 131 10.34 8.89 -18.19
C ARG A 131 11.67 8.52 -18.82
N LYS A 132 12.67 9.37 -18.70
CA LYS A 132 13.97 9.09 -19.29
C LYS A 132 14.84 8.35 -18.30
N ARG A 133 14.33 8.17 -17.09
CA ARG A 133 15.11 7.49 -16.05
C ARG A 133 16.46 8.16 -15.81
N LEU A 134 16.50 9.48 -15.85
CA LEU A 134 17.75 10.21 -15.67
C LEU A 134 17.87 10.61 -14.21
N GLY A 135 18.67 9.86 -13.46
CA GLY A 135 18.79 10.00 -12.03
C GLY A 135 19.73 11.07 -11.52
N VAL A 136 20.55 11.66 -12.37
CA VAL A 136 21.55 12.59 -11.88
C VAL A 136 20.99 14.00 -11.89
N PHE A 137 21.57 14.84 -11.05
CA PHE A 137 21.04 16.15 -10.75
C PHE A 137 21.84 17.24 -11.46
N GLY A 138 21.18 18.37 -11.69
CA GLY A 138 21.80 19.54 -12.27
C GLY A 138 21.19 19.86 -13.62
N ILE A 139 22.02 20.31 -14.54
CA ILE A 139 21.54 20.51 -15.89
C ILE A 139 21.35 19.15 -16.55
N THR A 140 20.09 18.83 -16.79
CA THR A 140 19.73 17.53 -17.34
C THR A 140 20.21 17.38 -18.77
N SER A 141 19.92 18.37 -19.60
CA SER A 141 20.24 18.34 -21.02
C SER A 141 20.10 19.75 -21.54
N TYR A 142 20.83 20.03 -22.61
CA TYR A 142 20.90 21.36 -23.17
C TYR A 142 20.67 21.30 -24.67
N ASP A 143 20.43 22.46 -25.25
CA ASP A 143 20.23 22.57 -26.68
C ASP A 143 21.30 23.52 -27.17
N PHE A 144 21.76 23.28 -28.39
CA PHE A 144 22.87 24.02 -28.95
C PHE A 144 22.62 24.41 -30.39
N HIS A 145 23.06 25.61 -30.73
CA HIS A 145 23.00 26.13 -32.09
C HIS A 145 24.40 26.53 -32.49
N SER A 146 24.93 25.88 -33.53
CA SER A 146 26.34 25.95 -33.86
C SER A 146 26.76 27.35 -34.31
N GLU A 147 26.00 27.93 -35.24
CA GLU A 147 26.41 29.17 -35.91
C GLU A 147 26.48 30.33 -34.93
N SER A 148 25.41 30.56 -34.18
CA SER A 148 25.46 31.56 -33.12
C SER A 148 26.27 31.11 -31.92
N GLY A 149 26.51 29.80 -31.79
CA GLY A 149 27.22 29.29 -30.62
C GLY A 149 26.39 29.40 -29.36
N LEU A 150 25.09 29.16 -29.48
CA LEU A 150 24.13 29.36 -28.40
C LEU A 150 23.85 28.09 -27.62
N PHE A 151 23.93 28.21 -26.30
CA PHE A 151 23.66 27.11 -25.38
C PHE A 151 22.42 27.54 -24.62
N LEU A 152 21.28 27.02 -25.01
CA LEU A 152 20.03 27.31 -24.32
C LEU A 152 19.72 26.08 -23.49
N PHE A 153 19.61 26.25 -22.18
CA PHE A 153 19.36 25.09 -21.35
C PHE A 153 18.36 25.40 -20.24
N GLN A 154 17.90 24.34 -19.58
CA GLN A 154 16.97 24.48 -18.48
C GLN A 154 17.68 24.15 -17.17
N ALA A 155 18.04 25.17 -16.42
CA ALA A 155 18.75 24.99 -15.15
C ALA A 155 18.00 25.62 -13.99
N SER A 156 17.82 24.85 -12.92
CA SER A 156 17.13 25.30 -11.71
C SER A 156 15.73 25.85 -11.96
N ASN A 157 15.45 27.01 -11.40
CA ASN A 157 14.14 27.65 -11.53
C ASN A 157 13.72 28.10 -12.93
N SER A 158 14.64 28.68 -13.70
CA SER A 158 14.27 29.15 -15.03
C SER A 158 15.34 29.00 -16.13
N LEU A 159 14.87 28.91 -17.37
CA LEU A 159 15.71 28.80 -18.55
C LEU A 159 16.88 29.78 -18.54
N PHE A 160 17.99 29.34 -19.14
CA PHE A 160 19.23 30.09 -19.20
C PHE A 160 19.80 29.91 -20.58
N HIS A 161 20.75 30.77 -20.91
CA HIS A 161 21.44 30.65 -22.19
C HIS A 161 22.80 31.32 -22.04
N CYS A 162 23.66 31.02 -23.00
CA CYS A 162 25.00 31.57 -23.07
C CYS A 162 25.53 31.30 -24.47
N ARG A 163 26.68 31.88 -24.78
CA ARG A 163 27.28 31.64 -26.09
C ARG A 163 28.78 31.58 -25.98
N ASP A 164 29.36 30.85 -26.92
CA ASP A 164 30.80 30.66 -26.90
C ASP A 164 31.27 30.37 -28.33
N GLY A 165 31.81 31.38 -28.98
CA GLY A 165 32.44 31.22 -30.27
C GLY A 165 31.47 31.07 -31.43
N GLY A 166 30.61 32.07 -31.61
CA GLY A 166 29.82 32.16 -32.82
C GLY A 166 30.32 33.28 -33.71
N LYS A 167 29.58 34.39 -33.74
CA LYS A 167 30.16 35.63 -34.21
C LYS A 167 31.07 36.25 -33.16
N ASN A 168 30.88 35.89 -31.90
CA ASN A 168 31.80 36.26 -30.83
C ASN A 168 32.89 35.20 -30.75
N GLY A 169 33.67 35.21 -29.67
CA GLY A 169 34.85 34.39 -29.57
C GLY A 169 34.81 33.35 -28.46
N PHE A 170 35.86 32.54 -28.45
CA PHE A 170 35.99 31.43 -27.51
C PHE A 170 36.57 31.96 -26.22
N MET A 171 35.78 31.91 -25.16
CA MET A 171 36.23 32.37 -23.86
C MET A 171 37.26 31.39 -23.28
N VAL A 172 38.01 31.88 -22.30
CA VAL A 172 38.95 31.05 -21.57
C VAL A 172 38.57 30.91 -20.10
N SER A 173 38.03 31.96 -19.50
CA SER A 173 37.44 31.82 -18.19
C SER A 173 35.99 31.35 -18.31
N PRO A 174 35.45 30.73 -17.26
CA PRO A 174 34.01 30.46 -17.26
C PRO A 174 33.21 31.75 -17.16
N MET A 175 32.06 31.76 -17.80
CA MET A 175 31.21 32.94 -17.84
C MET A 175 29.99 32.74 -16.96
N LYS A 176 29.10 33.73 -17.00
CA LYS A 176 27.83 33.70 -16.29
C LYS A 176 26.72 33.24 -17.22
N PRO A 177 25.77 32.46 -16.71
CA PRO A 177 24.64 32.07 -17.55
C PRO A 177 23.54 33.12 -17.53
N LEU A 178 23.16 33.64 -18.69
CA LEU A 178 22.14 34.67 -18.74
C LEU A 178 20.78 34.03 -18.53
N GLU A 179 20.00 34.60 -17.62
CA GLU A 179 18.70 34.07 -17.29
C GLU A 179 17.67 34.57 -18.30
N ILE A 180 16.64 33.78 -18.52
CA ILE A 180 15.56 34.18 -19.40
C ILE A 180 14.39 34.57 -18.52
N LYS A 181 14.09 35.85 -18.47
CA LYS A 181 12.99 36.29 -17.64
C LYS A 181 11.67 36.00 -18.33
N THR A 182 10.62 35.91 -17.51
CA THR A 182 9.32 35.58 -18.05
C THR A 182 8.24 36.27 -17.23
N GLN A 183 7.12 36.53 -17.89
CA GLN A 183 5.89 36.85 -17.18
C GLN A 183 5.04 35.63 -16.93
N CYS A 184 5.37 34.50 -17.55
CA CYS A 184 4.58 33.29 -17.43
C CYS A 184 4.82 32.61 -16.09
N SER A 185 3.82 31.85 -15.66
CA SER A 185 3.93 31.06 -14.44
C SER A 185 4.16 29.61 -14.79
N GLY A 186 4.54 28.83 -13.78
CA GLY A 186 4.84 27.44 -13.99
C GLY A 186 6.21 27.23 -14.58
N PRO A 187 6.59 25.97 -14.78
CA PRO A 187 7.87 25.69 -15.43
C PRO A 187 7.78 25.85 -16.92
N ARG A 188 8.92 26.12 -17.52
CA ARG A 188 9.04 26.23 -18.98
C ARG A 188 9.77 24.98 -19.45
N MET A 189 9.01 23.99 -19.89
CA MET A 189 9.58 22.71 -20.28
C MET A 189 9.87 22.71 -21.78
N ASP A 190 10.76 21.81 -22.18
CA ASP A 190 11.12 21.47 -23.56
C ASP A 190 11.55 22.69 -24.39
N PRO A 191 12.68 23.34 -24.10
CA PRO A 191 13.07 24.49 -24.92
C PRO A 191 13.97 24.11 -26.08
N LYS A 192 13.75 24.80 -27.22
CA LYS A 192 14.49 24.56 -28.45
C LYS A 192 14.77 25.87 -29.18
N ILE A 193 15.99 26.00 -29.74
CA ILE A 193 16.35 27.17 -30.55
C ILE A 193 15.80 26.98 -31.95
N CYS A 194 15.23 28.03 -32.52
CA CYS A 194 14.90 28.01 -33.95
C CYS A 194 16.19 27.98 -34.76
N PRO A 195 16.37 27.01 -35.66
CA PRO A 195 17.62 26.95 -36.43
C PRO A 195 17.75 28.06 -37.46
N ALA A 196 16.65 28.45 -38.09
CA ALA A 196 16.71 29.51 -39.10
C ALA A 196 17.01 30.86 -38.46
N ASP A 197 16.53 31.10 -37.24
CA ASP A 197 16.86 32.33 -36.54
C ASP A 197 17.24 32.02 -35.10
N PRO A 198 18.52 32.14 -34.74
CA PRO A 198 18.95 31.76 -33.39
C PRO A 198 18.48 32.67 -32.28
N ALA A 199 17.99 33.86 -32.60
CA ALA A 199 17.46 34.73 -31.56
C ALA A 199 16.15 34.20 -31.00
N PHE A 200 15.39 33.47 -31.81
CA PHE A 200 14.09 32.95 -31.39
C PHE A 200 14.22 31.56 -30.82
N PHE A 201 13.40 31.28 -29.82
CA PHE A 201 13.36 29.93 -29.28
C PHE A 201 11.93 29.61 -28.89
N SER A 202 11.71 28.40 -28.41
CA SER A 202 10.37 27.98 -28.11
C SER A 202 10.38 26.97 -26.98
N PHE A 203 9.25 26.88 -26.30
CA PHE A 203 9.13 25.96 -25.19
C PHE A 203 7.66 25.64 -25.01
N ILE A 204 7.38 24.63 -24.21
CA ILE A 204 6.04 24.31 -23.79
C ILE A 204 5.83 24.92 -22.42
N ASN A 205 4.71 25.60 -22.23
CA ASN A 205 4.30 26.01 -20.89
C ASN A 205 2.81 25.76 -20.77
N ASN A 206 2.43 25.11 -19.67
CA ASN A 206 1.06 24.75 -19.34
C ASN A 206 0.40 23.98 -20.47
N SER A 207 1.19 23.07 -21.07
CA SER A 207 0.81 22.24 -22.21
C SER A 207 0.30 23.07 -23.40
N ASP A 208 0.93 24.22 -23.63
CA ASP A 208 0.74 24.97 -24.87
C ASP A 208 2.07 25.57 -25.30
N LEU A 209 2.21 25.73 -26.61
CA LEU A 209 3.50 26.10 -27.19
C LEU A 209 3.70 27.61 -27.13
N TRP A 210 4.80 28.03 -26.53
CA TRP A 210 5.18 29.42 -26.50
C TRP A 210 6.46 29.59 -27.30
N VAL A 211 6.80 30.84 -27.61
CA VAL A 211 8.02 31.21 -28.33
C VAL A 211 8.44 32.56 -27.80
N ALA A 212 9.74 32.75 -27.74
CA ALA A 212 10.29 33.95 -27.14
C ALA A 212 11.48 34.40 -27.97
N ASN A 213 12.14 35.42 -27.46
CA ASN A 213 13.34 35.96 -28.07
C ASN A 213 14.24 36.36 -26.92
N ILE A 214 15.50 35.91 -26.99
CA ILE A 214 16.42 36.03 -25.87
C ILE A 214 16.83 37.48 -25.62
N GLU A 215 17.09 38.26 -26.67
CA GLU A 215 17.69 39.58 -26.42
C GLU A 215 16.65 40.61 -25.99
N THR A 216 15.47 40.60 -26.61
CA THR A 216 14.46 41.60 -26.27
C THR A 216 13.52 41.15 -25.16
N GLY A 217 13.46 39.85 -24.87
CA GLY A 217 12.54 39.37 -23.86
C GLY A 217 11.11 39.17 -24.34
N GLU A 218 10.83 39.41 -25.61
CA GLU A 218 9.47 39.34 -26.12
C GLU A 218 9.02 37.90 -26.22
N GLU A 219 7.89 37.59 -25.60
CA GLU A 219 7.26 36.28 -25.66
C GLU A 219 5.97 36.32 -26.45
N ARG A 220 5.46 35.13 -26.74
CA ARG A 220 4.23 34.95 -27.48
C ARG A 220 3.71 33.53 -27.34
N ARG A 221 2.50 33.36 -26.85
CA ARG A 221 1.82 32.09 -26.93
C ARG A 221 1.35 31.87 -28.36
N LEU A 222 1.34 30.62 -28.80
CA LEU A 222 0.85 30.31 -30.14
C LEU A 222 -0.33 29.38 -30.18
N THR A 223 -0.48 28.49 -29.21
CA THR A 223 -1.56 27.55 -29.20
C THR A 223 -2.50 27.84 -28.04
N PHE A 224 -3.77 27.55 -28.26
CA PHE A 224 -4.81 27.79 -27.26
C PHE A 224 -5.70 26.57 -27.16
N CYS A 225 -5.09 25.39 -27.16
CA CYS A 225 -5.84 24.17 -26.90
C CYS A 225 -6.01 23.92 -25.41
N HIS A 226 -5.26 24.63 -24.58
CA HIS A 226 -5.34 24.50 -23.14
C HIS A 226 -5.78 25.84 -22.55
N GLN A 227 -6.46 25.79 -21.41
CA GLN A 227 -6.97 26.99 -20.77
C GLN A 227 -6.62 27.08 -19.30
N GLY A 228 -6.27 25.97 -18.66
CA GLY A 228 -6.00 25.97 -17.23
C GLY A 228 -7.23 26.29 -16.41
N LEU A 229 -8.40 25.81 -16.84
CA LEU A 229 -9.63 26.12 -16.15
C LEU A 229 -9.78 25.30 -14.87
N SER A 230 -9.38 24.04 -14.91
CA SER A 230 -9.50 23.14 -13.78
C SER A 230 -8.37 22.11 -13.89
N ASN A 231 -8.54 20.99 -13.21
CA ASN A 231 -7.65 19.86 -13.32
C ASN A 231 -7.68 19.22 -14.71
N VAL A 232 -6.77 18.26 -14.89
CA VAL A 232 -6.62 17.60 -16.19
C VAL A 232 -7.76 16.64 -16.49
N LEU A 233 -8.66 16.41 -15.54
CA LEU A 233 -9.89 15.69 -15.88
C LEU A 233 -10.84 16.58 -16.67
N ASP A 234 -10.68 17.89 -16.59
CA ASP A 234 -11.60 18.80 -17.25
C ASP A 234 -10.97 19.67 -18.32
N ASP A 235 -9.64 19.75 -18.38
CA ASP A 235 -8.95 20.54 -19.40
C ASP A 235 -8.13 19.59 -20.27
N PRO A 236 -8.77 18.94 -21.26
CA PRO A 236 -8.19 17.72 -21.84
C PRO A 236 -7.30 17.90 -23.05
N LYS A 237 -7.28 19.06 -23.70
CA LYS A 237 -6.50 19.21 -24.91
C LYS A 237 -5.17 19.89 -24.64
N SER A 238 -4.11 19.28 -25.13
CA SER A 238 -2.75 19.75 -24.95
C SER A 238 -2.16 19.90 -26.34
N ALA A 239 -1.04 20.61 -26.44
CA ALA A 239 -0.47 20.82 -27.77
C ALA A 239 1.02 21.02 -27.68
N GLY A 240 1.75 20.30 -28.52
CA GLY A 240 3.19 20.36 -28.52
C GLY A 240 3.87 19.58 -27.43
N VAL A 241 3.13 18.79 -26.67
CA VAL A 241 3.71 18.00 -25.59
C VAL A 241 3.55 16.54 -25.99
N ALA A 242 4.50 15.72 -25.56
CA ALA A 242 4.41 14.29 -25.76
C ALA A 242 3.60 13.69 -24.64
N THR A 243 2.60 12.89 -25.00
CA THR A 243 1.71 12.28 -24.02
C THR A 243 2.44 11.17 -23.26
N PHE A 244 1.72 10.52 -22.35
CA PHE A 244 2.29 9.49 -21.49
C PHE A 244 2.82 8.32 -22.29
N VAL A 245 1.95 7.68 -23.08
CA VAL A 245 2.29 6.46 -23.79
C VAL A 245 3.37 6.71 -24.82
N ILE A 246 3.41 7.92 -25.38
CA ILE A 246 4.47 8.27 -26.31
C ILE A 246 5.78 8.46 -25.56
N GLN A 247 5.72 9.11 -24.40
CA GLN A 247 6.91 9.34 -23.58
C GLN A 247 7.51 8.05 -23.06
N GLU A 248 6.67 7.10 -22.68
CA GLU A 248 7.14 5.94 -21.97
C GLU A 248 7.23 4.68 -22.82
N GLU A 249 6.69 4.69 -24.03
CA GLU A 249 6.85 3.55 -24.93
C GLU A 249 7.42 3.84 -26.29
N PHE A 250 7.29 5.04 -26.83
CA PHE A 250 7.84 5.37 -28.12
C PHE A 250 9.02 6.31 -28.05
N ASP A 251 9.46 6.67 -26.84
CA ASP A 251 10.68 7.41 -26.56
C ASP A 251 10.73 8.78 -27.22
N ARG A 252 9.60 9.31 -27.65
CA ARG A 252 9.53 10.68 -28.15
C ARG A 252 9.11 11.57 -27.00
N PHE A 253 9.88 12.63 -26.73
CA PHE A 253 9.61 13.48 -25.60
C PHE A 253 9.22 14.88 -26.02
N THR A 254 9.19 15.16 -27.31
CA THR A 254 8.78 16.45 -27.82
C THR A 254 7.60 16.23 -28.75
N GLY A 255 6.79 17.27 -28.90
CA GLY A 255 5.69 17.18 -29.83
C GLY A 255 5.69 18.35 -30.77
N TYR A 256 6.83 19.06 -30.82
CA TYR A 256 6.99 20.16 -31.74
C TYR A 256 8.39 20.15 -32.33
N TRP A 257 8.46 20.55 -33.59
CA TRP A 257 9.65 20.51 -34.40
C TRP A 257 9.74 21.82 -35.18
N TRP A 258 10.79 22.58 -34.95
CA TRP A 258 11.03 23.80 -35.69
C TRP A 258 11.27 23.51 -37.15
N CYS A 259 10.82 24.40 -38.02
CA CYS A 259 11.25 24.31 -39.40
C CYS A 259 12.70 24.78 -39.49
N PRO A 260 13.59 24.01 -40.10
CA PRO A 260 15.01 24.36 -40.08
C PRO A 260 15.39 25.45 -41.04
N THR A 261 14.48 25.84 -41.94
CA THR A 261 14.74 26.90 -42.89
C THR A 261 13.62 27.93 -42.79
N ALA A 262 13.90 29.11 -43.31
CA ALA A 262 12.97 30.23 -43.26
C ALA A 262 12.46 30.51 -44.66
N SER A 263 11.15 30.65 -44.79
CA SER A 263 10.53 31.09 -46.02
C SER A 263 10.15 32.56 -45.88
N TRP A 264 9.95 33.22 -47.00
CA TRP A 264 9.64 34.64 -47.02
C TRP A 264 8.26 34.85 -47.60
N GLU A 265 7.34 35.38 -46.78
CA GLU A 265 5.97 35.60 -47.20
C GLU A 265 5.87 36.68 -48.26
N GLY A 266 6.83 37.60 -48.31
CA GLY A 266 6.88 38.61 -49.34
C GLY A 266 5.80 39.67 -49.24
N SER A 267 5.28 39.95 -48.05
CA SER A 267 4.44 41.13 -47.90
C SER A 267 5.31 42.36 -48.03
N GLU A 268 6.19 42.59 -47.06
CA GLU A 268 7.25 43.55 -47.32
C GLU A 268 8.65 43.00 -47.10
N GLY A 269 8.94 42.42 -45.94
CA GLY A 269 10.22 41.82 -45.66
C GLY A 269 10.14 40.67 -44.67
N LEU A 270 8.92 40.22 -44.38
CA LEU A 270 8.67 39.42 -43.19
C LEU A 270 9.15 37.99 -43.38
N LYS A 271 9.87 37.48 -42.39
CA LYS A 271 10.45 36.15 -42.42
C LYS A 271 9.55 35.21 -41.64
N THR A 272 8.93 34.27 -42.34
CA THR A 272 8.08 33.29 -41.68
C THR A 272 8.93 32.19 -41.06
N LEU A 273 8.39 31.60 -39.99
CA LEU A 273 9.06 30.53 -39.24
C LEU A 273 8.01 29.52 -38.82
N ARG A 274 8.01 28.36 -39.44
CA ARG A 274 6.98 27.38 -39.10
C ARG A 274 7.44 26.54 -37.92
N ILE A 275 6.46 25.93 -37.26
CA ILE A 275 6.68 24.89 -36.27
C ILE A 275 5.61 23.85 -36.48
N LEU A 276 6.04 22.60 -36.59
CA LEU A 276 5.11 21.48 -36.60
C LEU A 276 4.84 21.11 -35.15
N TYR A 277 3.57 20.94 -34.81
CA TYR A 277 3.25 20.54 -33.46
C TYR A 277 2.14 19.49 -33.50
N GLU A 278 1.99 18.83 -32.38
CA GLU A 278 1.02 17.77 -32.19
C GLU A 278 -0.12 18.24 -31.32
N GLU A 279 -1.31 18.32 -31.88
CA GLU A 279 -2.51 18.53 -31.10
C GLU A 279 -2.93 17.19 -30.53
N VAL A 280 -3.34 17.19 -29.27
CA VAL A 280 -3.74 15.97 -28.57
C VAL A 280 -5.04 16.26 -27.84
N ASP A 281 -6.05 15.44 -28.10
CA ASP A 281 -7.35 15.51 -27.45
C ASP A 281 -7.50 14.33 -26.49
N GLU A 282 -7.05 14.51 -25.26
CA GLU A 282 -7.08 13.43 -24.28
C GLU A 282 -8.37 13.41 -23.49
N SER A 283 -9.52 13.56 -24.14
CA SER A 283 -10.77 13.55 -23.39
C SER A 283 -11.27 12.13 -23.10
N GLU A 284 -11.14 11.22 -24.06
CA GLU A 284 -11.73 9.89 -23.93
C GLU A 284 -10.85 8.90 -23.23
N VAL A 285 -9.59 9.21 -23.04
CA VAL A 285 -8.62 8.33 -22.41
C VAL A 285 -8.91 8.27 -20.91
N GLU A 286 -8.84 7.06 -20.35
CA GLU A 286 -9.22 6.83 -18.96
C GLU A 286 -8.32 7.56 -18.00
N VAL A 287 -8.91 8.00 -16.89
CA VAL A 287 -8.19 8.76 -15.87
C VAL A 287 -7.95 7.85 -14.68
N ILE A 288 -6.73 7.87 -14.16
CA ILE A 288 -6.37 7.08 -12.99
C ILE A 288 -5.79 8.04 -11.97
N HIS A 289 -6.05 7.78 -10.70
CA HIS A 289 -5.51 8.60 -9.64
C HIS A 289 -4.30 7.91 -9.02
N VAL A 290 -3.20 8.65 -8.90
CA VAL A 290 -1.99 8.12 -8.28
C VAL A 290 -1.61 9.05 -7.14
N PRO A 291 -1.24 8.52 -5.97
CA PRO A 291 -0.82 9.34 -4.83
C PRO A 291 0.29 10.34 -5.13
N SER A 292 0.14 11.54 -4.59
CA SER A 292 1.13 12.58 -4.78
C SER A 292 2.38 12.30 -3.94
N PRO A 293 3.53 12.87 -4.33
CA PRO A 293 4.72 12.77 -3.48
C PRO A 293 4.56 13.37 -2.11
N ALA A 294 3.69 14.35 -1.93
CA ALA A 294 3.42 14.93 -0.62
C ALA A 294 2.40 14.03 0.05
N LEU A 295 2.90 13.05 0.83
CA LEU A 295 2.03 12.09 1.48
C LEU A 295 1.13 12.74 2.52
N GLU A 296 1.63 13.81 3.15
CA GLU A 296 0.87 14.53 4.16
C GLU A 296 -0.43 15.09 3.60
N GLU A 297 -0.39 15.61 2.37
CA GLU A 297 -1.57 16.20 1.76
C GLU A 297 -2.63 15.16 1.46
N ARG A 298 -2.21 13.90 1.29
CA ARG A 298 -3.06 12.73 1.09
C ARG A 298 -4.01 12.89 -0.08
N LYS A 299 -3.59 13.61 -1.10
CA LYS A 299 -4.36 13.78 -2.31
C LYS A 299 -3.68 13.03 -3.45
N THR A 300 -4.40 12.86 -4.54
CA THR A 300 -3.84 12.19 -5.68
C THR A 300 -3.61 13.18 -6.81
N ASP A 301 -3.05 12.67 -7.90
CA ASP A 301 -3.00 13.36 -9.17
C ASP A 301 -3.72 12.53 -10.21
N SER A 302 -4.56 13.17 -11.00
CA SER A 302 -5.16 12.52 -12.14
C SER A 302 -4.13 12.31 -13.22
N TYR A 303 -4.23 11.19 -13.92
CA TYR A 303 -3.31 10.85 -14.98
C TYR A 303 -4.12 10.27 -16.12
N ARG A 304 -3.99 10.85 -17.30
CA ARG A 304 -4.65 10.31 -18.48
C ARG A 304 -3.87 9.08 -18.93
N TYR A 305 -4.26 7.91 -18.43
CA TYR A 305 -3.56 6.66 -18.67
C TYR A 305 -4.40 5.67 -19.47
N PRO A 306 -4.13 5.47 -20.76
CA PRO A 306 -4.96 4.57 -21.58
C PRO A 306 -4.59 3.10 -21.36
N ARG A 307 -5.52 2.32 -20.82
CA ARG A 307 -5.36 0.88 -20.73
C ARG A 307 -5.48 0.23 -22.11
N THR A 308 -5.11 -1.05 -22.16
CA THR A 308 -5.29 -1.86 -23.36
C THR A 308 -6.74 -1.87 -23.79
N GLY A 309 -6.96 -1.72 -25.10
CA GLY A 309 -8.31 -1.69 -25.62
C GLY A 309 -9.03 -0.38 -25.45
N SER A 310 -8.66 0.42 -24.45
CA SER A 310 -9.28 1.72 -24.26
C SER A 310 -8.81 2.68 -25.35
N LYS A 311 -9.44 3.84 -25.39
CA LYS A 311 -9.13 4.78 -26.44
C LYS A 311 -7.81 5.45 -26.16
N ASN A 312 -6.97 5.52 -27.17
CA ASN A 312 -5.77 6.32 -27.10
C ASN A 312 -6.16 7.77 -27.34
N PRO A 313 -5.26 8.71 -27.04
CA PRO A 313 -5.58 10.10 -27.34
C PRO A 313 -5.75 10.34 -28.83
N LYS A 314 -6.64 11.26 -29.17
CA LYS A 314 -6.94 11.57 -30.56
C LYS A 314 -5.94 12.60 -31.04
N ILE A 315 -5.08 12.21 -31.96
CA ILE A 315 -3.91 12.97 -32.27
C ILE A 315 -4.21 13.73 -33.56
N ALA A 316 -3.37 14.71 -33.90
CA ALA A 316 -3.41 15.48 -35.14
C ALA A 316 -2.14 16.31 -35.20
N LEU A 317 -1.68 16.56 -36.42
CA LEU A 317 -0.55 17.44 -36.68
C LEU A 317 -1.04 18.80 -37.14
N LYS A 318 -0.29 19.82 -36.78
CA LYS A 318 -0.72 21.20 -36.96
C LYS A 318 0.52 22.05 -37.16
N LEU A 319 0.39 23.09 -37.96
CA LEU A 319 1.46 24.04 -38.24
C LEU A 319 1.26 25.34 -37.48
N ALA A 320 2.19 25.68 -36.61
CA ALA A 320 2.14 26.98 -35.96
C ALA A 320 3.18 27.89 -36.59
N GLU A 321 2.71 28.84 -37.40
CA GLU A 321 3.60 29.79 -38.05
C GLU A 321 3.57 31.09 -37.30
N PHE A 322 4.56 31.92 -37.58
CA PHE A 322 4.55 33.31 -37.13
C PHE A 322 5.54 34.06 -37.98
N GLN A 323 5.34 35.36 -38.07
CA GLN A 323 6.11 36.22 -38.95
C GLN A 323 6.72 37.34 -38.14
N THR A 324 7.99 37.60 -38.38
CA THR A 324 8.76 38.56 -37.61
C THR A 324 9.31 39.66 -38.50
N ASP A 325 9.50 40.83 -37.91
CA ASP A 325 10.12 41.96 -38.58
C ASP A 325 11.64 41.77 -38.66
N SER A 326 12.32 42.79 -39.20
CA SER A 326 13.77 42.79 -39.19
C SER A 326 14.33 42.89 -37.78
N GLN A 327 13.68 43.67 -36.92
CA GLN A 327 14.21 43.91 -35.58
C GLN A 327 13.94 42.77 -34.62
N GLY A 328 13.16 41.78 -35.01
CA GLY A 328 12.99 40.62 -34.16
C GLY A 328 11.85 40.81 -33.21
N LYS A 329 10.67 41.10 -33.75
CA LYS A 329 9.44 41.21 -32.98
C LYS A 329 8.41 40.35 -33.66
N ILE A 330 7.58 39.66 -32.87
CA ILE A 330 6.61 38.75 -33.44
C ILE A 330 5.48 39.58 -34.04
N VAL A 331 5.57 39.86 -35.33
CA VAL A 331 4.57 40.70 -36.00
C VAL A 331 3.24 39.96 -36.10
N SER A 332 3.24 38.82 -36.80
CA SER A 332 2.02 38.05 -36.94
C SER A 332 2.22 36.66 -36.34
N THR A 333 1.11 35.97 -36.12
CA THR A 333 1.12 34.59 -35.65
C THR A 333 -0.04 33.91 -36.36
N GLN A 334 -0.05 32.57 -36.39
CA GLN A 334 -1.10 31.84 -37.10
C GLN A 334 -1.08 30.35 -36.81
N GLU A 335 -2.18 29.83 -36.26
CA GLU A 335 -2.39 28.40 -36.17
C GLU A 335 -2.86 27.88 -37.52
N LYS A 336 -2.34 26.72 -37.91
CA LYS A 336 -2.76 26.07 -39.13
C LYS A 336 -3.06 24.60 -38.90
N GLU A 337 -3.94 24.07 -39.74
CA GLU A 337 -4.43 22.71 -39.63
C GLU A 337 -4.60 22.17 -41.04
N LEU A 338 -4.61 20.85 -41.16
CA LEU A 338 -4.69 20.20 -42.45
C LEU A 338 -6.04 20.46 -43.12
N VAL A 339 -6.07 20.37 -44.45
CA VAL A 339 -7.28 20.74 -45.21
C VAL A 339 -8.44 19.79 -44.92
N GLN A 340 -8.16 18.53 -44.74
CA GLN A 340 -9.14 17.63 -44.19
C GLN A 340 -8.68 17.25 -42.79
N PRO A 341 -9.58 16.73 -41.94
CA PRO A 341 -9.15 16.26 -40.62
C PRO A 341 -8.10 15.17 -40.74
N PHE A 342 -7.22 15.13 -39.74
CA PHE A 342 -6.10 14.19 -39.75
C PHE A 342 -6.60 12.77 -39.69
N SER A 343 -7.56 12.50 -38.81
CA SER A 343 -8.16 11.17 -38.66
C SER A 343 -8.84 10.70 -39.94
N SER A 344 -9.34 11.62 -40.76
CA SER A 344 -10.02 11.26 -41.99
C SER A 344 -9.07 11.15 -43.18
N LEU A 345 -8.10 12.04 -43.27
CA LEU A 345 -7.06 11.94 -44.27
C LEU A 345 -6.16 10.74 -44.06
N PHE A 346 -5.96 10.32 -42.81
CA PHE A 346 -5.09 9.21 -42.46
C PHE A 346 -5.81 8.29 -41.49
N PRO A 347 -6.68 7.42 -41.99
CA PRO A 347 -7.24 6.38 -41.12
C PRO A 347 -6.17 5.39 -40.69
N LYS A 348 -6.49 4.63 -39.64
CA LYS A 348 -5.63 3.63 -39.00
C LYS A 348 -4.35 4.23 -38.43
N VAL A 349 -4.31 5.53 -38.19
CA VAL A 349 -3.14 6.18 -37.63
C VAL A 349 -3.43 6.46 -36.17
N GLU A 350 -2.84 5.64 -35.30
CA GLU A 350 -3.07 5.76 -33.87
C GLU A 350 -1.99 6.55 -33.16
N TYR A 351 -0.73 6.38 -33.56
CA TYR A 351 0.35 7.09 -32.88
C TYR A 351 1.25 7.74 -33.90
N ILE A 352 1.67 8.96 -33.61
CA ILE A 352 2.74 9.60 -34.35
C ILE A 352 4.01 9.25 -33.59
N ALA A 353 4.71 8.22 -34.08
CA ALA A 353 5.96 7.81 -33.46
C ALA A 353 7.00 8.92 -33.46
N ARG A 354 7.32 9.45 -34.63
CA ARG A 354 8.35 10.47 -34.76
C ARG A 354 7.88 11.46 -35.83
N ALA A 355 8.55 12.60 -35.91
CA ALA A 355 8.26 13.60 -36.92
C ALA A 355 9.42 14.57 -36.99
N GLY A 356 9.44 15.35 -38.06
CA GLY A 356 10.43 16.38 -38.24
C GLY A 356 10.27 17.06 -39.58
N TRP A 357 11.37 17.53 -40.15
CA TRP A 357 11.30 18.22 -41.42
C TRP A 357 12.46 17.75 -42.29
N THR A 358 12.26 17.87 -43.61
CA THR A 358 13.38 17.71 -44.51
C THR A 358 14.35 18.87 -44.33
N ARG A 359 15.61 18.62 -44.65
CA ARG A 359 16.68 19.58 -44.33
C ARG A 359 16.52 20.89 -45.08
N ASP A 360 16.11 20.81 -46.34
CA ASP A 360 15.84 22.01 -47.13
C ASP A 360 14.60 22.75 -46.66
N GLY A 361 13.75 22.10 -45.89
CA GLY A 361 12.58 22.76 -45.36
C GLY A 361 11.34 22.58 -46.20
N LYS A 362 11.46 21.87 -47.31
CA LYS A 362 10.36 21.80 -48.28
C LYS A 362 9.16 21.07 -47.72
N TYR A 363 9.37 19.91 -47.08
CA TYR A 363 8.30 19.05 -46.59
C TYR A 363 8.50 18.76 -45.12
N ALA A 364 7.41 18.62 -44.38
CA ALA A 364 7.47 18.16 -43.00
C ALA A 364 7.11 16.69 -42.92
N TRP A 365 8.05 15.86 -42.52
CA TRP A 365 7.80 14.43 -42.47
C TRP A 365 7.27 14.01 -41.11
N ALA A 366 6.66 12.83 -41.08
CA ALA A 366 6.11 12.24 -39.86
C ALA A 366 5.98 10.74 -40.07
N MET A 367 6.39 9.99 -39.07
CA MET A 367 6.21 8.55 -39.00
C MET A 367 4.90 8.23 -38.28
N PHE A 368 3.94 7.67 -38.98
CA PHE A 368 2.72 7.26 -38.33
C PHE A 368 2.84 5.83 -37.88
N LEU A 369 1.98 5.40 -36.99
CA LEU A 369 2.05 4.03 -36.56
C LEU A 369 0.64 3.56 -36.28
N ASP A 370 0.38 2.29 -36.53
CA ASP A 370 -0.94 1.69 -36.35
C ASP A 370 -1.30 1.29 -34.93
N ARG A 371 -2.58 1.03 -34.67
CA ARG A 371 -3.04 0.63 -33.35
C ARG A 371 -2.38 -0.64 -32.91
N PRO A 372 -2.23 -1.61 -33.82
CA PRO A 372 -1.58 -2.89 -33.52
C PRO A 372 -0.09 -2.83 -33.73
N GLN A 373 0.42 -1.68 -34.12
CA GLN A 373 1.84 -1.49 -34.36
C GLN A 373 2.44 -2.48 -35.35
N GLN A 374 1.76 -2.66 -36.47
CA GLN A 374 2.23 -3.55 -37.51
C GLN A 374 2.25 -2.89 -38.88
N TRP A 375 1.95 -1.59 -38.95
CA TRP A 375 1.70 -0.89 -40.20
C TRP A 375 2.31 0.51 -40.15
N LEU A 376 3.59 0.58 -39.81
CA LEU A 376 4.27 1.87 -39.74
C LEU A 376 4.40 2.47 -41.12
N GLN A 377 4.15 3.76 -41.24
CA GLN A 377 4.45 4.34 -42.53
C GLN A 377 4.90 5.78 -42.42
N LEU A 378 5.97 6.09 -43.15
CA LEU A 378 6.53 7.41 -43.15
C LEU A 378 5.77 8.20 -44.21
N VAL A 379 5.43 9.45 -43.87
CA VAL A 379 4.67 10.34 -44.76
C VAL A 379 5.29 11.73 -44.72
N LEU A 380 5.30 12.42 -45.87
CA LEU A 380 5.68 13.82 -45.97
C LEU A 380 4.45 14.68 -46.18
N LEU A 381 4.34 15.73 -45.38
CA LEU A 381 3.26 16.71 -45.37
C LEU A 381 3.81 18.09 -45.74
N PRO A 382 3.66 18.52 -46.99
CA PRO A 382 4.14 19.85 -47.38
C PRO A 382 3.34 20.96 -46.72
N PRO A 383 4.02 22.00 -46.23
CA PRO A 383 3.36 23.12 -45.52
C PRO A 383 2.18 23.79 -46.22
N ALA A 384 2.11 23.74 -47.55
CA ALA A 384 0.93 24.27 -48.23
C ALA A 384 -0.32 23.42 -48.01
N LEU A 385 -0.18 22.16 -47.65
CA LEU A 385 -1.30 21.34 -47.22
C LEU A 385 -1.96 21.87 -45.94
N PHE A 386 -1.29 22.69 -45.14
CA PHE A 386 -1.89 23.22 -43.92
C PHE A 386 -2.51 24.59 -44.19
N ILE A 387 -3.84 24.64 -44.20
CA ILE A 387 -4.56 25.92 -44.24
C ILE A 387 -4.60 26.55 -42.86
N PRO A 388 -4.87 27.86 -42.74
CA PRO A 388 -5.21 28.43 -41.43
C PRO A 388 -6.46 27.83 -40.83
N SER A 389 -6.55 27.93 -39.51
CA SER A 389 -7.60 27.29 -38.74
C SER A 389 -8.47 28.35 -38.11
N THR A 390 -9.73 28.41 -38.54
CA THR A 390 -10.72 29.33 -37.98
C THR A 390 -12.05 28.62 -37.89
N GLU A 391 -12.91 29.16 -37.03
CA GLU A 391 -14.28 28.67 -36.89
C GLU A 391 -15.14 29.02 -38.10
N ASN A 392 -14.70 29.98 -38.92
CA ASN A 392 -15.46 30.41 -40.08
C ASN A 392 -15.34 29.36 -41.18
N GLU A 393 -16.42 28.61 -41.41
CA GLU A 393 -16.42 27.57 -42.43
C GLU A 393 -16.36 28.13 -43.84
N GLU A 394 -16.54 29.43 -44.01
CA GLU A 394 -16.39 29.94 -45.36
C GLU A 394 -14.95 30.32 -45.64
N GLN A 395 -14.23 30.90 -44.67
CA GLN A 395 -12.79 31.01 -44.80
C GLN A 395 -12.14 29.65 -44.99
N ARG A 396 -12.67 28.63 -44.31
CA ARG A 396 -12.13 27.28 -44.45
C ARG A 396 -12.32 26.75 -45.87
N LEU A 397 -13.55 26.86 -46.40
CA LEU A 397 -13.78 26.46 -47.78
C LEU A 397 -12.95 27.29 -48.75
N ALA A 398 -12.83 28.60 -48.47
CA ALA A 398 -12.06 29.56 -49.26
C ALA A 398 -10.63 29.09 -49.45
N SER A 399 -9.99 28.71 -48.35
CA SER A 399 -8.63 28.23 -48.49
C SER A 399 -8.54 26.77 -48.90
N ALA A 400 -9.63 25.98 -48.80
CA ALA A 400 -9.62 24.70 -49.47
C ALA A 400 -9.60 24.85 -51.00
N ARG A 401 -10.31 25.83 -51.56
CA ARG A 401 -10.11 26.15 -52.97
C ARG A 401 -8.73 26.75 -53.22
N ALA A 402 -8.25 27.61 -52.32
CA ALA A 402 -6.96 28.29 -52.50
C ALA A 402 -5.77 27.35 -52.48
N VAL A 403 -5.90 26.18 -51.87
CA VAL A 403 -4.79 25.20 -51.89
C VAL A 403 -4.64 24.64 -53.30
N PRO A 404 -3.42 24.61 -53.84
CA PRO A 404 -3.19 24.04 -55.17
C PRO A 404 -3.57 22.57 -55.25
N ARG A 405 -3.91 22.14 -56.47
CA ARG A 405 -4.28 20.75 -56.70
C ARG A 405 -3.12 19.80 -56.51
N ASN A 406 -1.89 20.23 -56.80
CA ASN A 406 -0.76 19.31 -56.82
C ASN A 406 -0.31 18.86 -55.44
N VAL A 407 -0.29 19.78 -54.45
CA VAL A 407 0.22 19.46 -53.13
C VAL A 407 -0.60 18.36 -52.47
N GLN A 408 0.09 17.46 -51.79
CA GLN A 408 -0.44 16.15 -51.50
C GLN A 408 0.42 15.53 -50.42
N PRO A 409 -0.14 14.82 -49.44
CA PRO A 409 0.70 14.01 -48.58
C PRO A 409 1.21 12.81 -49.36
N TYR A 410 2.48 12.53 -49.20
CA TYR A 410 3.12 11.41 -49.87
C TYR A 410 3.41 10.34 -48.85
N VAL A 411 2.66 9.24 -48.88
CA VAL A 411 3.06 8.12 -48.04
C VAL A 411 4.28 7.58 -48.75
N VAL A 412 5.44 7.92 -48.21
CA VAL A 412 6.69 7.61 -48.89
C VAL A 412 7.11 6.18 -48.61
N TYR A 413 6.94 5.73 -47.37
CA TYR A 413 7.48 4.44 -47.00
C TYR A 413 6.45 3.70 -46.18
N GLU A 414 6.34 2.40 -46.35
CA GLU A 414 5.31 1.66 -45.65
C GLU A 414 5.84 0.31 -45.17
N GLU A 415 6.25 0.28 -43.90
CA GLU A 415 6.70 -0.95 -43.29
C GLU A 415 5.47 -1.69 -42.76
N VAL A 416 5.31 -2.94 -43.17
CA VAL A 416 4.22 -3.77 -42.70
C VAL A 416 4.84 -5.07 -42.20
N THR A 417 4.36 -5.57 -41.06
CA THR A 417 4.90 -6.83 -40.56
C THR A 417 3.80 -7.63 -39.88
N ASN A 418 4.12 -8.87 -39.57
CA ASN A 418 3.24 -9.74 -38.81
C ASN A 418 3.65 -9.87 -37.35
N VAL A 419 4.77 -9.28 -36.94
CA VAL A 419 5.19 -9.43 -35.56
C VAL A 419 4.87 -8.17 -34.77
N TRP A 420 5.62 -7.09 -35.02
CA TRP A 420 5.38 -5.72 -34.56
C TRP A 420 6.46 -4.84 -35.15
N ILE A 421 6.15 -3.57 -35.31
CA ILE A 421 7.15 -2.61 -35.76
C ILE A 421 7.83 -1.98 -34.55
N ASN A 422 9.12 -2.23 -34.41
CA ASN A 422 9.92 -1.41 -33.51
C ASN A 422 10.11 -0.04 -34.15
N VAL A 423 9.98 1.00 -33.36
CA VAL A 423 10.14 2.36 -33.88
C VAL A 423 11.61 2.63 -34.08
N HIS A 424 12.02 2.72 -35.34
CA HIS A 424 13.38 3.08 -35.70
C HIS A 424 13.35 4.51 -36.19
N ASP A 425 13.99 5.40 -35.43
CA ASP A 425 13.93 6.82 -35.70
C ASP A 425 14.91 7.28 -36.77
N ILE A 426 15.74 6.38 -37.28
CA ILE A 426 16.68 6.73 -38.34
C ILE A 426 15.90 7.01 -39.61
N PHE A 427 15.99 8.27 -40.07
CA PHE A 427 15.42 8.67 -41.34
C PHE A 427 16.18 9.92 -41.74
N TYR A 428 17.03 9.81 -42.75
CA TYR A 428 17.84 10.93 -43.21
C TYR A 428 17.44 11.24 -44.65
N PRO A 429 16.49 12.13 -44.85
CA PRO A 429 16.21 12.57 -46.21
C PRO A 429 17.33 13.46 -46.72
N PHE A 430 17.54 13.42 -48.01
CA PHE A 430 18.61 14.17 -48.63
C PHE A 430 18.04 15.44 -49.23
N PRO A 431 18.90 16.40 -49.55
CA PRO A 431 18.46 17.44 -50.49
C PRO A 431 18.16 16.80 -51.82
N GLN A 432 17.12 17.29 -52.48
CA GLN A 432 16.68 16.73 -53.75
C GLN A 432 16.91 17.73 -54.87
N SER A 433 18.06 18.40 -54.82
CA SER A 433 18.38 19.42 -55.80
C SER A 433 18.65 18.85 -57.19
N GLU A 434 18.94 17.56 -57.29
CA GLU A 434 19.14 16.90 -58.56
C GLU A 434 17.82 16.26 -59.01
N GLY A 435 17.19 16.88 -60.01
CA GLY A 435 15.94 16.34 -60.52
C GLY A 435 14.79 16.50 -59.56
N GLU A 436 14.22 17.70 -59.43
CA GLU A 436 13.49 18.11 -58.24
C GLU A 436 12.12 17.46 -58.09
N ASP A 437 12.11 16.13 -58.14
CA ASP A 437 11.08 15.26 -57.59
C ASP A 437 11.86 14.13 -56.94
N GLU A 438 11.20 13.00 -56.68
CA GLU A 438 11.81 11.70 -56.31
C GLU A 438 12.81 11.84 -55.15
N LEU A 439 12.24 12.09 -53.97
CA LEU A 439 13.03 12.21 -52.74
C LEU A 439 13.84 10.95 -52.47
N CYS A 440 15.12 11.15 -52.19
CA CYS A 440 16.05 10.08 -51.87
C CYS A 440 16.36 10.17 -50.39
N PHE A 441 16.18 9.09 -49.67
CA PHE A 441 16.43 9.08 -48.23
C PHE A 441 17.09 7.78 -47.79
N LEU A 442 17.55 7.81 -46.55
CA LEU A 442 18.03 6.63 -45.86
C LEU A 442 16.99 6.22 -44.84
N ARG A 443 16.86 4.92 -44.61
CA ARG A 443 15.83 4.43 -43.71
C ARG A 443 16.22 3.09 -43.13
N ALA A 444 16.15 2.98 -41.81
CA ALA A 444 16.35 1.71 -41.14
C ALA A 444 15.11 0.87 -41.32
N ASN A 445 15.28 -0.40 -41.69
CA ASN A 445 14.14 -1.27 -41.94
C ASN A 445 14.45 -2.63 -41.33
N GLU A 446 13.81 -2.92 -40.20
CA GLU A 446 13.94 -4.21 -39.57
C GLU A 446 12.96 -5.25 -40.09
N CYS A 447 11.76 -4.83 -40.50
CA CYS A 447 10.73 -5.78 -40.92
C CYS A 447 11.06 -6.52 -42.21
N LYS A 448 11.83 -5.91 -43.11
CA LYS A 448 12.18 -6.58 -44.36
C LYS A 448 12.99 -7.85 -44.15
N THR A 449 14.19 -7.75 -43.62
CA THR A 449 15.02 -8.92 -43.46
C THR A 449 14.96 -9.54 -42.07
N GLY A 450 14.18 -8.98 -41.16
CA GLY A 450 14.17 -9.45 -39.80
C GLY A 450 15.17 -8.75 -38.90
N PHE A 451 16.12 -8.02 -39.46
CA PHE A 451 17.12 -7.32 -38.67
C PHE A 451 17.13 -5.86 -39.10
N CYS A 452 17.41 -4.98 -38.15
CA CYS A 452 17.48 -3.56 -38.44
C CYS A 452 18.70 -3.27 -39.29
N HIS A 453 18.51 -3.00 -40.56
CA HIS A 453 19.59 -2.63 -41.45
C HIS A 453 19.25 -1.33 -42.16
N LEU A 454 20.28 -0.53 -42.42
CA LEU A 454 20.06 0.70 -43.16
C LEU A 454 19.86 0.36 -44.61
N TYR A 455 19.08 1.20 -45.29
CA TYR A 455 18.85 1.10 -46.71
C TYR A 455 18.91 2.51 -47.25
N LYS A 456 19.31 2.66 -48.50
CA LYS A 456 19.03 3.87 -49.23
C LYS A 456 17.84 3.59 -50.10
N VAL A 457 16.80 4.39 -49.94
CA VAL A 457 15.55 4.20 -50.65
C VAL A 457 15.24 5.47 -51.40
N THR A 458 14.93 5.34 -52.67
CA THR A 458 14.51 6.47 -53.48
C THR A 458 13.09 6.18 -53.91
N ALA A 459 12.14 6.95 -53.38
CA ALA A 459 10.75 6.89 -53.79
C ALA A 459 10.46 8.03 -54.75
N VAL A 460 9.72 7.75 -55.82
CA VAL A 460 9.37 8.79 -56.76
C VAL A 460 8.12 9.52 -56.28
N LEU A 461 8.22 10.83 -56.13
CA LEU A 461 7.12 11.65 -55.62
C LEU A 461 6.33 12.17 -56.81
N LYS A 462 5.35 11.40 -57.24
CA LYS A 462 4.48 11.81 -58.33
C LYS A 462 3.11 12.15 -57.78
N SER A 463 2.79 13.45 -57.79
CA SER A 463 1.51 13.95 -57.32
C SER A 463 0.44 13.69 -58.37
N GLN A 464 -0.73 13.20 -57.94
CA GLN A 464 -1.78 12.95 -58.91
C GLN A 464 -2.77 14.10 -59.02
N GLY A 465 -2.83 14.99 -58.03
CA GLY A 465 -3.76 16.11 -58.09
C GLY A 465 -5.10 15.87 -57.41
N TYR A 466 -5.35 16.61 -56.33
CA TYR A 466 -6.53 16.41 -55.51
C TYR A 466 -7.37 17.68 -55.41
N ASP A 467 -8.69 17.51 -55.40
CA ASP A 467 -9.62 18.58 -55.09
C ASP A 467 -9.83 18.61 -53.57
N TRP A 468 -9.18 19.55 -52.90
CA TRP A 468 -9.24 19.61 -51.44
C TRP A 468 -10.46 20.34 -50.93
N SER A 469 -11.34 20.79 -51.81
CA SER A 469 -12.56 21.45 -51.37
C SER A 469 -13.54 20.47 -50.77
N GLU A 470 -13.86 19.42 -51.49
CA GLU A 470 -14.73 18.40 -50.94
C GLU A 470 -13.97 17.52 -49.95
N PRO A 471 -14.64 16.96 -48.96
CA PRO A 471 -13.99 15.96 -48.10
C PRO A 471 -14.18 14.54 -48.61
N PHE A 472 -13.08 13.82 -48.80
CA PHE A 472 -13.12 12.43 -49.23
C PHE A 472 -12.40 11.55 -48.23
N SER A 473 -12.64 10.24 -48.37
CA SER A 473 -11.93 9.25 -47.58
C SER A 473 -10.85 8.62 -48.44
N PRO A 474 -9.57 8.79 -48.09
CA PRO A 474 -8.50 8.07 -48.79
C PRO A 474 -8.64 6.56 -48.64
N GLY A 475 -8.15 5.84 -49.64
CA GLY A 475 -8.13 4.40 -49.64
C GLY A 475 -7.01 3.82 -48.81
N GLU A 476 -6.68 2.55 -49.10
CA GLU A 476 -5.76 1.79 -48.27
C GLU A 476 -4.32 2.29 -48.42
N ASP A 477 -3.87 2.48 -49.65
CA ASP A 477 -2.54 2.97 -49.97
C ASP A 477 -2.64 4.12 -50.95
N GLU A 478 -3.51 5.07 -50.63
CA GLU A 478 -3.95 6.06 -51.57
C GLU A 478 -2.87 7.09 -51.86
N PHE A 479 -2.08 7.45 -50.86
CA PHE A 479 -0.97 8.38 -51.01
C PHE A 479 0.36 7.67 -51.18
N LYS A 480 0.34 6.35 -51.32
CA LYS A 480 1.56 5.54 -51.36
C LYS A 480 2.29 5.79 -52.67
N CYS A 481 3.45 6.36 -52.58
CA CYS A 481 4.28 6.54 -53.77
C CYS A 481 4.99 5.23 -54.12
N PRO A 482 5.16 4.93 -55.40
CA PRO A 482 5.96 3.77 -55.78
C PRO A 482 7.44 4.03 -55.59
N ILE A 483 8.18 2.98 -55.30
CA ILE A 483 9.61 3.10 -54.99
C ILE A 483 10.40 3.03 -56.28
N LYS A 484 11.31 4.00 -56.47
CA LYS A 484 12.26 3.90 -57.57
C LYS A 484 13.28 2.80 -57.31
N GLU A 485 13.97 2.87 -56.17
CA GLU A 485 14.94 1.82 -55.87
C GLU A 485 15.11 1.71 -54.36
N GLU A 486 15.60 0.54 -53.93
CA GLU A 486 15.82 0.26 -52.52
C GLU A 486 17.14 -0.50 -52.34
N ILE A 487 18.27 0.19 -52.55
CA ILE A 487 19.56 -0.45 -52.30
C ILE A 487 19.73 -0.70 -50.81
N ALA A 488 20.20 -1.89 -50.45
CA ALA A 488 20.46 -2.26 -49.07
C ALA A 488 21.91 -1.99 -48.78
N LEU A 489 22.20 -1.02 -47.90
CA LEU A 489 23.58 -0.71 -47.62
C LEU A 489 24.24 -1.69 -46.68
N THR A 490 23.47 -2.37 -45.84
CA THR A 490 24.01 -3.39 -44.96
C THR A 490 23.09 -4.61 -44.97
N SER A 491 23.67 -5.77 -44.68
CA SER A 491 22.92 -7.02 -44.61
C SER A 491 23.73 -8.01 -43.79
N GLY A 492 23.03 -8.93 -43.15
CA GLY A 492 23.65 -9.93 -42.30
C GLY A 492 22.71 -10.33 -41.20
N GLU A 493 23.25 -11.08 -40.24
CA GLU A 493 22.49 -11.54 -39.08
C GLU A 493 22.80 -10.72 -37.84
N TRP A 494 22.94 -9.41 -38.03
CA TRP A 494 23.23 -8.46 -36.98
C TRP A 494 22.34 -7.26 -37.28
N GLU A 495 22.31 -6.27 -36.40
CA GLU A 495 21.40 -5.18 -36.67
C GLU A 495 22.05 -3.83 -36.41
N VAL A 496 21.51 -2.82 -37.08
CA VAL A 496 21.93 -1.44 -36.92
C VAL A 496 21.17 -0.84 -35.75
N LEU A 497 21.87 -0.18 -34.84
CA LEU A 497 21.19 0.44 -33.72
C LEU A 497 20.37 1.63 -34.19
N ALA A 498 19.10 1.63 -33.86
CA ALA A 498 18.25 2.77 -34.12
C ALA A 498 17.57 3.29 -32.89
N ARG A 499 17.02 2.39 -32.07
CA ARG A 499 16.32 2.79 -30.86
C ARG A 499 17.30 3.22 -29.79
N HIS A 500 16.75 3.62 -28.64
CA HIS A 500 17.50 4.00 -27.44
C HIS A 500 18.41 5.19 -27.70
N GLY A 501 17.94 6.11 -28.54
CA GLY A 501 18.67 7.33 -28.82
C GLY A 501 19.95 7.19 -29.59
N SER A 502 20.17 6.06 -30.26
CA SER A 502 21.25 5.99 -31.23
C SER A 502 20.83 6.68 -32.52
N LYS A 503 21.80 6.90 -33.41
CA LYS A 503 21.57 7.75 -34.56
C LYS A 503 22.59 7.42 -35.63
N ILE A 504 22.36 7.93 -36.83
CA ILE A 504 23.34 7.87 -37.90
C ILE A 504 23.85 9.27 -38.19
N TRP A 505 25.03 9.33 -38.78
CA TRP A 505 25.69 10.57 -39.16
C TRP A 505 26.07 10.49 -40.63
N VAL A 506 25.54 11.37 -41.45
CA VAL A 506 25.65 11.23 -42.90
C VAL A 506 26.57 12.35 -43.38
N ASN A 507 27.82 12.02 -43.67
CA ASN A 507 28.73 12.92 -44.36
C ASN A 507 28.35 12.91 -45.82
N GLU A 508 27.67 13.97 -46.26
CA GLU A 508 27.29 14.08 -47.66
C GLU A 508 28.42 14.60 -48.53
N GLU A 509 29.46 15.17 -47.93
CA GLU A 509 30.60 15.63 -48.72
C GLU A 509 31.39 14.45 -49.24
N THR A 510 31.68 13.48 -48.37
CA THR A 510 32.39 12.28 -48.78
C THR A 510 31.45 11.14 -49.13
N LYS A 511 30.13 11.33 -48.95
CA LYS A 511 29.10 10.33 -49.24
C LYS A 511 29.23 9.07 -48.39
N LEU A 512 29.60 9.24 -47.12
CA LEU A 512 29.65 8.14 -46.17
C LEU A 512 28.55 8.30 -45.12
N VAL A 513 28.08 7.18 -44.58
CA VAL A 513 27.13 7.14 -43.48
C VAL A 513 27.72 6.32 -42.34
N TYR A 514 27.88 6.98 -41.19
CA TYR A 514 28.39 6.40 -39.96
C TYR A 514 27.22 5.94 -39.10
N PHE A 515 27.20 4.67 -38.71
CA PHE A 515 26.13 4.13 -37.89
C PHE A 515 26.75 3.29 -36.79
N GLN A 516 25.94 2.87 -35.84
CA GLN A 516 26.39 1.91 -34.85
C GLN A 516 25.72 0.58 -35.11
N GLY A 517 26.38 -0.50 -34.73
CA GLY A 517 25.80 -1.81 -34.99
C GLY A 517 26.43 -2.89 -34.16
N THR A 518 25.92 -4.10 -34.35
CA THR A 518 26.36 -5.30 -33.65
C THR A 518 26.95 -6.32 -34.61
N LYS A 519 27.70 -5.86 -35.62
CA LYS A 519 28.15 -6.75 -36.69
C LYS A 519 29.16 -7.77 -36.21
N ASP A 520 30.03 -7.41 -35.27
CA ASP A 520 30.95 -8.40 -34.71
C ASP A 520 30.21 -9.44 -33.88
N THR A 521 29.37 -8.97 -32.97
CA THR A 521 28.71 -9.78 -31.96
C THR A 521 27.59 -8.98 -31.34
N PRO A 522 26.51 -9.61 -30.87
CA PRO A 522 25.47 -8.86 -30.16
C PRO A 522 25.90 -8.28 -28.83
N LEU A 523 27.02 -8.71 -28.25
CA LEU A 523 27.38 -8.19 -26.95
C LEU A 523 28.08 -6.84 -26.99
N GLU A 524 28.31 -6.26 -28.17
CA GLU A 524 29.07 -5.03 -28.26
C GLU A 524 28.41 -4.12 -29.29
N HIS A 525 28.55 -2.83 -29.07
CA HIS A 525 28.09 -1.82 -30.01
C HIS A 525 29.31 -1.15 -30.62
N HIS A 526 29.50 -1.30 -31.92
CA HIS A 526 30.64 -0.72 -32.61
C HIS A 526 30.20 0.30 -33.65
N LEU A 527 31.02 1.32 -33.82
CA LEU A 527 30.83 2.32 -34.86
C LEU A 527 31.30 1.77 -36.20
N TYR A 528 30.40 1.71 -37.18
CA TYR A 528 30.73 1.29 -38.52
C TYR A 528 30.49 2.44 -39.48
N VAL A 529 31.14 2.40 -40.63
CA VAL A 529 30.86 3.34 -41.71
C VAL A 529 30.71 2.57 -43.02
N VAL A 530 29.84 3.07 -43.92
CA VAL A 530 29.62 2.49 -45.24
C VAL A 530 29.34 3.67 -46.16
N SER A 531 29.57 3.51 -47.45
CA SER A 531 29.17 4.49 -48.45
C SER A 531 27.75 4.20 -48.91
N TYR A 532 26.95 5.24 -49.07
CA TYR A 532 25.64 5.03 -49.66
C TYR A 532 25.64 5.15 -51.18
N GLU A 533 26.78 5.49 -51.79
CA GLU A 533 26.86 5.46 -53.25
C GLU A 533 26.81 4.03 -53.77
N ALA A 534 27.61 3.16 -53.17
CA ALA A 534 27.63 1.74 -53.49
C ALA A 534 27.78 0.99 -52.18
N ALA A 535 26.96 -0.04 -52.00
CA ALA A 535 26.98 -0.81 -50.75
C ALA A 535 28.24 -1.65 -50.70
N GLY A 536 29.34 -1.05 -50.27
CA GLY A 536 30.62 -1.71 -50.39
C GLY A 536 31.09 -2.42 -49.13
N GLU A 537 32.06 -1.82 -48.46
CA GLU A 537 32.76 -2.48 -47.37
C GLU A 537 32.46 -1.74 -46.07
N ILE A 538 32.07 -2.48 -45.05
CA ILE A 538 31.66 -1.92 -43.77
C ILE A 538 32.91 -1.80 -42.91
N VAL A 539 33.35 -0.59 -42.65
CA VAL A 539 34.57 -0.37 -41.87
C VAL A 539 34.22 -0.14 -40.42
N ARG A 540 34.74 -0.99 -39.56
CA ARG A 540 34.63 -0.78 -38.13
C ARG A 540 35.67 0.26 -37.70
N LEU A 541 35.28 1.17 -36.82
CA LEU A 541 36.18 2.19 -36.33
C LEU A 541 36.59 1.99 -34.89
N THR A 542 35.85 1.21 -34.12
CA THR A 542 36.20 1.01 -32.73
C THR A 542 36.98 -0.29 -32.54
N THR A 543 37.76 -0.33 -31.47
CA THR A 543 38.51 -1.52 -31.14
C THR A 543 37.56 -2.62 -30.70
N PRO A 544 37.77 -3.86 -31.12
CA PRO A 544 36.92 -4.95 -30.66
C PRO A 544 37.30 -5.32 -29.24
N GLY A 545 36.46 -6.15 -28.62
CA GLY A 545 36.67 -6.50 -27.24
C GLY A 545 36.15 -5.49 -26.26
N PHE A 546 35.47 -4.44 -26.75
CA PHE A 546 34.80 -3.46 -25.91
C PHE A 546 33.48 -3.13 -26.56
N SER A 547 32.62 -2.43 -25.83
CA SER A 547 31.37 -1.93 -26.38
C SER A 547 31.34 -0.42 -26.23
N HIS A 548 30.87 0.24 -27.28
CA HIS A 548 31.10 1.66 -27.52
C HIS A 548 29.78 2.40 -27.75
N SER A 549 29.68 3.57 -27.14
CA SER A 549 28.62 4.54 -27.43
C SER A 549 29.32 5.73 -28.05
N CYS A 550 29.01 6.04 -29.29
CA CYS A 550 29.84 6.97 -30.03
C CYS A 550 29.07 8.21 -30.41
N SER A 551 29.82 9.23 -30.81
CA SER A 551 29.22 10.50 -31.22
C SER A 551 30.21 11.24 -32.09
N MET A 552 29.80 11.54 -33.31
CA MET A 552 30.66 12.14 -34.33
C MET A 552 30.66 13.65 -34.24
N SER A 553 31.70 14.25 -34.81
CA SER A 553 31.63 15.66 -35.12
C SER A 553 30.64 15.91 -36.24
N GLN A 554 30.12 17.13 -36.27
CA GLN A 554 29.33 17.60 -37.39
C GLN A 554 30.18 17.78 -38.65
N ASN A 555 31.50 17.97 -38.49
CA ASN A 555 32.42 18.02 -39.61
C ASN A 555 32.98 16.66 -39.98
N PHE A 556 32.62 15.61 -39.23
CA PHE A 556 32.99 14.21 -39.49
C PHE A 556 34.50 14.00 -39.51
N ASP A 557 35.24 14.77 -38.72
CA ASP A 557 36.67 14.60 -38.67
C ASP A 557 37.15 13.89 -37.42
N MET A 558 36.38 13.91 -36.35
CA MET A 558 36.74 13.19 -35.15
C MET A 558 35.49 12.87 -34.35
N PHE A 559 35.54 11.76 -33.63
CA PHE A 559 34.42 11.37 -32.79
C PHE A 559 34.87 11.04 -31.38
N VAL A 560 33.89 10.92 -30.51
CA VAL A 560 34.09 10.41 -29.16
C VAL A 560 33.55 9.00 -29.15
N SER A 561 34.15 8.14 -28.33
CA SER A 561 33.55 6.88 -27.96
C SER A 561 33.67 6.68 -26.46
N HIS A 562 32.51 6.53 -25.82
CA HIS A 562 32.39 6.18 -24.42
C HIS A 562 32.29 4.67 -24.39
N TYR A 563 33.35 3.99 -23.96
CA TYR A 563 33.35 2.55 -24.09
C TYR A 563 33.76 1.87 -22.80
N SER A 564 33.46 0.58 -22.77
CA SER A 564 33.70 -0.24 -21.60
C SER A 564 33.75 -1.69 -22.00
N SER A 565 34.02 -2.54 -21.02
CA SER A 565 33.94 -3.98 -21.21
C SER A 565 33.41 -4.57 -19.93
N VAL A 566 33.18 -5.89 -19.95
CA VAL A 566 32.74 -6.55 -18.73
C VAL A 566 33.82 -6.51 -17.66
N SER A 567 35.09 -6.44 -18.05
CA SER A 567 36.18 -6.37 -17.09
C SER A 567 36.60 -4.94 -16.79
N THR A 568 36.81 -4.13 -17.82
CA THR A 568 37.28 -2.75 -17.63
C THR A 568 36.11 -1.81 -17.40
N PRO A 569 36.28 -0.83 -16.51
CA PRO A 569 35.27 0.20 -16.29
C PRO A 569 35.11 1.09 -17.52
N PRO A 570 34.12 1.97 -17.57
CA PRO A 570 34.00 2.81 -18.75
C PRO A 570 34.98 3.96 -18.74
N CYS A 571 35.55 4.16 -19.91
CA CYS A 571 36.45 5.24 -20.28
C CYS A 571 35.78 6.02 -21.40
N VAL A 572 36.26 7.23 -21.68
CA VAL A 572 35.73 8.06 -22.76
C VAL A 572 36.90 8.61 -23.56
N HIS A 573 37.13 8.01 -24.73
CA HIS A 573 38.26 8.34 -25.58
C HIS A 573 37.81 9.14 -26.78
N VAL A 574 38.68 10.03 -27.26
CA VAL A 574 38.43 10.86 -28.43
C VAL A 574 39.28 10.35 -29.57
N TYR A 575 38.64 9.85 -30.61
CA TYR A 575 39.36 9.33 -31.76
C TYR A 575 39.24 10.36 -32.87
N LYS A 576 40.16 10.26 -33.84
CA LYS A 576 40.28 11.23 -34.92
C LYS A 576 40.41 10.48 -36.23
N LEU A 577 39.45 10.67 -37.12
CA LEU A 577 39.56 10.07 -38.44
C LEU A 577 40.67 10.75 -39.22
N SER A 578 41.62 9.96 -39.72
CA SER A 578 42.83 10.53 -40.28
C SER A 578 43.33 9.61 -41.38
N GLY A 579 43.71 10.20 -42.51
CA GLY A 579 44.23 9.41 -43.60
C GLY A 579 44.14 10.13 -44.93
N PRO A 580 44.50 9.42 -46.01
CA PRO A 580 44.29 9.94 -47.36
C PRO A 580 42.81 10.22 -47.64
N ASP A 581 42.53 11.42 -48.14
CA ASP A 581 41.18 11.86 -48.41
C ASP A 581 40.57 11.27 -49.67
N ASP A 582 41.38 10.67 -50.55
CA ASP A 582 40.83 10.09 -51.77
C ASP A 582 39.96 8.87 -51.49
N ASP A 583 40.21 8.17 -50.38
CA ASP A 583 39.41 7.04 -49.96
C ASP A 583 39.00 7.32 -48.52
N PRO A 584 37.91 8.06 -48.31
CA PRO A 584 37.53 8.45 -46.94
C PRO A 584 36.97 7.30 -46.16
N LEU A 585 36.47 6.27 -46.84
CA LEU A 585 35.91 5.10 -46.20
C LEU A 585 36.97 4.33 -45.42
N HIS A 586 38.24 4.43 -45.83
CA HIS A 586 39.33 3.80 -45.12
C HIS A 586 40.14 4.79 -44.28
N LYS A 587 39.55 5.92 -43.90
CA LYS A 587 40.23 6.82 -42.99
C LYS A 587 40.38 6.17 -41.63
N GLN A 588 41.60 6.09 -41.15
CA GLN A 588 41.88 5.31 -39.96
C GLN A 588 41.59 6.12 -38.71
N PRO A 589 40.73 5.64 -37.83
CA PRO A 589 40.51 6.34 -36.57
C PRO A 589 41.70 6.13 -35.66
N ARG A 590 42.45 7.19 -35.41
CA ARG A 590 43.59 7.11 -34.53
C ARG A 590 43.24 7.81 -33.22
N PHE A 591 43.61 7.16 -32.11
CA PHE A 591 43.34 7.72 -30.80
C PHE A 591 44.06 9.04 -30.62
N TRP A 592 43.28 10.10 -30.42
CA TRP A 592 43.80 11.45 -30.38
C TRP A 592 44.06 11.91 -28.96
N ALA A 593 43.05 11.83 -28.12
CA ALA A 593 43.17 12.23 -26.73
C ALA A 593 42.14 11.46 -25.93
N SER A 594 42.29 11.50 -24.63
CA SER A 594 41.43 10.74 -23.74
C SER A 594 40.74 11.76 -22.85
N MET A 595 39.46 11.54 -22.60
CA MET A 595 38.72 12.46 -21.77
C MET A 595 38.57 11.96 -20.34
N MET A 596 38.07 10.75 -20.20
CA MET A 596 37.80 10.16 -18.91
C MET A 596 38.44 8.79 -18.89
N GLU A 597 39.24 8.51 -17.88
CA GLU A 597 39.89 7.22 -17.82
C GLU A 597 39.05 6.23 -17.04
N ALA A 598 39.41 4.96 -17.16
CA ALA A 598 38.70 3.92 -16.45
C ALA A 598 38.97 4.05 -14.96
N ALA A 599 37.90 4.06 -14.16
CA ALA A 599 38.04 4.32 -12.74
C ALA A 599 38.60 3.11 -12.03
N SER A 600 38.94 3.30 -10.76
CA SER A 600 39.43 2.21 -9.94
C SER A 600 38.31 1.25 -9.59
N CYS A 601 38.47 -0.01 -9.95
CA CYS A 601 37.53 -1.04 -9.54
C CYS A 601 37.62 -1.26 -8.03
N PRO A 602 36.57 -1.78 -7.41
CA PRO A 602 36.59 -2.05 -5.96
C PRO A 602 37.63 -3.10 -5.59
N PRO A 603 38.10 -3.09 -4.33
CA PRO A 603 39.03 -4.15 -3.91
C PRO A 603 38.38 -5.51 -3.87
N ASP A 604 37.08 -5.57 -3.64
CA ASP A 604 36.31 -6.79 -3.56
C ASP A 604 35.29 -6.88 -4.69
N TYR A 605 35.70 -6.52 -5.89
CA TYR A 605 34.90 -6.72 -7.09
C TYR A 605 35.58 -7.78 -7.93
N VAL A 606 34.85 -8.83 -8.27
CA VAL A 606 35.27 -9.75 -9.31
C VAL A 606 34.46 -9.43 -10.56
N PRO A 607 35.09 -9.33 -11.72
CA PRO A 607 34.33 -9.18 -12.93
C PRO A 607 33.50 -10.43 -13.16
N PRO A 608 32.30 -10.27 -13.70
CA PRO A 608 31.48 -11.42 -14.02
C PRO A 608 31.88 -12.04 -15.34
N GLU A 609 31.55 -13.31 -15.49
CA GLU A 609 31.91 -14.06 -16.68
C GLU A 609 30.72 -14.14 -17.61
N ILE A 610 30.94 -13.78 -18.84
CA ILE A 610 29.95 -13.91 -19.90
C ILE A 610 30.06 -15.32 -20.46
N PHE A 611 28.92 -15.92 -20.78
CA PHE A 611 28.91 -17.21 -21.45
C PHE A 611 27.81 -17.18 -22.48
N HIS A 612 27.73 -18.25 -23.26
CA HIS A 612 26.60 -18.46 -24.13
C HIS A 612 26.25 -19.93 -24.09
N PHE A 613 25.07 -20.23 -24.62
CA PHE A 613 24.62 -21.61 -24.74
C PHE A 613 23.54 -21.67 -25.78
N HIS A 614 23.12 -22.88 -26.09
CA HIS A 614 22.10 -23.10 -27.09
C HIS A 614 20.88 -23.72 -26.44
N THR A 615 19.71 -23.40 -26.97
CA THR A 615 18.50 -24.05 -26.53
C THR A 615 18.35 -25.39 -27.23
N ARG A 616 17.28 -26.12 -26.88
CA ARG A 616 16.92 -27.33 -27.60
C ARG A 616 16.52 -27.04 -29.04
N SER A 617 16.06 -25.83 -29.32
CA SER A 617 15.81 -25.37 -30.67
C SER A 617 17.05 -24.79 -31.33
N ASP A 618 18.20 -24.88 -30.65
CA ASP A 618 19.50 -24.39 -31.12
C ASP A 618 19.45 -22.89 -31.40
N VAL A 619 18.87 -22.16 -30.45
CA VAL A 619 18.87 -20.71 -30.47
C VAL A 619 19.88 -20.27 -29.43
N ARG A 620 20.75 -19.34 -29.81
CA ARG A 620 21.86 -18.96 -28.96
C ARG A 620 21.42 -17.93 -27.95
N LEU A 621 21.57 -18.24 -26.67
CA LEU A 621 21.29 -17.31 -25.59
C LEU A 621 22.59 -16.97 -24.90
N TYR A 622 22.73 -15.72 -24.52
CA TYR A 622 23.90 -15.28 -23.77
C TYR A 622 23.53 -15.17 -22.31
N GLY A 623 24.55 -15.18 -21.47
CA GLY A 623 24.28 -15.10 -20.04
C GLY A 623 25.49 -14.59 -19.31
N MET A 624 25.26 -14.15 -18.11
CA MET A 624 26.28 -13.70 -17.20
C MET A 624 26.29 -14.61 -16.00
N ILE A 625 27.40 -14.58 -15.27
CA ILE A 625 27.45 -15.19 -13.96
C ILE A 625 28.42 -14.40 -13.09
N TYR A 626 27.99 -14.13 -11.87
CA TYR A 626 28.84 -13.67 -10.80
C TYR A 626 29.15 -14.89 -9.96
N LYS A 627 30.42 -15.29 -9.94
CA LYS A 627 30.86 -16.40 -9.14
C LYS A 627 30.90 -16.00 -7.68
N PRO A 628 30.68 -16.95 -6.77
CA PRO A 628 30.82 -16.65 -5.35
C PRO A 628 32.25 -16.31 -4.99
N HIS A 629 32.42 -15.22 -4.26
CA HIS A 629 33.72 -14.86 -3.73
C HIS A 629 34.18 -15.94 -2.76
N ALA A 630 35.50 -16.20 -2.77
CA ALA A 630 36.14 -17.24 -1.96
C ALA A 630 35.47 -18.59 -2.17
N LEU A 631 35.25 -18.93 -3.43
CA LEU A 631 34.67 -20.21 -3.79
C LEU A 631 35.57 -21.36 -3.39
N GLN A 632 34.99 -22.38 -2.76
CA GLN A 632 35.69 -23.62 -2.51
C GLN A 632 35.07 -24.67 -3.42
N PRO A 633 35.84 -25.25 -4.34
CA PRO A 633 35.27 -26.23 -5.29
C PRO A 633 34.68 -27.45 -4.61
N GLY A 634 33.53 -27.87 -5.11
CA GLY A 634 32.80 -28.95 -4.49
C GLY A 634 31.50 -28.47 -3.87
N LYS A 635 31.53 -27.31 -3.22
CA LYS A 635 30.35 -26.79 -2.55
C LYS A 635 29.35 -26.21 -3.54
N LYS A 636 28.08 -26.35 -3.21
CA LYS A 636 26.98 -25.80 -3.99
C LYS A 636 26.48 -24.55 -3.28
N HIS A 637 26.41 -23.45 -4.01
CA HIS A 637 26.03 -22.17 -3.46
C HIS A 637 24.59 -21.83 -3.83
N PRO A 638 23.90 -21.00 -3.05
CA PRO A 638 22.55 -20.61 -3.45
C PRO A 638 22.62 -19.60 -4.57
N THR A 639 21.68 -19.69 -5.49
CA THR A 639 21.81 -18.93 -6.73
C THR A 639 20.64 -18.00 -6.91
N VAL A 640 20.94 -16.73 -7.11
CA VAL A 640 19.97 -15.70 -7.43
C VAL A 640 19.95 -15.51 -8.93
N LEU A 641 18.90 -15.96 -9.57
CA LEU A 641 18.66 -15.67 -10.97
C LEU A 641 18.12 -14.27 -11.07
N PHE A 642 18.98 -13.30 -11.32
CA PHE A 642 18.46 -11.97 -11.59
C PHE A 642 17.88 -12.00 -12.98
N VAL A 643 16.78 -11.30 -13.20
CA VAL A 643 16.11 -11.45 -14.48
C VAL A 643 15.44 -10.14 -14.84
N TYR A 644 15.48 -9.81 -16.13
CA TYR A 644 14.49 -8.91 -16.70
C TYR A 644 13.70 -9.62 -17.78
N GLY A 645 14.34 -10.11 -18.84
CA GLY A 645 13.68 -10.98 -19.79
C GLY A 645 12.78 -10.31 -20.79
N GLY A 646 12.28 -9.12 -20.51
CA GLY A 646 11.33 -8.47 -21.38
C GLY A 646 11.99 -7.83 -22.57
N PRO A 647 11.16 -7.37 -23.50
CA PRO A 647 11.68 -6.76 -24.72
C PRO A 647 12.31 -5.40 -24.46
N GLN A 648 13.09 -4.96 -25.45
CA GLN A 648 13.77 -3.67 -25.52
C GLN A 648 14.80 -3.48 -24.42
N VAL A 649 15.25 -4.54 -23.77
CA VAL A 649 16.27 -4.47 -22.74
C VAL A 649 17.16 -5.69 -22.88
N GLN A 650 18.47 -5.48 -22.97
CA GLN A 650 19.43 -6.56 -22.98
C GLN A 650 20.34 -6.38 -21.78
N LEU A 651 20.20 -7.27 -20.78
CA LEU A 651 21.03 -7.18 -19.59
C LEU A 651 22.46 -7.56 -19.88
N VAL A 652 22.67 -8.67 -20.60
CA VAL A 652 24.00 -9.12 -20.93
C VAL A 652 24.50 -8.50 -22.24
N ASN A 653 25.62 -7.80 -22.12
CA ASN A 653 26.41 -7.29 -23.22
C ASN A 653 27.79 -7.00 -22.66
N ASN A 654 28.77 -6.81 -23.54
CA ASN A 654 30.15 -6.72 -23.08
C ASN A 654 30.43 -5.28 -22.64
N SER A 655 29.81 -4.92 -21.53
CA SER A 655 29.84 -3.57 -20.99
C SER A 655 30.03 -3.67 -19.49
N PHE A 656 30.34 -2.56 -18.87
CA PHE A 656 30.60 -2.60 -17.43
C PHE A 656 29.31 -2.74 -16.65
N LYS A 657 29.24 -3.78 -15.85
CA LYS A 657 28.09 -4.09 -15.03
C LYS A 657 28.26 -3.63 -13.60
N GLY A 658 29.30 -2.87 -13.30
CA GLY A 658 29.58 -2.53 -11.92
C GLY A 658 28.74 -1.40 -11.38
N ILE A 659 28.33 -0.47 -12.23
CA ILE A 659 27.61 0.69 -11.72
C ILE A 659 26.14 0.37 -11.49
N LYS A 660 25.48 -0.33 -12.42
CA LYS A 660 24.05 -0.59 -12.28
C LYS A 660 23.76 -1.86 -11.52
N TYR A 661 24.68 -2.82 -11.52
CA TYR A 661 24.41 -4.10 -10.90
C TYR A 661 25.42 -4.37 -9.80
N LEU A 662 25.66 -3.37 -8.96
CA LEU A 662 26.58 -3.55 -7.85
C LEU A 662 26.02 -4.51 -6.81
N ARG A 663 24.70 -4.51 -6.62
CA ARG A 663 24.08 -5.43 -5.68
C ARG A 663 24.35 -6.88 -6.05
N LEU A 664 24.42 -7.17 -7.35
CA LEU A 664 24.76 -8.52 -7.82
C LEU A 664 26.15 -8.92 -7.37
N ASN A 665 27.09 -7.97 -7.37
CA ASN A 665 28.40 -8.24 -6.83
C ASN A 665 28.35 -8.38 -5.32
N THR A 666 27.48 -7.62 -4.65
CA THR A 666 27.33 -7.76 -3.20
C THR A 666 26.83 -9.16 -2.84
N LEU A 667 25.83 -9.64 -3.58
CA LEU A 667 25.36 -11.03 -3.47
C LEU A 667 26.49 -12.03 -3.65
N ALA A 668 27.27 -11.86 -4.73
CA ALA A 668 28.44 -12.71 -4.94
C ALA A 668 29.40 -12.66 -3.75
N SER A 669 29.63 -11.46 -3.22
CA SER A 669 30.54 -11.30 -2.09
C SER A 669 30.00 -11.93 -0.82
N LEU A 670 28.70 -12.14 -0.74
CA LEU A 670 28.19 -12.93 0.37
C LEU A 670 28.20 -14.41 0.07
N GLY A 671 28.28 -14.79 -1.19
CA GLY A 671 28.42 -16.20 -1.49
C GLY A 671 27.33 -16.76 -2.37
N TYR A 672 26.46 -15.89 -2.86
CA TYR A 672 25.42 -16.30 -3.78
C TYR A 672 25.98 -16.32 -5.20
N ALA A 673 25.76 -17.40 -5.91
CA ALA A 673 25.95 -17.39 -7.34
C ALA A 673 24.87 -16.53 -7.94
N VAL A 674 25.23 -15.57 -8.78
CA VAL A 674 24.24 -14.74 -9.48
C VAL A 674 24.26 -15.06 -10.95
N VAL A 675 23.13 -15.52 -11.46
CA VAL A 675 23.01 -15.92 -12.86
C VAL A 675 22.10 -14.92 -13.56
N VAL A 676 22.44 -14.57 -14.80
CA VAL A 676 21.64 -13.62 -15.59
C VAL A 676 21.55 -14.21 -16.98
N ILE A 677 20.36 -14.35 -17.51
CA ILE A 677 20.18 -15.03 -18.79
C ILE A 677 19.40 -14.10 -19.69
N ASP A 678 19.86 -13.91 -20.92
CA ASP A 678 19.11 -13.14 -21.90
C ASP A 678 18.15 -14.09 -22.58
N GLY A 679 16.95 -14.19 -22.04
CA GLY A 679 15.94 -15.03 -22.62
C GLY A 679 15.48 -14.53 -23.97
N ARG A 680 14.73 -15.37 -24.65
CA ARG A 680 14.26 -15.03 -25.98
C ARG A 680 13.17 -13.99 -25.87
N GLY A 681 13.18 -13.04 -26.78
CA GLY A 681 12.32 -11.90 -26.70
C GLY A 681 13.03 -10.62 -26.32
N SER A 682 14.31 -10.71 -25.98
CA SER A 682 15.07 -9.51 -25.64
C SER A 682 15.52 -8.82 -26.91
N CYS A 683 16.06 -7.61 -26.74
CA CYS A 683 16.45 -6.81 -27.88
C CYS A 683 17.86 -7.19 -28.36
N GLN A 684 18.39 -6.38 -29.26
CA GLN A 684 19.71 -6.41 -29.90
C GLN A 684 19.90 -7.58 -30.86
N ARG A 685 18.93 -8.49 -30.99
CA ARG A 685 19.17 -9.73 -31.70
C ARG A 685 18.16 -9.99 -32.81
N GLY A 686 17.49 -8.95 -33.26
CA GLY A 686 16.62 -9.05 -34.42
C GLY A 686 15.18 -9.38 -34.10
N LEU A 687 14.35 -9.23 -35.14
CA LEU A 687 12.91 -9.30 -34.98
C LEU A 687 12.44 -10.72 -34.74
N ARG A 688 13.05 -11.70 -35.41
CA ARG A 688 12.61 -13.08 -35.22
C ARG A 688 12.92 -13.56 -33.81
N PHE A 689 14.02 -13.09 -33.25
CA PHE A 689 14.38 -13.41 -31.88
C PHE A 689 13.45 -12.73 -30.89
N GLU A 690 13.26 -11.42 -31.03
CA GLU A 690 12.33 -10.68 -30.19
C GLU A 690 10.89 -11.19 -30.28
N GLY A 691 10.46 -11.61 -31.45
CA GLY A 691 9.10 -12.06 -31.66
C GLY A 691 8.69 -13.42 -31.18
N ALA A 692 9.48 -14.11 -30.36
CA ALA A 692 8.95 -15.35 -29.82
C ALA A 692 7.98 -15.12 -28.68
N LEU A 693 7.85 -13.89 -28.18
CA LEU A 693 6.93 -13.58 -27.11
C LEU A 693 5.63 -12.99 -27.64
N LYS A 694 5.44 -12.95 -28.96
CA LYS A 694 4.23 -12.39 -29.54
C LYS A 694 3.02 -13.18 -29.08
N ASN A 695 2.17 -12.51 -28.30
CA ASN A 695 0.92 -12.98 -27.72
C ASN A 695 1.12 -14.07 -26.68
N GLN A 696 2.32 -14.23 -26.16
CA GLN A 696 2.59 -15.26 -25.17
C GLN A 696 3.60 -14.78 -24.14
N MET A 697 3.40 -13.57 -23.59
CA MET A 697 4.37 -12.97 -22.70
C MET A 697 4.35 -13.75 -21.39
N GLY A 698 5.51 -14.25 -20.98
CA GLY A 698 5.61 -15.13 -19.84
C GLY A 698 5.76 -16.59 -20.22
N GLN A 699 5.25 -16.99 -21.38
CA GLN A 699 5.17 -18.40 -21.70
C GLN A 699 6.44 -18.96 -22.34
N VAL A 700 7.43 -18.13 -22.65
CA VAL A 700 8.62 -18.63 -23.32
C VAL A 700 9.89 -18.17 -22.61
N GLU A 701 9.80 -17.01 -21.95
CA GLU A 701 10.97 -16.43 -21.31
C GLU A 701 11.41 -17.25 -20.12
N ILE A 702 10.45 -17.62 -19.25
CA ILE A 702 10.82 -18.39 -18.07
C ILE A 702 11.38 -19.76 -18.42
N GLU A 703 10.90 -20.37 -19.51
CA GLU A 703 11.47 -21.64 -19.96
C GLU A 703 12.92 -21.47 -20.39
N ASP A 704 13.20 -20.37 -21.08
CA ASP A 704 14.58 -20.06 -21.43
C ASP A 704 15.43 -19.77 -20.20
N GLN A 705 14.85 -19.16 -19.16
CA GLN A 705 15.61 -18.88 -17.95
C GLN A 705 15.93 -20.15 -17.19
N VAL A 706 14.96 -21.06 -17.13
CA VAL A 706 15.14 -22.34 -16.48
C VAL A 706 16.22 -23.12 -17.22
N GLU A 707 16.19 -23.04 -18.54
CA GLU A 707 17.16 -23.72 -19.38
C GLU A 707 18.56 -23.18 -19.11
N GLY A 708 18.67 -21.87 -18.94
CA GLY A 708 19.94 -21.24 -18.66
C GLY A 708 20.49 -21.74 -17.33
N LEU A 709 19.60 -21.87 -16.34
CA LEU A 709 19.98 -22.35 -15.03
C LEU A 709 20.51 -23.78 -15.12
N GLN A 710 19.84 -24.58 -15.94
CA GLN A 710 20.23 -25.98 -16.15
C GLN A 710 21.61 -26.01 -16.79
N PHE A 711 21.84 -25.11 -17.73
CA PHE A 711 23.14 -25.03 -18.40
C PHE A 711 24.23 -24.59 -17.46
N VAL A 712 23.98 -23.53 -16.68
CA VAL A 712 25.02 -23.01 -15.81
C VAL A 712 25.31 -24.01 -14.69
N ALA A 713 24.28 -24.71 -14.22
CA ALA A 713 24.41 -25.81 -13.28
C ALA A 713 25.28 -26.92 -13.82
N GLU A 714 25.14 -27.25 -15.10
CA GLU A 714 25.97 -28.30 -15.68
C GLU A 714 27.40 -27.82 -15.90
N LYS A 715 27.56 -26.64 -16.51
CA LYS A 715 28.88 -26.08 -16.77
C LYS A 715 29.67 -25.83 -15.49
N TYR A 716 29.17 -24.95 -14.64
CA TYR A 716 29.83 -24.62 -13.39
C TYR A 716 29.21 -25.45 -12.26
N GLY A 717 30.04 -25.88 -11.33
CA GLY A 717 29.57 -26.86 -10.37
C GLY A 717 29.08 -26.34 -9.04
N PHE A 718 28.65 -25.09 -8.96
CA PHE A 718 28.26 -24.53 -7.66
C PHE A 718 26.82 -24.07 -7.61
N ILE A 719 26.00 -24.48 -8.56
CA ILE A 719 24.61 -24.05 -8.62
C ILE A 719 23.78 -25.09 -7.89
N ASP A 720 23.27 -24.71 -6.71
CA ASP A 720 22.35 -25.56 -5.98
C ASP A 720 20.97 -25.35 -6.56
N LEU A 721 20.43 -26.39 -7.20
CA LEU A 721 19.10 -26.26 -7.79
C LEU A 721 18.00 -26.22 -6.74
N SER A 722 18.25 -26.79 -5.57
CA SER A 722 17.25 -26.71 -4.51
C SER A 722 17.14 -25.32 -3.92
N ARG A 723 18.19 -24.48 -4.04
CA ARG A 723 18.19 -23.14 -3.48
C ARG A 723 18.39 -22.14 -4.61
N VAL A 724 17.28 -21.80 -5.26
CA VAL A 724 17.26 -20.85 -6.35
C VAL A 724 16.28 -19.74 -5.99
N ALA A 725 16.74 -18.53 -6.12
CA ALA A 725 15.93 -17.36 -5.89
C ALA A 725 15.78 -16.74 -7.25
N ILE A 726 14.63 -16.18 -7.54
CA ILE A 726 14.50 -15.48 -8.80
C ILE A 726 14.10 -14.07 -8.42
N HIS A 727 14.92 -13.12 -8.80
CA HIS A 727 14.68 -11.75 -8.41
C HIS A 727 14.52 -10.95 -9.68
N GLY A 728 13.58 -10.02 -9.70
CA GLY A 728 13.37 -9.24 -10.89
C GLY A 728 12.76 -7.91 -10.59
N TRP A 729 12.73 -6.99 -11.53
CA TRP A 729 12.09 -5.70 -11.31
C TRP A 729 11.26 -5.35 -12.51
N SER A 730 10.18 -4.62 -12.30
CA SER A 730 9.28 -4.19 -13.37
C SER A 730 8.84 -5.42 -14.07
N TYR A 731 9.15 -5.51 -15.36
CA TYR A 731 8.84 -6.68 -16.13
C TYR A 731 9.58 -7.88 -15.61
N GLY A 732 10.80 -7.72 -15.16
CA GLY A 732 11.52 -8.84 -14.63
C GLY A 732 10.82 -9.44 -13.45
N GLY A 733 10.27 -8.65 -12.53
CA GLY A 733 9.60 -9.25 -11.38
C GLY A 733 8.46 -10.10 -11.87
N PHE A 734 7.66 -9.52 -12.72
CA PHE A 734 6.58 -10.23 -13.38
C PHE A 734 7.02 -11.63 -13.77
N LEU A 735 8.21 -11.76 -14.32
CA LEU A 735 8.71 -13.08 -14.65
C LEU A 735 9.02 -13.91 -13.42
N SER A 736 9.60 -13.30 -12.38
CA SER A 736 9.82 -14.01 -11.11
C SER A 736 8.56 -14.63 -10.55
N LEU A 737 7.44 -13.92 -10.65
CA LEU A 737 6.17 -14.49 -10.26
C LEU A 737 5.66 -15.54 -11.24
N MET A 738 5.96 -15.36 -12.52
CA MET A 738 5.63 -16.41 -13.48
C MET A 738 6.50 -17.62 -13.26
N GLY A 739 7.75 -17.40 -12.86
CA GLY A 739 8.63 -18.48 -12.49
C GLY A 739 8.13 -19.27 -11.32
N LEU A 740 7.69 -18.58 -10.28
CA LEU A 740 7.21 -19.30 -9.10
C LEU A 740 5.89 -20.00 -9.39
N ILE A 741 5.11 -19.52 -10.34
CA ILE A 741 3.87 -20.21 -10.70
C ILE A 741 4.15 -21.42 -11.58
N HIS A 742 4.78 -21.23 -12.73
CA HIS A 742 4.89 -22.31 -13.70
C HIS A 742 6.11 -23.19 -13.52
N LYS A 743 7.09 -22.80 -12.73
CA LYS A 743 8.25 -23.64 -12.45
C LYS A 743 8.52 -23.63 -10.94
N PRO A 744 7.58 -24.14 -10.14
CA PRO A 744 7.72 -23.95 -8.69
C PRO A 744 8.76 -24.81 -8.04
N GLN A 745 9.06 -25.99 -8.60
CA GLN A 745 10.02 -26.89 -7.97
C GLN A 745 11.45 -26.42 -8.13
N VAL A 746 11.74 -25.55 -9.10
CA VAL A 746 13.11 -25.11 -9.30
C VAL A 746 13.40 -23.83 -8.53
N PHE A 747 12.47 -22.88 -8.46
CA PHE A 747 12.74 -21.60 -7.80
C PHE A 747 12.31 -21.71 -6.35
N LYS A 748 13.28 -21.63 -5.44
CA LYS A 748 12.97 -21.68 -4.03
C LYS A 748 12.19 -20.45 -3.60
N VAL A 749 12.69 -19.26 -3.92
CA VAL A 749 11.97 -18.04 -3.55
C VAL A 749 11.84 -17.13 -4.77
N ALA A 750 11.08 -16.05 -4.60
CA ALA A 750 10.84 -15.13 -5.71
C ALA A 750 10.63 -13.72 -5.17
N ILE A 751 11.63 -12.88 -5.39
CA ILE A 751 11.57 -11.48 -5.00
C ILE A 751 11.10 -10.66 -6.19
N ALA A 752 9.80 -10.38 -6.21
CA ALA A 752 9.17 -9.69 -7.33
C ALA A 752 9.07 -8.23 -6.98
N GLY A 753 9.83 -7.39 -7.68
CA GLY A 753 9.81 -5.97 -7.45
C GLY A 753 9.00 -5.34 -8.58
N ALA A 754 8.00 -4.56 -8.19
CA ALA A 754 7.15 -3.83 -9.12
C ALA A 754 6.49 -4.63 -10.24
N PRO A 755 5.86 -5.76 -9.92
CA PRO A 755 5.47 -6.67 -10.99
C PRO A 755 4.25 -6.16 -11.74
N VAL A 756 4.17 -6.50 -13.02
CA VAL A 756 2.99 -6.25 -13.82
C VAL A 756 2.11 -7.48 -13.67
N THR A 757 1.16 -7.42 -12.74
CA THR A 757 0.41 -8.61 -12.39
C THR A 757 -0.84 -8.82 -13.23
N VAL A 758 -1.38 -7.76 -13.82
CA VAL A 758 -2.52 -7.90 -14.70
C VAL A 758 -2.26 -7.08 -15.97
N TRP A 759 -2.18 -7.77 -17.09
CA TRP A 759 -1.85 -7.13 -18.35
C TRP A 759 -2.97 -6.23 -18.83
N MET A 760 -4.23 -6.64 -18.63
CA MET A 760 -5.39 -5.83 -18.98
C MET A 760 -5.38 -4.41 -18.40
N ALA A 761 -4.67 -4.17 -17.32
CA ALA A 761 -4.56 -2.82 -16.78
C ALA A 761 -3.41 -2.01 -17.34
N TYR A 762 -2.46 -2.63 -18.02
CA TYR A 762 -1.27 -1.92 -18.48
C TYR A 762 -1.60 -1.04 -19.69
N ASP A 763 -0.66 -0.18 -20.07
CA ASP A 763 -1.02 0.80 -21.07
C ASP A 763 -0.98 0.24 -22.48
N THR A 764 -1.44 1.06 -23.43
CA THR A 764 -1.59 0.64 -24.83
C THR A 764 -0.25 0.35 -25.48
N GLY A 765 0.63 1.35 -25.51
CA GLY A 765 1.89 1.30 -26.25
C GLY A 765 2.74 0.06 -26.06
N TYR A 766 2.91 -0.39 -24.83
CA TYR A 766 3.64 -1.64 -24.62
C TYR A 766 2.77 -2.82 -25.03
N THR A 767 1.66 -3.02 -24.32
CA THR A 767 0.93 -4.29 -24.38
C THR A 767 0.32 -4.51 -25.76
N GLU A 768 -0.34 -3.49 -26.34
CA GLU A 768 -1.00 -3.60 -27.64
C GLU A 768 -0.04 -3.99 -28.77
N ARG A 769 1.22 -4.05 -28.38
CA ARG A 769 2.28 -4.38 -29.27
C ARG A 769 2.78 -5.78 -29.01
N TYR A 770 3.20 -6.07 -27.79
CA TYR A 770 3.71 -7.39 -27.48
C TYR A 770 2.59 -8.42 -27.54
N MET A 771 1.42 -8.07 -27.04
CA MET A 771 0.20 -8.82 -27.24
C MET A 771 -0.77 -8.00 -28.07
N ASP A 772 -2.03 -8.38 -28.12
CA ASP A 772 -2.98 -7.63 -28.92
C ASP A 772 -4.05 -7.02 -28.00
N VAL A 773 -5.07 -6.48 -28.63
CA VAL A 773 -6.25 -5.89 -27.98
C VAL A 773 -6.97 -7.00 -27.22
N PRO A 774 -7.53 -6.74 -25.98
CA PRO A 774 -8.20 -7.78 -25.18
C PRO A 774 -9.17 -8.72 -25.84
N GLU A 775 -9.95 -8.22 -26.79
CA GLU A 775 -10.85 -9.11 -27.51
C GLU A 775 -10.08 -10.07 -28.42
N ASN A 776 -8.89 -9.68 -28.86
CA ASN A 776 -8.16 -10.52 -29.80
C ASN A 776 -7.42 -11.66 -29.10
N ASN A 777 -6.63 -11.36 -28.08
CA ASN A 777 -5.79 -12.38 -27.45
C ASN A 777 -6.28 -12.58 -26.02
N GLN A 778 -7.38 -13.32 -25.90
CA GLN A 778 -8.00 -13.51 -24.59
C GLN A 778 -7.19 -14.48 -23.76
N HIS A 779 -6.85 -15.63 -24.33
CA HIS A 779 -6.07 -16.62 -23.61
C HIS A 779 -4.67 -16.11 -23.34
N GLY A 780 -4.15 -15.23 -24.21
CA GLY A 780 -2.87 -14.63 -23.92
C GLY A 780 -2.89 -13.71 -22.71
N TYR A 781 -3.95 -12.92 -22.57
CA TYR A 781 -4.08 -12.12 -21.34
C TYR A 781 -4.32 -12.96 -20.09
N GLU A 782 -5.22 -13.95 -20.11
CA GLU A 782 -5.36 -14.70 -18.86
C GLU A 782 -4.16 -15.57 -18.56
N ALA A 783 -3.47 -16.09 -19.57
CA ALA A 783 -2.27 -16.86 -19.32
C ALA A 783 -1.12 -15.99 -18.85
N GLY A 784 -1.05 -14.75 -19.31
CA GLY A 784 0.05 -13.91 -18.94
C GLY A 784 -0.17 -13.07 -17.70
N SER A 785 -1.42 -12.74 -17.39
CA SER A 785 -1.75 -12.03 -16.17
C SER A 785 -1.48 -12.95 -14.99
N VAL A 786 -0.38 -12.70 -14.30
CA VAL A 786 0.10 -13.63 -13.29
C VAL A 786 -0.82 -13.60 -12.06
N ALA A 787 -1.47 -12.48 -11.80
CA ALA A 787 -2.38 -12.36 -10.66
C ALA A 787 -3.63 -13.21 -10.81
N LEU A 788 -4.01 -13.61 -12.01
CA LEU A 788 -5.11 -14.54 -12.19
C LEU A 788 -4.72 -16.00 -12.08
N HIS A 789 -3.46 -16.31 -11.84
CA HIS A 789 -3.01 -17.68 -11.63
C HIS A 789 -2.41 -17.83 -10.25
N VAL A 790 -2.99 -17.11 -9.30
CA VAL A 790 -2.45 -16.99 -7.96
C VAL A 790 -2.58 -18.29 -7.17
N GLU A 791 -3.64 -19.07 -7.42
CA GLU A 791 -3.78 -20.43 -6.87
C GLU A 791 -2.56 -21.33 -7.04
N LYS A 792 -1.75 -21.12 -8.06
CA LYS A 792 -0.55 -21.93 -8.25
C LYS A 792 0.67 -21.39 -7.54
N LEU A 793 0.55 -20.29 -6.79
CA LEU A 793 1.63 -19.79 -5.97
C LEU A 793 1.78 -20.73 -4.78
N PRO A 794 2.93 -20.75 -4.08
CA PRO A 794 3.16 -21.80 -3.09
C PRO A 794 2.30 -21.67 -1.85
N ASN A 795 1.98 -22.82 -1.27
CA ASN A 795 1.35 -22.85 0.03
C ASN A 795 2.34 -22.52 1.14
N GLU A 796 3.62 -22.68 0.88
CA GLU A 796 4.62 -22.43 1.89
C GLU A 796 4.78 -20.93 2.11
N PRO A 797 5.09 -20.50 3.32
CA PRO A 797 5.42 -19.11 3.56
C PRO A 797 6.89 -18.84 3.29
N ASN A 798 7.23 -17.55 3.31
CA ASN A 798 8.59 -17.04 3.12
C ASN A 798 9.19 -17.43 1.78
N ARG A 799 8.35 -17.61 0.77
CA ARG A 799 8.83 -17.92 -0.57
C ARG A 799 8.55 -16.80 -1.56
N LEU A 800 7.89 -15.73 -1.15
CA LEU A 800 7.47 -14.71 -2.10
C LEU A 800 7.56 -13.36 -1.40
N LEU A 801 8.42 -12.49 -1.90
CA LEU A 801 8.56 -11.15 -1.35
C LEU A 801 8.20 -10.17 -2.45
N ILE A 802 7.14 -9.40 -2.25
CA ILE A 802 6.68 -8.40 -3.21
C ILE A 802 7.17 -7.03 -2.78
N LEU A 803 7.90 -6.36 -3.64
CA LEU A 803 8.40 -5.01 -3.39
C LEU A 803 7.68 -4.07 -4.33
N HIS A 804 7.31 -2.89 -3.85
CA HIS A 804 6.65 -1.98 -4.77
C HIS A 804 6.80 -0.55 -4.30
N GLY A 805 7.15 0.34 -5.22
CA GLY A 805 7.11 1.76 -4.94
C GLY A 805 5.69 2.27 -5.01
N PHE A 806 5.26 2.94 -3.95
CA PHE A 806 3.85 3.30 -3.79
C PHE A 806 3.38 4.34 -4.80
N LEU A 807 4.23 5.29 -5.15
CA LEU A 807 3.81 6.40 -5.99
C LEU A 807 4.04 6.14 -7.45
N ASP A 808 4.01 4.87 -7.87
CA ASP A 808 4.42 4.52 -9.21
C ASP A 808 3.47 5.06 -10.26
N GLU A 809 4.04 5.56 -11.35
CA GLU A 809 3.25 6.02 -12.47
C GLU A 809 3.24 5.04 -13.62
N ASN A 810 4.26 4.19 -13.71
CA ASN A 810 4.40 3.28 -14.84
C ASN A 810 3.77 1.92 -14.56
N VAL A 811 4.33 1.18 -13.61
CA VAL A 811 3.71 -0.05 -13.13
C VAL A 811 3.04 0.28 -11.81
N HIS A 812 1.79 0.70 -11.87
CA HIS A 812 1.08 1.31 -10.75
C HIS A 812 0.96 0.38 -9.57
N PHE A 813 0.72 0.99 -8.42
CA PHE A 813 0.60 0.22 -7.20
C PHE A 813 -0.53 -0.78 -7.24
N PHE A 814 -1.61 -0.48 -7.96
CA PHE A 814 -2.71 -1.38 -8.27
C PHE A 814 -2.27 -2.80 -8.62
N HIS A 815 -1.17 -2.95 -9.36
CA HIS A 815 -0.72 -4.27 -9.77
C HIS A 815 -0.33 -5.12 -8.57
N THR A 816 0.53 -4.60 -7.71
CA THR A 816 0.84 -5.25 -6.44
C THR A 816 -0.40 -5.38 -5.56
N ASN A 817 -1.24 -4.35 -5.53
CA ASN A 817 -2.47 -4.35 -4.75
C ASN A 817 -3.42 -5.46 -5.19
N PHE A 818 -3.60 -5.62 -6.49
CA PHE A 818 -4.47 -6.65 -7.03
C PHE A 818 -3.86 -8.02 -6.84
N LEU A 819 -2.54 -8.11 -6.87
CA LEU A 819 -1.88 -9.37 -6.58
C LEU A 819 -2.14 -9.78 -5.14
N VAL A 820 -1.90 -8.84 -4.21
CA VAL A 820 -2.12 -9.09 -2.79
C VAL A 820 -3.59 -9.42 -2.52
N SER A 821 -4.50 -8.75 -3.22
CA SER A 821 -5.92 -9.08 -3.20
C SER A 821 -6.18 -10.53 -3.58
N GLN A 822 -5.59 -10.98 -4.69
CA GLN A 822 -5.87 -12.34 -5.12
C GLN A 822 -5.13 -13.37 -4.29
N LEU A 823 -4.01 -12.99 -3.69
CA LEU A 823 -3.34 -13.85 -2.71
C LEU A 823 -4.22 -14.03 -1.48
N ILE A 824 -4.81 -12.94 -1.01
CA ILE A 824 -5.76 -12.98 0.10
C ILE A 824 -6.92 -13.91 -0.23
N ARG A 825 -7.49 -13.76 -1.42
CA ARG A 825 -8.64 -14.57 -1.80
C ARG A 825 -8.28 -16.03 -2.01
N ALA A 826 -7.06 -16.32 -2.40
CA ALA A 826 -6.63 -17.72 -2.53
C ALA A 826 -5.99 -18.26 -1.27
N GLY A 827 -5.85 -17.44 -0.24
CA GLY A 827 -5.28 -17.91 1.02
C GLY A 827 -3.82 -18.24 0.93
N LYS A 828 -3.05 -17.43 0.24
CA LYS A 828 -1.65 -17.74 0.08
C LYS A 828 -0.80 -16.70 0.80
N PRO A 829 0.25 -17.11 1.47
CA PRO A 829 1.10 -16.16 2.19
C PRO A 829 1.95 -15.35 1.25
N TYR A 830 2.52 -14.29 1.78
CA TYR A 830 3.50 -13.49 1.07
C TYR A 830 4.30 -12.72 2.11
N GLN A 831 5.18 -11.86 1.61
CA GLN A 831 5.72 -10.74 2.35
C GLN A 831 5.67 -9.56 1.42
N LEU A 832 5.74 -8.36 1.98
CA LEU A 832 5.55 -7.18 1.17
C LEU A 832 6.36 -6.06 1.76
N GLN A 833 6.89 -5.21 0.89
CA GLN A 833 7.67 -4.08 1.33
C GLN A 833 7.23 -2.95 0.44
N ILE A 834 6.99 -1.82 1.04
CA ILE A 834 6.51 -0.68 0.29
C ILE A 834 7.61 0.34 0.32
N TYR A 835 7.75 1.10 -0.74
CA TYR A 835 8.62 2.26 -0.73
C TYR A 835 7.71 3.44 -0.98
N PRO A 836 7.28 4.10 0.09
CA PRO A 836 6.22 5.11 -0.03
C PRO A 836 6.60 6.33 -0.83
N ASN A 837 7.88 6.60 -1.03
CA ASN A 837 8.30 7.78 -1.76
C ASN A 837 8.80 7.47 -3.15
N GLU A 838 9.20 6.23 -3.43
CA GLU A 838 9.87 5.90 -4.66
C GLU A 838 8.84 5.61 -5.73
N ARG A 839 9.04 6.18 -6.91
CA ARG A 839 8.04 6.01 -7.95
C ARG A 839 8.22 4.70 -8.69
N HIS A 840 9.19 4.61 -9.53
CA HIS A 840 9.31 3.36 -10.27
C HIS A 840 10.68 2.76 -10.15
N SER A 841 11.72 3.56 -10.26
CA SER A 841 13.05 3.19 -9.86
C SER A 841 13.25 3.68 -8.44
N ILE A 842 13.94 2.90 -7.63
CA ILE A 842 14.15 3.35 -6.29
C ILE A 842 15.19 4.41 -6.53
N ARG A 843 14.85 5.65 -6.23
CA ARG A 843 15.76 6.75 -6.47
C ARG A 843 16.48 7.21 -5.21
N CYS A 844 15.77 7.29 -4.09
CA CYS A 844 16.40 7.77 -2.87
C CYS A 844 17.42 6.74 -2.37
N PRO A 845 18.63 7.17 -2.06
CA PRO A 845 19.65 6.23 -1.56
C PRO A 845 19.29 5.52 -0.27
N GLU A 846 18.58 6.18 0.64
CA GLU A 846 18.11 5.53 1.87
C GLU A 846 17.18 4.35 1.56
N SER A 847 16.23 4.57 0.65
CA SER A 847 15.34 3.51 0.24
C SER A 847 16.05 2.41 -0.51
N GLY A 848 17.06 2.76 -1.31
CA GLY A 848 17.83 1.72 -1.98
C GLY A 848 18.66 0.89 -1.01
N GLU A 849 19.20 1.53 0.02
CA GLU A 849 19.95 0.80 1.04
C GLU A 849 19.04 -0.14 1.82
N HIS A 850 17.82 0.32 2.11
CA HIS A 850 16.87 -0.57 2.77
C HIS A 850 16.47 -1.72 1.87
N TYR A 851 16.21 -1.43 0.59
CA TYR A 851 15.88 -2.46 -0.38
C TYR A 851 16.95 -3.53 -0.43
N GLU A 852 18.22 -3.13 -0.42
CA GLU A 852 19.26 -4.14 -0.53
C GLU A 852 19.43 -4.90 0.77
N VAL A 853 19.35 -4.24 1.93
CA VAL A 853 19.47 -5.00 3.17
C VAL A 853 18.27 -5.92 3.36
N THR A 854 17.09 -5.53 2.88
CA THR A 854 15.94 -6.42 2.89
C THR A 854 16.16 -7.60 1.97
N LEU A 855 16.81 -7.37 0.82
CA LEU A 855 17.06 -8.46 -0.10
C LEU A 855 18.08 -9.43 0.48
N LEU A 856 19.16 -8.91 1.06
CA LEU A 856 20.16 -9.77 1.68
C LEU A 856 19.58 -10.53 2.86
N HIS A 857 18.80 -9.86 3.71
CA HIS A 857 18.16 -10.53 4.83
C HIS A 857 17.21 -11.63 4.38
N PHE A 858 16.37 -11.33 3.40
CA PHE A 858 15.40 -12.32 2.91
C PHE A 858 16.12 -13.53 2.34
N LEU A 859 17.19 -13.31 1.59
CA LEU A 859 17.95 -14.43 1.06
C LEU A 859 18.67 -15.18 2.16
N GLN A 860 19.34 -14.46 3.06
CA GLN A 860 20.01 -15.03 4.23
C GLN A 860 19.10 -15.97 5.01
N GLU A 861 17.88 -15.53 5.30
CA GLU A 861 17.02 -16.32 6.18
C GLU A 861 16.27 -17.39 5.42
N TYR A 862 15.71 -17.07 4.25
CA TYR A 862 14.74 -17.96 3.65
C TYR A 862 15.24 -18.61 2.38
N LEU A 863 16.44 -18.32 1.94
CA LEU A 863 17.04 -19.08 0.86
C LEU A 863 18.21 -19.89 1.39
N PHE B 1079 71.85 24.49 -5.26
CA PHE B 1079 71.95 23.16 -4.67
C PHE B 1079 73.20 23.02 -3.80
N TRP B 1080 73.26 21.93 -3.04
CA TRP B 1080 74.44 21.64 -2.24
C TRP B 1080 75.38 20.72 -3.01
N GLY B 1081 75.65 21.09 -4.26
CA GLY B 1081 76.41 20.28 -5.17
C GLY B 1081 77.91 20.46 -5.02
N PRO B 1082 78.62 20.50 -6.14
CA PRO B 1082 80.09 20.69 -6.10
C PRO B 1082 80.53 22.02 -5.50
N THR B 1083 79.67 23.03 -5.48
CA THR B 1083 79.98 24.30 -4.83
C THR B 1083 79.86 24.25 -3.32
N GLY B 1084 79.01 23.39 -2.79
CA GLY B 1084 78.67 23.43 -1.39
C GLY B 1084 77.30 24.05 -1.20
N PRO B 1085 76.98 24.46 0.04
CA PRO B 1085 75.64 25.02 0.34
C PRO B 1085 75.32 26.35 -0.35
N VAL B 1086 74.48 26.30 -1.37
CA VAL B 1086 73.96 27.49 -2.04
C VAL B 1086 72.58 27.81 -1.48
N ALA B 1087 72.41 29.02 -0.97
CA ALA B 1087 71.15 29.44 -0.35
C ALA B 1087 70.11 29.69 -1.44
N THR B 1088 69.00 28.98 -1.37
CA THR B 1088 67.96 29.09 -2.38
C THR B 1088 67.17 30.38 -2.19
N GLU B 1089 67.06 31.17 -3.26
CA GLU B 1089 66.33 32.43 -3.19
C GLU B 1089 64.83 32.19 -3.15
N VAL B 1090 64.21 32.54 -2.03
CA VAL B 1090 62.76 32.53 -1.85
C VAL B 1090 62.25 33.94 -2.11
N VAL B 1091 61.24 34.07 -2.97
CA VAL B 1091 60.71 35.39 -3.25
C VAL B 1091 59.49 35.66 -2.37
N ASP B 1092 58.75 34.61 -2.02
CA ASP B 1092 57.58 34.75 -1.15
C ASP B 1092 57.30 33.39 -0.52
N LYS B 1093 57.06 33.40 0.80
CA LYS B 1093 56.68 32.19 1.52
C LYS B 1093 55.32 31.67 1.08
N GLU B 1094 54.42 32.56 0.65
CA GLU B 1094 53.03 32.17 0.44
C GLU B 1094 52.83 31.33 -0.82
N LYS B 1095 53.60 31.59 -1.87
CA LYS B 1095 53.36 30.98 -3.17
C LYS B 1095 54.33 29.85 -3.50
N ASN B 1096 55.16 29.44 -2.53
CA ASN B 1096 56.23 28.42 -2.58
C ASN B 1096 57.13 28.53 -3.82
N LEU B 1097 57.51 29.75 -4.16
CA LEU B 1097 58.42 29.99 -5.28
C LEU B 1097 59.85 30.06 -4.77
N TYR B 1098 60.76 29.43 -5.51
CA TYR B 1098 62.16 29.34 -5.17
C TYR B 1098 62.98 29.62 -6.41
N ARG B 1099 64.27 29.90 -6.20
CA ARG B 1099 65.22 30.19 -7.26
C ARG B 1099 66.60 29.83 -6.79
N VAL B 1100 67.49 29.49 -7.74
CA VAL B 1100 68.93 29.51 -7.51
C VAL B 1100 69.58 29.91 -8.82
N HIS B 1101 70.82 30.38 -8.72
CA HIS B 1101 71.76 30.43 -9.83
C HIS B 1101 72.89 29.48 -9.51
N PHE B 1102 73.11 28.47 -10.34
CA PHE B 1102 74.03 27.40 -9.91
C PHE B 1102 75.22 27.33 -10.86
N PRO B 1103 76.43 27.68 -10.41
CA PRO B 1103 77.53 27.94 -11.35
C PRO B 1103 78.27 26.74 -11.91
N VAL B 1104 78.32 25.59 -11.24
CA VAL B 1104 79.15 24.50 -11.74
C VAL B 1104 78.32 23.45 -12.46
N ALA B 1105 79.03 22.56 -13.15
CA ALA B 1105 78.44 21.39 -13.80
C ALA B 1105 77.93 20.39 -12.78
N GLY B 1106 76.98 19.55 -13.23
CA GLY B 1106 76.25 18.59 -12.43
C GLY B 1106 75.49 19.27 -11.30
N SER B 1107 75.21 18.51 -10.24
CA SER B 1107 74.56 18.94 -9.00
C SER B 1107 74.51 17.75 -8.05
N TYR B 1108 74.08 18.04 -6.81
CA TYR B 1108 73.76 17.02 -5.82
C TYR B 1108 72.35 17.33 -5.33
N ARG B 1109 71.66 16.28 -4.86
CA ARG B 1109 70.26 16.34 -4.47
C ARG B 1109 69.98 17.38 -3.38
N TRP B 1110 68.90 18.17 -3.57
CA TRP B 1110 68.55 19.08 -2.48
C TRP B 1110 67.93 18.28 -1.35
N PRO B 1111 68.41 18.45 -0.11
CA PRO B 1111 68.13 17.46 0.94
C PRO B 1111 66.72 17.50 1.53
N ASN B 1112 65.88 18.45 1.15
CA ASN B 1112 64.54 18.52 1.74
C ASN B 1112 63.69 17.30 1.39
N THR B 1113 63.74 16.85 0.15
CA THR B 1113 63.01 15.66 -0.28
C THR B 1113 63.81 14.77 -1.21
N GLY B 1114 64.92 15.25 -1.76
CA GLY B 1114 65.66 14.49 -2.75
C GLY B 1114 65.43 14.89 -4.19
N LEU B 1115 64.72 16.01 -4.43
CA LEU B 1115 64.62 16.55 -5.78
C LEU B 1115 66.01 16.96 -6.27
N CYS B 1116 66.30 16.64 -7.53
CA CYS B 1116 67.58 17.07 -8.07
C CYS B 1116 67.55 17.19 -9.58
N PHE B 1117 68.16 18.22 -10.10
CA PHE B 1117 68.32 18.38 -11.53
C PHE B 1117 69.81 18.55 -11.78
N VAL B 1118 70.31 17.89 -12.81
CA VAL B 1118 71.70 18.05 -13.25
C VAL B 1118 71.81 18.50 -14.70
N MET B 1119 72.70 19.47 -14.91
CA MET B 1119 72.96 20.15 -16.18
C MET B 1119 74.47 20.38 -16.25
N ARG B 1120 74.92 21.25 -17.17
CA ARG B 1120 76.33 21.42 -17.45
C ARG B 1120 76.92 22.76 -17.06
N GLU B 1121 76.13 23.85 -17.02
CA GLU B 1121 76.74 25.17 -17.05
C GLU B 1121 76.03 26.14 -16.11
N ALA B 1122 76.74 27.23 -15.82
CA ALA B 1122 76.32 28.29 -14.91
C ALA B 1122 75.11 29.07 -15.41
N VAL B 1123 73.92 28.82 -14.85
CA VAL B 1123 72.70 29.48 -15.29
C VAL B 1123 71.78 29.74 -14.11
N THR B 1124 70.79 30.59 -14.38
CA THR B 1124 69.66 30.86 -13.52
C THR B 1124 68.59 29.78 -13.68
N VAL B 1125 67.97 29.37 -12.57
CA VAL B 1125 66.76 28.55 -12.62
C VAL B 1125 65.79 29.10 -11.57
N GLU B 1126 64.51 29.20 -11.95
CA GLU B 1126 63.40 29.36 -11.04
C GLU B 1126 62.55 28.10 -10.93
N ILE B 1127 62.02 27.84 -9.74
CA ILE B 1127 61.25 26.63 -9.47
C ILE B 1127 59.99 27.10 -8.75
N GLU B 1128 58.86 26.51 -9.07
CA GLU B 1128 57.66 26.56 -8.25
C GLU B 1128 57.30 25.14 -7.83
N PHE B 1129 56.63 25.01 -6.69
CA PHE B 1129 55.98 23.74 -6.35
C PHE B 1129 54.49 23.86 -6.63
N CYS B 1130 54.08 23.49 -7.85
CA CYS B 1130 52.66 23.55 -8.18
C CYS B 1130 51.91 22.47 -7.43
N VAL B 1131 50.68 22.78 -7.07
CA VAL B 1131 49.92 21.96 -6.15
C VAL B 1131 48.73 21.30 -6.86
N TRP B 1132 48.54 20.01 -6.57
CA TRP B 1132 47.71 19.10 -7.34
C TRP B 1132 46.21 19.38 -7.24
N ASP B 1133 45.73 19.79 -6.05
CA ASP B 1133 44.30 20.07 -5.78
C ASP B 1133 43.59 20.86 -6.87
N GLN B 1134 44.25 21.83 -7.53
CA GLN B 1134 43.48 22.61 -8.50
C GLN B 1134 43.79 22.10 -9.89
N PHE B 1135 44.56 21.01 -9.93
CA PHE B 1135 45.07 20.47 -11.17
C PHE B 1135 44.55 19.06 -11.37
N LEU B 1136 44.27 18.36 -10.27
CA LEU B 1136 43.66 17.05 -10.29
C LEU B 1136 42.15 17.10 -10.17
N GLY B 1137 41.57 18.24 -9.77
CA GLY B 1137 40.13 18.40 -9.89
C GLY B 1137 39.71 18.62 -11.33
N GLU B 1138 40.66 18.96 -12.19
CA GLU B 1138 40.47 19.04 -13.62
C GLU B 1138 40.56 17.68 -14.28
N ILE B 1139 40.99 16.66 -13.55
CA ILE B 1139 41.20 15.32 -14.10
C ILE B 1139 40.21 14.37 -13.43
N ASN B 1140 39.61 13.50 -14.23
CA ASN B 1140 38.30 12.97 -13.89
C ASN B 1140 38.34 11.78 -12.94
N PRO B 1141 39.20 10.74 -13.13
CA PRO B 1141 39.35 9.78 -12.04
C PRO B 1141 40.44 10.27 -11.10
N GLN B 1142 40.11 11.28 -10.29
CA GLN B 1142 41.10 11.92 -9.45
C GLN B 1142 41.59 11.00 -8.34
N HIS B 1143 40.68 10.24 -7.74
CA HIS B 1143 41.05 9.34 -6.65
C HIS B 1143 41.59 8.01 -7.16
N SER B 1144 41.53 7.77 -8.48
CA SER B 1144 42.09 6.54 -9.03
C SER B 1144 43.61 6.55 -8.99
N TRP B 1145 44.23 7.68 -9.34
CA TRP B 1145 45.67 7.73 -9.36
C TRP B 1145 46.23 8.04 -7.99
N MET B 1146 47.53 7.85 -7.86
CA MET B 1146 48.24 8.06 -6.59
C MET B 1146 49.40 9.01 -6.83
N VAL B 1147 49.44 10.07 -6.04
CA VAL B 1147 50.49 11.05 -6.13
C VAL B 1147 51.76 10.53 -5.48
N ALA B 1148 52.87 10.59 -6.22
CA ALA B 1148 54.16 10.12 -5.73
C ALA B 1148 55.13 11.26 -5.44
N GLY B 1149 54.64 12.46 -5.18
CA GLY B 1149 55.55 13.56 -4.95
C GLY B 1149 55.05 14.97 -5.25
N PRO B 1150 56.00 15.90 -5.43
CA PRO B 1150 55.74 17.33 -5.24
C PRO B 1150 55.00 18.10 -6.33
N LEU B 1151 55.17 17.73 -7.61
CA LEU B 1151 54.75 18.52 -8.78
C LEU B 1151 55.46 19.88 -8.79
N LEU B 1152 56.76 19.82 -9.04
CA LEU B 1152 57.55 21.03 -9.17
C LEU B 1152 57.58 21.43 -10.64
N ASP B 1153 57.30 22.72 -10.89
CA ASP B 1153 57.49 23.34 -12.18
C ASP B 1153 58.86 24.01 -12.18
N ILE B 1154 59.55 23.95 -13.31
CA ILE B 1154 60.84 24.59 -13.46
C ILE B 1154 60.75 25.61 -14.58
N LYS B 1155 61.07 26.86 -14.24
CA LYS B 1155 61.19 27.96 -15.17
C LYS B 1155 62.69 28.15 -15.40
N ALA B 1156 63.20 27.35 -16.33
CA ALA B 1156 64.55 27.48 -16.85
C ALA B 1156 64.47 27.78 -18.34
N GLU B 1157 65.62 28.07 -18.92
CA GLU B 1157 65.71 28.26 -20.35
C GLU B 1157 65.57 26.91 -21.05
N PRO B 1158 65.01 26.87 -22.26
CA PRO B 1158 64.74 25.58 -22.90
C PRO B 1158 66.00 24.88 -23.38
N GLY B 1159 66.06 23.56 -23.12
CA GLY B 1159 67.10 22.70 -23.61
C GLY B 1159 68.32 22.58 -22.73
N ALA B 1160 68.50 23.47 -21.76
CA ALA B 1160 69.72 23.47 -20.96
C ALA B 1160 69.61 22.68 -19.66
N VAL B 1161 68.47 22.03 -19.39
CA VAL B 1161 68.36 21.05 -18.32
C VAL B 1161 68.46 19.68 -18.97
N GLU B 1162 69.35 18.83 -18.47
CA GLU B 1162 69.55 17.54 -19.10
C GLU B 1162 69.16 16.33 -18.26
N ALA B 1163 68.95 16.47 -16.96
CA ALA B 1163 68.25 15.42 -16.22
C ALA B 1163 67.52 16.05 -15.05
N VAL B 1164 66.34 15.53 -14.77
CA VAL B 1164 65.57 15.88 -13.58
C VAL B 1164 65.21 14.60 -12.83
N HIS B 1165 65.32 14.68 -11.50
CA HIS B 1165 65.11 13.61 -10.54
C HIS B 1165 63.97 14.11 -9.65
N LEU B 1166 62.79 13.55 -9.84
CA LEU B 1166 61.70 13.83 -8.92
C LEU B 1166 61.66 12.79 -7.81
N PRO B 1167 61.42 13.21 -6.56
CA PRO B 1167 61.45 12.26 -5.43
C PRO B 1167 60.25 11.33 -5.36
N HIS B 1168 60.31 10.22 -6.10
CA HIS B 1168 59.33 9.16 -5.97
C HIS B 1168 59.44 8.46 -4.62
N PHE B 1169 58.28 8.11 -4.03
CA PHE B 1169 58.23 7.34 -2.79
C PHE B 1169 58.76 5.94 -3.02
N VAL B 1170 59.30 5.29 -1.99
CA VAL B 1170 59.90 3.97 -2.21
C VAL B 1170 58.80 2.92 -2.31
N ALA B 1171 58.88 2.10 -3.36
CA ALA B 1171 58.09 0.88 -3.43
C ALA B 1171 58.86 -0.31 -3.97
N LEU B 1172 59.99 -0.09 -4.67
CA LEU B 1172 60.78 -1.20 -5.22
C LEU B 1172 61.36 -2.12 -4.14
N GLN B 1173 61.50 -1.64 -2.91
CA GLN B 1173 61.83 -2.49 -1.77
C GLN B 1173 60.80 -3.60 -1.57
N GLY B 1174 59.53 -3.32 -1.85
CA GLY B 1174 58.49 -4.31 -1.83
C GLY B 1174 58.33 -4.97 -3.17
N GLY B 1175 57.18 -5.62 -3.35
CA GLY B 1175 56.85 -6.18 -4.65
C GLY B 1175 55.59 -5.57 -5.24
N HIS B 1176 55.13 -6.13 -6.35
CA HIS B 1176 53.89 -5.81 -7.07
C HIS B 1176 53.84 -4.38 -7.60
N VAL B 1177 54.93 -3.63 -7.55
CA VAL B 1177 55.02 -2.31 -8.15
C VAL B 1177 56.01 -2.40 -9.31
N ASP B 1178 55.53 -2.10 -10.51
CA ASP B 1178 56.31 -2.30 -11.71
C ASP B 1178 56.98 -1.01 -12.16
N THR B 1179 58.12 -1.17 -12.84
CA THR B 1179 58.81 -0.06 -13.48
C THR B 1179 58.30 0.20 -14.89
N SER B 1180 57.63 -0.77 -15.50
CA SER B 1180 57.00 -0.60 -16.80
C SER B 1180 55.55 -0.14 -16.67
N LEU B 1181 55.10 0.11 -15.45
CA LEU B 1181 53.76 0.58 -15.17
C LEU B 1181 53.71 2.09 -15.00
N PHE B 1182 54.81 2.68 -14.53
CA PHE B 1182 54.86 4.10 -14.20
C PHE B 1182 54.61 5.01 -15.39
N GLN B 1183 53.77 6.02 -15.17
CA GLN B 1183 53.45 7.02 -16.17
C GLN B 1183 53.47 8.39 -15.51
N MET B 1184 53.92 9.39 -16.26
CA MET B 1184 54.41 10.66 -15.74
C MET B 1184 53.41 11.77 -16.05
N ALA B 1185 53.19 12.65 -15.07
CA ALA B 1185 52.25 13.75 -15.17
C ALA B 1185 52.96 15.04 -15.58
N HIS B 1186 52.81 15.45 -16.83
CA HIS B 1186 53.23 16.77 -17.29
C HIS B 1186 51.97 17.56 -17.63
N PHE B 1187 51.67 18.56 -16.82
CA PHE B 1187 50.46 19.34 -17.06
C PHE B 1187 50.67 20.36 -18.16
N LYS B 1188 49.57 20.72 -18.82
CA LYS B 1188 49.50 21.88 -19.68
C LYS B 1188 48.16 22.54 -19.44
N GLU B 1189 48.03 23.76 -19.97
CA GLU B 1189 46.72 24.38 -20.13
C GLU B 1189 45.81 23.54 -20.99
N GLU B 1190 46.40 22.79 -21.93
CA GLU B 1190 45.67 21.81 -22.70
C GLU B 1190 45.15 20.67 -21.82
N GLY B 1191 45.98 20.17 -20.91
CA GLY B 1191 45.56 19.03 -20.13
C GLY B 1191 46.73 18.21 -19.62
N MET B 1192 46.39 17.11 -18.97
CA MET B 1192 47.39 16.17 -18.50
C MET B 1192 47.99 15.37 -19.65
N LEU B 1193 49.32 15.40 -19.75
CA LEU B 1193 50.06 14.47 -20.57
C LEU B 1193 50.67 13.40 -19.67
N LEU B 1194 50.38 12.15 -19.95
CA LEU B 1194 50.99 11.03 -19.25
C LEU B 1194 52.15 10.51 -20.09
N GLU B 1195 53.27 11.21 -19.97
CA GLU B 1195 54.50 10.82 -20.65
C GLU B 1195 55.19 9.71 -19.86
N LYS B 1196 55.70 8.71 -20.58
CA LYS B 1196 56.44 7.66 -19.92
C LYS B 1196 57.79 8.16 -19.45
N PRO B 1197 58.15 7.96 -18.18
CA PRO B 1197 59.45 8.41 -17.68
C PRO B 1197 60.59 7.58 -18.25
N ALA B 1198 61.80 8.09 -18.07
CA ALA B 1198 63.00 7.34 -18.44
C ALA B 1198 63.24 6.16 -17.51
N ARG B 1199 63.47 6.43 -16.23
CA ARG B 1199 63.85 5.38 -15.29
C ARG B 1199 63.56 5.86 -13.88
N VAL B 1200 63.29 4.90 -13.00
CA VAL B 1200 62.94 5.16 -11.60
C VAL B 1200 64.06 4.64 -10.69
N GLU B 1201 64.54 5.51 -9.80
CA GLU B 1201 65.49 5.11 -8.78
C GLU B 1201 64.76 4.54 -7.56
N LEU B 1202 65.52 4.27 -6.51
CA LEU B 1202 64.92 3.88 -5.24
C LEU B 1202 64.10 5.02 -4.64
N HIS B 1203 64.49 6.26 -4.89
CA HIS B 1203 63.79 7.42 -4.34
C HIS B 1203 63.70 8.56 -5.35
N HIS B 1204 63.93 8.30 -6.64
CA HIS B 1204 63.96 9.35 -7.64
C HIS B 1204 63.43 8.80 -8.97
N ILE B 1205 63.06 9.70 -9.86
CA ILE B 1205 62.79 9.36 -11.25
C ILE B 1205 63.55 10.35 -12.13
N VAL B 1206 64.20 9.85 -13.16
CA VAL B 1206 65.00 10.69 -14.05
C VAL B 1206 64.22 10.89 -15.34
N LEU B 1207 64.37 12.07 -15.92
CA LEU B 1207 63.94 12.30 -17.29
C LEU B 1207 65.10 12.74 -18.16
N GLU B 1208 64.84 12.78 -19.46
CA GLU B 1208 65.83 13.14 -20.47
C GLU B 1208 65.80 14.66 -20.70
N ASN B 1209 66.40 15.06 -21.82
CA ASN B 1209 66.67 16.48 -22.09
C ASN B 1209 65.42 17.36 -22.20
N PRO B 1210 64.30 16.98 -22.90
CA PRO B 1210 63.10 17.81 -22.81
C PRO B 1210 62.40 17.72 -21.46
N SER B 1211 62.93 18.41 -20.44
CA SER B 1211 62.28 18.52 -19.14
C SER B 1211 61.50 19.83 -19.09
N PHE B 1212 60.27 19.79 -19.57
CA PHE B 1212 59.43 20.98 -19.59
C PHE B 1212 58.89 21.31 -18.21
CA SER C 1 53.84 23.42 -17.91
C SER C 1 54.52 22.77 -16.72
N PRO C 2 53.75 22.52 -15.65
CA PRO C 2 54.32 21.85 -14.47
C PRO C 2 54.74 20.42 -14.79
N LEU C 3 55.86 20.01 -14.20
CA LEU C 3 56.33 18.65 -14.30
C LEU C 3 55.97 17.92 -13.02
N GLY C 4 55.71 16.62 -13.13
CA GLY C 4 55.25 15.88 -11.98
C GLY C 4 55.72 14.44 -11.98
N VAL C 5 55.48 13.81 -10.83
CA VAL C 5 55.94 12.48 -10.50
C VAL C 5 55.08 11.43 -11.18
N LEU C 6 55.44 10.17 -11.02
CA LEU C 6 54.63 9.08 -11.51
C LEU C 6 53.26 9.05 -10.81
N LEU C 7 52.24 8.68 -11.58
CA LEU C 7 50.86 8.61 -11.10
C LEU C 7 50.23 7.38 -11.74
N LYS C 8 50.17 6.27 -11.00
CA LYS C 8 49.59 5.06 -11.58
C LYS C 8 49.12 4.10 -10.50
N MET C 9 47.85 3.72 -10.56
CA MET C 9 47.34 2.53 -9.89
C MET C 9 46.41 1.82 -10.86
N ILE C 10 46.64 0.52 -11.06
CA ILE C 10 45.88 -0.24 -12.05
C ILE C 10 44.47 -0.49 -11.53
N HIS C 11 43.48 -0.39 -12.43
CA HIS C 11 42.09 -0.62 -12.05
C HIS C 11 41.84 -2.06 -11.63
N ASN C 12 42.52 -3.03 -12.24
CA ASN C 12 42.09 -4.43 -12.16
C ASN C 12 42.33 -5.05 -10.79
N ALA C 13 43.08 -4.40 -9.91
CA ALA C 13 43.30 -4.88 -8.57
C ALA C 13 43.77 -3.72 -7.72
N LEU C 14 43.24 -3.62 -6.50
CA LEU C 14 43.79 -2.66 -5.55
C LEU C 14 45.08 -3.23 -4.97
N ARG C 15 46.12 -2.41 -4.95
CA ARG C 15 47.43 -2.91 -4.60
C ARG C 15 47.94 -2.43 -3.25
N PHE C 16 47.49 -1.27 -2.79
CA PHE C 16 48.07 -0.57 -1.64
C PHE C 16 49.57 -0.40 -1.80
N ILE C 17 49.97 0.47 -2.72
CA ILE C 17 51.40 0.73 -2.91
C ILE C 17 51.96 1.39 -1.65
N PRO C 18 53.04 0.89 -1.08
CA PRO C 18 53.60 1.50 0.13
C PRO C 18 54.24 2.84 -0.16
N VAL C 19 54.38 3.63 0.90
CA VAL C 19 54.78 5.03 0.82
C VAL C 19 55.91 5.25 1.83
N THR C 20 56.68 6.32 1.59
CA THR C 20 57.90 6.62 2.33
C THR C 20 57.57 7.54 3.53
N SER C 21 56.35 7.44 4.05
CA SER C 21 55.74 8.44 4.91
C SER C 21 56.44 8.57 6.26
N VAL C 22 56.07 9.64 6.96
CA VAL C 22 56.59 9.94 8.29
C VAL C 22 55.56 10.84 8.98
N VAL C 23 55.37 10.61 10.26
CA VAL C 23 54.43 11.38 11.06
C VAL C 23 55.23 12.53 11.69
N LEU C 24 54.51 13.57 12.12
CA LEU C 24 55.14 14.74 12.72
C LEU C 24 54.49 15.10 14.05
N LEU C 25 55.30 15.56 14.99
CA LEU C 25 54.81 15.94 16.31
C LEU C 25 55.07 17.42 16.59
N TYR C 26 54.05 18.11 17.06
CA TYR C 26 54.16 19.53 17.38
C TYR C 26 54.06 19.74 18.88
N HIS C 27 55.02 20.47 19.44
CA HIS C 27 55.05 20.73 20.87
C HIS C 27 54.59 22.14 21.18
N ARG C 28 54.35 22.40 22.46
CA ARG C 28 54.15 23.74 22.97
C ARG C 28 55.11 23.99 24.12
N VAL C 29 55.50 25.26 24.30
CA VAL C 29 56.38 25.65 25.39
C VAL C 29 55.71 26.71 26.26
N HIS C 30 55.17 27.75 25.61
CA HIS C 30 54.59 28.87 26.35
C HIS C 30 53.30 28.55 27.12
N PRO C 31 52.20 27.96 26.50
CA PRO C 31 50.88 28.04 27.15
C PRO C 31 50.70 27.25 28.44
N GLU C 32 49.47 27.30 28.97
CA GLU C 32 49.17 26.72 30.28
C GLU C 32 49.31 25.20 30.27
N GLU C 33 48.94 24.55 29.17
CA GLU C 33 49.03 23.11 29.01
C GLU C 33 49.68 22.80 27.67
N VAL C 34 49.91 21.51 27.41
CA VAL C 34 50.70 21.07 26.26
C VAL C 34 49.88 20.08 25.41
N THR C 35 49.86 20.33 24.11
CA THR C 35 49.10 19.56 23.12
C THR C 35 50.03 19.13 22.00
N PHE C 36 50.11 17.84 21.76
CA PHE C 36 50.80 17.32 20.59
C PHE C 36 49.79 17.21 19.45
N HIS C 37 50.26 17.36 18.22
CA HIS C 37 49.46 17.08 17.04
C HIS C 37 50.24 16.09 16.20
N LEU C 38 49.67 14.90 15.98
CA LEU C 38 50.32 13.88 15.16
C LEU C 38 49.74 13.86 13.74
N TYR C 39 50.55 14.28 12.77
CA TYR C 39 50.18 14.35 11.36
C TYR C 39 50.63 13.08 10.64
N LEU C 40 49.72 12.12 10.48
CA LEU C 40 50.02 10.90 9.74
C LEU C 40 49.98 11.27 8.26
N ILE C 41 51.13 11.64 7.73
CA ILE C 41 51.24 12.24 6.41
C ILE C 41 52.36 11.54 5.64
N PRO C 42 52.39 11.69 4.30
CA PRO C 42 53.59 11.31 3.54
C PRO C 42 54.81 12.19 3.80
N SER C 43 55.85 11.97 3.00
CA SER C 43 57.17 12.58 3.24
C SER C 43 57.57 13.56 2.14
N ASP C 44 56.64 14.42 1.74
CA ASP C 44 56.91 15.43 0.74
C ASP C 44 57.24 16.75 1.41
N CYS C 45 58.19 17.49 0.83
CA CYS C 45 58.59 18.79 1.35
C CYS C 45 57.44 19.80 1.29
N SER C 46 56.57 19.66 0.29
CA SER C 46 55.43 20.57 0.15
C SER C 46 54.42 20.34 1.26
N ILE C 47 54.20 19.09 1.64
CA ILE C 47 53.33 18.80 2.76
C ILE C 47 53.97 19.26 4.07
N ARG C 48 55.27 19.03 4.23
CA ARG C 48 55.99 19.57 5.39
C ARG C 48 55.97 21.09 5.48
N LYS C 49 56.13 21.79 4.35
CA LYS C 49 56.02 23.24 4.41
C LYS C 49 54.59 23.73 4.69
N ALA C 50 53.57 23.01 4.21
CA ALA C 50 52.20 23.35 4.57
C ALA C 50 51.94 23.20 6.07
N ILE C 51 52.46 22.11 6.64
CA ILE C 51 52.33 21.90 8.08
C ILE C 51 53.15 22.93 8.85
N ASP C 52 54.38 23.20 8.41
CA ASP C 52 55.21 24.24 9.01
C ASP C 52 54.56 25.62 9.06
N ASP C 53 53.98 26.10 7.95
CA ASP C 53 53.30 27.40 7.98
C ASP C 53 52.09 27.43 8.92
N LEU C 54 51.25 26.39 8.86
CA LEU C 54 50.08 26.27 9.73
C LEU C 54 50.42 26.15 11.23
N GLU C 55 51.41 25.32 11.56
CA GLU C 55 51.87 25.16 12.95
C GLU C 55 52.61 26.40 13.45
N MET C 56 53.39 27.05 12.57
CA MET C 56 54.00 28.33 12.91
C MET C 56 52.96 29.38 13.26
N LYS C 57 51.84 29.39 12.53
CA LYS C 57 50.73 30.28 12.87
C LYS C 57 50.08 29.87 14.19
N PHE C 58 50.05 28.57 14.46
CA PHE C 58 49.45 28.00 15.67
C PHE C 58 50.39 27.98 16.87
N GLN C 59 51.64 28.41 16.70
CA GLN C 59 52.71 28.40 17.71
C GLN C 59 53.08 26.96 18.12
N PHE C 60 53.37 26.14 17.12
CA PHE C 60 53.87 24.79 17.33
C PHE C 60 55.22 24.61 16.65
N VAL C 61 56.09 23.82 17.28
CA VAL C 61 57.43 23.54 16.75
C VAL C 61 57.65 22.03 16.69
N ARG C 62 58.21 21.57 15.57
CA ARG C 62 58.57 20.18 15.38
C ARG C 62 59.94 19.87 15.96
N ILE C 63 60.04 18.75 16.68
CA ILE C 63 61.31 18.17 17.10
C ILE C 63 61.53 16.92 16.27
N HIS C 64 62.74 16.77 15.74
CA HIS C 64 63.08 15.62 14.89
C HIS C 64 63.09 14.36 15.74
N LYS C 65 62.11 13.51 15.53
CA LYS C 65 61.92 12.23 16.21
C LYS C 65 62.38 11.10 15.31
N PRO C 66 62.57 9.89 15.86
CA PRO C 66 62.91 8.73 15.01
C PRO C 66 61.84 8.44 13.98
N PRO C 67 62.20 8.46 12.70
CA PRO C 67 61.23 8.17 11.64
C PRO C 67 60.93 6.69 11.57
N PRO C 68 59.88 6.28 10.84
CA PRO C 68 59.67 4.85 10.56
C PRO C 68 60.84 4.26 9.79
N LEU C 69 61.12 2.99 10.07
CA LEU C 69 62.20 2.27 9.41
C LEU C 69 61.73 1.47 8.20
N THR C 70 60.43 1.39 7.96
CA THR C 70 59.92 0.54 6.91
C THR C 70 58.85 1.26 6.10
N PRO C 71 58.70 0.90 4.82
CA PRO C 71 57.52 1.34 4.06
C PRO C 71 56.24 0.78 4.65
N LEU C 72 55.15 1.50 4.43
CA LEU C 72 53.88 1.19 5.04
C LEU C 72 52.75 1.71 4.16
N TYR C 73 51.65 0.97 4.17
CA TYR C 73 50.64 1.02 3.11
C TYR C 73 49.85 2.32 3.17
N MET C 74 49.66 2.95 2.02
CA MET C 74 48.80 4.12 1.91
C MET C 74 47.35 3.79 2.25
N GLY C 75 46.63 4.77 2.80
CA GLY C 75 45.19 4.65 2.96
C GLY C 75 44.66 3.72 4.04
N CYS C 76 45.51 2.81 4.54
CA CYS C 76 45.08 1.83 5.52
C CYS C 76 44.80 2.48 6.87
N ARG C 77 44.06 1.74 7.70
CA ARG C 77 43.70 2.18 9.04
C ARG C 77 44.87 1.89 9.97
N TYR C 78 45.40 2.94 10.63
CA TYR C 78 46.52 2.79 11.56
C TYR C 78 46.08 3.34 12.91
N THR C 79 45.73 2.46 13.85
CA THR C 79 45.45 2.86 15.23
C THR C 79 46.62 3.58 15.90
N VAL C 80 46.31 4.67 16.59
CA VAL C 80 47.33 5.42 17.31
C VAL C 80 47.12 5.13 18.79
N SER C 81 48.21 4.78 19.47
CA SER C 81 48.22 4.51 20.90
C SER C 81 49.48 5.12 21.52
N GLY C 82 49.86 4.62 22.69
CA GLY C 82 50.85 5.23 23.55
C GLY C 82 50.78 4.70 24.96
N SER C 83 51.95 4.61 25.60
CA SER C 83 51.98 4.25 27.01
C SER C 83 51.42 5.38 27.86
N GLY C 84 51.59 6.61 27.41
CA GLY C 84 50.90 7.72 28.01
C GLY C 84 49.52 7.94 27.45
N SER C 85 49.08 7.14 26.49
CA SER C 85 47.70 7.22 26.03
C SER C 85 46.78 6.55 27.04
N GLY C 86 45.48 6.81 26.87
CA GLY C 86 44.48 6.27 27.81
C GLY C 86 44.31 7.12 29.05
N MET C 87 45.41 7.42 29.76
CA MET C 87 45.37 8.45 30.77
C MET C 87 45.32 9.84 30.14
N LEU C 88 45.91 9.98 28.96
CA LEU C 88 45.90 11.23 28.21
C LEU C 88 45.08 11.01 26.95
N GLU C 89 44.47 12.09 26.45
CA GLU C 89 43.35 11.97 25.54
C GLU C 89 43.82 12.06 24.09
N ILE C 90 44.20 10.91 23.54
CA ILE C 90 44.39 10.79 22.10
C ILE C 90 43.02 10.88 21.43
N LEU C 91 42.89 11.74 20.42
CA LEU C 91 41.53 12.13 20.08
C LEU C 91 40.79 11.12 19.19
N PRO C 92 41.26 10.72 17.95
CA PRO C 92 40.57 9.59 17.30
C PRO C 92 41.28 8.25 17.50
N LYS C 93 40.53 7.16 17.36
CA LYS C 93 41.13 5.84 17.51
C LYS C 93 41.98 5.48 16.29
N GLU C 94 41.35 5.44 15.13
CA GLU C 94 42.00 5.05 13.89
C GLU C 94 42.30 6.29 13.06
N LEU C 95 43.58 6.53 12.79
CA LEU C 95 44.02 7.63 11.96
C LEU C 95 44.23 7.14 10.52
N GLU C 96 44.37 8.10 9.61
CA GLU C 96 44.44 7.79 8.19
C GLU C 96 45.66 8.46 7.56
N LEU C 97 46.32 7.74 6.67
CA LEU C 97 47.54 8.22 6.02
C LEU C 97 47.30 8.86 4.65
N CYS C 98 46.15 8.58 4.02
CA CYS C 98 45.97 8.73 2.57
C CYS C 98 46.16 10.18 2.12
N TYR C 99 46.67 10.33 0.90
CA TYR C 99 47.34 11.56 0.51
C TYR C 99 46.34 12.67 0.25
N ARG C 100 46.62 13.84 0.83
CA ARG C 100 45.86 15.05 0.58
C ARG C 100 46.81 16.17 0.20
N SER C 101 46.25 17.16 -0.48
CA SER C 101 46.99 18.32 -0.95
C SER C 101 47.59 19.12 0.21
N PRO C 102 48.73 19.78 -0.02
CA PRO C 102 49.22 20.77 0.95
C PRO C 102 48.26 21.93 1.21
N GLY C 103 47.38 22.25 0.25
CA GLY C 103 46.55 23.45 0.35
C GLY C 103 45.45 23.41 1.39
N GLU C 104 45.27 22.28 2.06
CA GLU C 104 44.37 22.15 3.19
C GLU C 104 45.17 21.63 4.36
N ASP C 105 44.59 21.72 5.55
CA ASP C 105 45.17 21.06 6.70
C ASP C 105 45.12 19.55 6.50
N GLN C 106 46.16 18.86 6.96
CA GLN C 106 46.25 17.43 6.76
C GLN C 106 45.60 16.70 7.92
N LEU C 107 45.34 15.41 7.71
CA LEU C 107 44.65 14.62 8.73
C LEU C 107 45.58 14.40 9.91
N PHE C 108 45.06 14.63 11.13
CA PHE C 108 45.89 14.56 12.32
C PHE C 108 45.08 13.98 13.47
N SER C 109 45.80 13.39 14.42
CA SER C 109 45.29 13.15 15.76
C SER C 109 45.71 14.25 16.73
N GLU C 110 44.73 14.83 17.43
CA GLU C 110 45.07 15.70 18.54
C GLU C 110 45.50 14.81 19.70
N PHE C 111 46.43 15.32 20.51
CA PHE C 111 46.87 14.58 21.70
C PHE C 111 47.14 15.54 22.84
N TYR C 112 46.19 15.73 23.74
CA TYR C 112 46.47 16.55 24.91
C TYR C 112 47.29 15.74 25.90
N VAL C 113 48.47 16.26 26.24
CA VAL C 113 49.44 15.51 27.03
C VAL C 113 49.60 16.10 28.44
N GLY C 114 49.20 17.36 28.67
CA GLY C 114 49.41 17.91 29.99
C GLY C 114 50.86 18.29 30.18
N HIS C 115 51.59 17.47 30.93
CA HIS C 115 53.03 17.65 31.08
C HIS C 115 53.74 17.09 29.86
N LEU C 116 54.90 17.67 29.52
CA LEU C 116 55.65 17.20 28.35
C LEU C 116 56.94 16.48 28.70
N GLY C 117 57.61 16.87 29.80
CA GLY C 117 58.80 16.19 30.29
C GLY C 117 59.95 16.19 29.28
N SER C 118 60.45 14.99 29.00
CA SER C 118 61.41 14.79 27.94
C SER C 118 61.12 13.55 27.12
N GLY C 119 60.20 12.70 27.54
CA GLY C 119 59.87 11.51 26.78
C GLY C 119 58.66 10.74 27.26
N ILE C 120 57.76 10.45 26.32
CA ILE C 120 56.59 9.60 26.52
C ILE C 120 56.53 8.67 25.31
N ARG C 121 56.31 7.39 25.55
CA ARG C 121 56.07 6.46 24.44
C ARG C 121 54.84 6.84 23.64
N LEU C 122 54.96 6.70 22.32
CA LEU C 122 53.85 6.76 21.38
C LEU C 122 53.78 5.43 20.63
N GLN C 123 52.60 5.12 20.11
CA GLN C 123 52.45 3.91 19.32
C GLN C 123 51.65 4.26 18.07
N VAL C 124 51.95 3.56 16.98
CA VAL C 124 51.05 3.46 15.84
C VAL C 124 51.07 1.99 15.46
N LYS C 125 49.91 1.46 15.09
CA LYS C 125 49.84 0.03 14.90
C LYS C 125 48.84 -0.28 13.80
N ASP C 126 49.26 -1.19 12.91
CA ASP C 126 48.47 -1.53 11.75
C ASP C 126 47.22 -2.28 12.18
N LYS C 127 46.14 -2.13 11.40
CA LYS C 127 44.92 -2.85 11.70
C LYS C 127 44.71 -4.07 10.81
N LYS C 128 45.47 -4.18 9.71
CA LYS C 128 45.46 -5.42 8.94
C LYS C 128 46.01 -6.60 9.74
N ASP C 129 47.21 -6.46 10.32
CA ASP C 129 47.79 -7.60 11.01
C ASP C 129 48.52 -7.26 12.32
N GLU C 130 48.32 -6.04 12.85
CA GLU C 130 48.86 -5.62 14.16
C GLU C 130 50.38 -5.70 14.23
N THR C 131 51.06 -5.36 13.14
CA THR C 131 52.51 -5.28 13.17
C THR C 131 53.00 -3.83 13.39
N LEU C 132 54.01 -3.69 14.24
CA LEU C 132 54.65 -2.41 14.52
C LEU C 132 55.35 -1.87 13.28
N VAL C 133 55.09 -0.60 12.98
CA VAL C 133 55.79 0.09 11.90
C VAL C 133 56.62 1.26 12.40
N TRP C 134 56.35 1.76 13.60
CA TRP C 134 56.95 2.96 14.16
C TRP C 134 56.90 2.92 15.68
N GLU C 135 57.96 3.43 16.30
CA GLU C 135 57.92 3.91 17.66
C GLU C 135 58.90 5.07 17.81
N ALA C 136 58.62 5.97 18.75
CA ALA C 136 59.53 7.06 19.06
C ALA C 136 59.37 7.44 20.52
N LEU C 137 60.49 7.56 21.22
CA LEU C 137 60.47 8.24 22.50
C LEU C 137 60.62 9.74 22.21
N VAL C 138 59.73 10.54 22.76
CA VAL C 138 59.70 11.94 22.35
C VAL C 138 60.68 12.76 23.19
N SER D 1 7.68 -0.30 -19.69
CA SER D 1 8.67 -0.92 -18.82
C SER D 1 10.04 -1.14 -19.48
N PRO D 2 10.86 -0.10 -19.60
CA PRO D 2 12.27 -0.33 -19.97
C PRO D 2 13.24 -0.39 -18.81
N LEU D 3 13.24 -1.48 -18.03
CA LEU D 3 14.21 -1.74 -16.96
C LEU D 3 14.19 -0.65 -15.90
N GLY D 4 13.12 -0.64 -15.11
CA GLY D 4 13.08 0.21 -13.94
C GLY D 4 13.94 -0.29 -12.81
N VAL D 5 15.24 -0.38 -13.06
CA VAL D 5 16.20 -0.88 -12.09
C VAL D 5 16.40 0.07 -10.92
N LEU D 6 16.92 -0.46 -9.82
CA LEU D 6 17.18 0.29 -8.59
C LEU D 6 18.21 1.40 -8.68
N LEU D 7 19.23 1.17 -9.51
CA LEU D 7 20.35 2.11 -9.77
C LEU D 7 21.26 2.33 -8.56
N LYS D 8 21.29 1.36 -7.66
CA LYS D 8 22.12 1.42 -6.47
C LYS D 8 21.93 2.72 -5.70
N MET D 9 23.04 3.34 -5.34
CA MET D 9 23.00 4.57 -4.59
C MET D 9 24.16 5.32 -5.19
N ILE D 10 23.89 6.41 -5.88
CA ILE D 10 24.98 7.16 -6.47
C ILE D 10 25.91 7.82 -5.45
N HIS D 11 25.31 8.29 -4.38
CA HIS D 11 25.99 9.05 -3.33
C HIS D 11 27.14 9.90 -3.88
N ASN D 12 26.79 10.80 -4.78
CA ASN D 12 27.81 11.66 -5.37
C ASN D 12 28.21 12.76 -4.39
N ALA D 13 28.77 12.37 -3.25
CA ALA D 13 28.87 13.28 -2.12
C ALA D 13 30.05 12.81 -1.26
N LEU D 14 31.19 13.48 -1.42
CA LEU D 14 32.40 13.10 -0.72
C LEU D 14 33.35 14.28 -0.78
N ARG D 15 34.44 14.18 -0.01
CA ARG D 15 35.60 15.08 0.02
C ARG D 15 35.28 16.51 0.42
N PHE D 16 34.03 16.80 0.80
CA PHE D 16 33.61 18.14 1.18
C PHE D 16 33.38 18.26 2.68
N ILE D 17 33.04 17.17 3.35
CA ILE D 17 32.97 17.18 4.80
C ILE D 17 34.33 17.45 5.44
N PRO D 18 35.48 17.06 4.85
CA PRO D 18 36.75 17.68 5.28
C PRO D 18 36.79 19.20 5.21
N VAL D 19 36.34 19.82 4.11
CA VAL D 19 36.45 21.26 3.99
C VAL D 19 35.30 21.98 4.70
N THR D 20 34.30 21.24 5.17
CA THR D 20 33.34 21.78 6.13
C THR D 20 33.62 21.32 7.55
N SER D 21 34.69 20.55 7.77
CA SER D 21 35.16 20.33 9.12
C SER D 21 35.91 21.54 9.65
N VAL D 22 36.61 22.26 8.77
CA VAL D 22 37.43 23.39 9.16
C VAL D 22 36.58 24.58 9.60
N VAL D 23 35.37 24.72 9.08
CA VAL D 23 34.48 25.80 9.51
C VAL D 23 33.81 25.47 10.83
N LEU D 24 33.80 24.20 11.24
CA LEU D 24 33.20 23.86 12.52
C LEU D 24 34.01 24.44 13.67
N LEU D 25 33.34 24.53 14.82
CA LEU D 25 33.86 24.99 16.11
C LEU D 25 34.35 26.45 16.02
N TYR D 26 33.39 27.34 15.79
CA TYR D 26 33.67 28.75 15.88
C TYR D 26 33.46 29.22 17.31
N HIS D 27 34.52 29.76 17.91
CA HIS D 27 34.51 30.18 19.30
C HIS D 27 34.69 31.68 19.44
N ARG D 28 33.89 32.26 20.33
CA ARG D 28 33.91 33.69 20.64
C ARG D 28 34.18 33.82 22.12
N VAL D 29 35.26 34.55 22.46
CA VAL D 29 35.77 34.75 23.81
C VAL D 29 35.96 36.25 24.03
N HIS D 30 34.91 36.97 24.43
CA HIS D 30 35.22 38.31 24.95
C HIS D 30 35.38 38.27 26.47
N PRO D 31 34.45 37.68 27.28
CA PRO D 31 34.86 37.23 28.61
C PRO D 31 35.29 35.78 28.54
N GLU D 32 35.58 35.14 29.67
CA GLU D 32 36.00 33.74 29.65
C GLU D 32 34.85 32.80 29.26
N GLU D 33 33.60 33.25 29.35
CA GLU D 33 32.50 32.54 28.70
C GLU D 33 32.70 32.54 27.18
N VAL D 34 32.50 31.38 26.57
CA VAL D 34 32.81 31.17 25.16
C VAL D 34 31.55 30.63 24.49
N THR D 35 31.26 31.12 23.28
CA THR D 35 30.17 30.56 22.49
C THR D 35 30.67 30.01 21.15
N PHE D 36 29.92 29.04 20.60
CA PHE D 36 30.37 28.22 19.48
C PHE D 36 29.30 28.09 18.40
N HIS D 37 29.80 27.92 17.18
CA HIS D 37 29.02 27.70 15.97
C HIS D 37 29.56 26.49 15.21
N LEU D 38 28.69 25.89 14.38
CA LEU D 38 29.03 24.75 13.53
C LEU D 38 28.39 24.92 12.17
N TYR D 39 29.12 24.58 11.10
CA TYR D 39 28.63 24.72 9.73
C TYR D 39 29.01 23.49 8.91
N LEU D 40 28.06 22.98 8.11
CA LEU D 40 28.27 21.77 7.31
C LEU D 40 27.45 21.93 6.03
N ILE D 41 28.10 22.39 4.96
CA ILE D 41 27.43 22.78 3.71
C ILE D 41 28.27 22.45 2.47
N PRO D 42 27.73 21.68 1.53
CA PRO D 42 28.58 20.98 0.57
C PRO D 42 28.90 21.73 -0.73
N SER D 43 29.60 21.01 -1.62
CA SER D 43 29.70 21.16 -3.08
C SER D 43 30.66 22.23 -3.61
N ASP D 44 31.32 23.03 -2.77
CA ASP D 44 32.26 24.02 -3.30
C ASP D 44 33.31 24.37 -2.25
N CYS D 45 34.35 25.06 -2.71
CA CYS D 45 35.43 25.52 -1.85
C CYS D 45 35.51 27.04 -1.73
N SER D 46 34.74 27.78 -2.54
CA SER D 46 34.66 29.23 -2.41
C SER D 46 33.67 29.66 -1.34
N ILE D 47 32.97 28.70 -0.72
CA ILE D 47 32.19 28.99 0.48
C ILE D 47 33.13 29.26 1.66
N ARG D 48 34.33 28.65 1.65
CA ARG D 48 35.18 28.56 2.83
C ARG D 48 35.68 29.92 3.28
N LYS D 49 36.25 30.70 2.35
CA LYS D 49 36.77 32.01 2.72
C LYS D 49 35.66 32.99 3.05
N ALA D 50 34.50 32.86 2.40
CA ALA D 50 33.38 33.73 2.69
C ALA D 50 32.87 33.52 4.10
N ILE D 51 32.65 32.26 4.50
CA ILE D 51 32.17 31.98 5.85
C ILE D 51 33.27 32.25 6.88
N ASP D 52 34.54 32.05 6.50
CA ASP D 52 35.65 32.27 7.41
C ASP D 52 35.83 33.74 7.73
N ASP D 53 35.83 34.59 6.69
CA ASP D 53 35.92 36.02 6.90
C ASP D 53 34.63 36.61 7.45
N LEU D 54 33.50 35.92 7.24
CA LEU D 54 32.26 36.30 7.89
C LEU D 54 32.36 36.18 9.41
N GLU D 55 32.82 35.02 9.89
CA GLU D 55 32.97 34.86 11.33
C GLU D 55 34.16 35.66 11.87
N MET D 56 35.16 35.96 11.03
CA MET D 56 36.20 36.91 11.40
C MET D 56 35.62 38.29 11.64
N LYS D 57 34.72 38.74 10.77
CA LYS D 57 34.10 40.05 10.91
C LYS D 57 33.06 40.06 12.02
N PHE D 58 32.52 38.91 12.38
CA PHE D 58 31.56 38.79 13.46
C PHE D 58 32.17 38.18 14.72
N GLN D 59 33.50 38.21 14.84
CA GLN D 59 34.24 38.00 16.10
C GLN D 59 34.12 36.56 16.61
N PHE D 60 34.44 35.60 15.74
CA PHE D 60 34.64 34.22 16.11
C PHE D 60 36.01 33.79 15.63
N VAL D 61 36.75 33.07 16.48
CA VAL D 61 38.18 32.87 16.30
C VAL D 61 38.41 31.42 15.85
N ARG D 62 39.49 31.19 15.11
CA ARG D 62 39.75 29.94 14.41
C ARG D 62 40.48 28.92 15.27
N ILE D 63 40.38 27.66 14.84
CA ILE D 63 41.15 26.53 15.35
C ILE D 63 41.10 25.44 14.28
N HIS D 64 42.20 24.72 14.11
CA HIS D 64 42.21 23.59 13.18
C HIS D 64 41.66 22.35 13.88
N LYS D 65 40.76 21.65 13.20
CA LYS D 65 39.97 20.58 13.77
C LYS D 65 40.08 19.35 12.88
N PRO D 66 39.87 18.15 13.43
CA PRO D 66 40.02 16.93 12.63
C PRO D 66 38.93 16.80 11.57
N PRO D 67 39.33 16.55 10.33
CA PRO D 67 38.35 16.23 9.28
C PRO D 67 37.71 14.89 9.54
N PRO D 68 36.53 14.62 8.96
CA PRO D 68 35.93 13.29 9.11
C PRO D 68 36.78 12.21 8.45
N LEU D 69 36.72 11.03 9.06
CA LEU D 69 37.45 9.88 8.56
C LEU D 69 36.97 9.49 7.17
N THR D 70 35.66 9.33 7.03
CA THR D 70 34.95 9.21 5.77
C THR D 70 34.02 10.41 5.60
N PRO D 71 34.06 11.09 4.46
CA PRO D 71 33.23 12.27 4.27
C PRO D 71 31.75 11.92 4.18
N LEU D 72 30.93 12.87 4.60
CA LEU D 72 29.50 12.67 4.72
C LEU D 72 28.81 13.11 3.42
N TYR D 73 27.49 13.25 3.44
CA TYR D 73 26.69 13.39 2.23
C TYR D 73 25.65 14.49 2.47
N MET D 74 25.00 14.95 1.40
CA MET D 74 23.86 15.82 1.62
C MET D 74 22.59 15.02 1.37
N GLY D 75 21.45 15.69 1.54
CA GLY D 75 20.17 15.01 1.48
C GLY D 75 19.90 14.10 2.65
N CYS D 76 20.65 14.27 3.74
CA CYS D 76 20.58 13.37 4.88
C CYS D 76 20.99 14.15 6.13
N ARG D 77 20.64 13.60 7.28
CA ARG D 77 20.71 14.31 8.54
C ARG D 77 21.70 13.63 9.48
N TYR D 78 22.37 14.44 10.30
CA TYR D 78 23.40 13.97 11.22
C TYR D 78 23.15 14.57 12.61
N THR D 79 23.60 13.85 13.63
CA THR D 79 23.42 14.31 15.00
C THR D 79 24.73 14.79 15.59
N VAL D 80 24.63 15.72 16.54
CA VAL D 80 25.77 16.31 17.22
C VAL D 80 25.65 15.95 18.70
N SER D 81 26.69 15.34 19.24
CA SER D 81 26.68 14.83 20.61
C SER D 81 28.03 15.12 21.23
N GLY D 82 28.34 14.46 22.34
CA GLY D 82 29.63 14.62 22.99
C GLY D 82 29.47 14.98 24.45
N SER D 83 30.62 15.19 25.10
CA SER D 83 30.62 15.58 26.50
C SER D 83 30.08 16.99 26.70
N GLY D 84 30.42 17.92 25.82
CA GLY D 84 29.95 19.28 25.96
C GLY D 84 28.53 19.46 25.46
N SER D 85 28.11 18.60 24.54
CA SER D 85 26.72 18.60 24.12
C SER D 85 25.87 17.95 25.22
N GLY D 86 24.76 18.60 25.53
CA GLY D 86 23.90 18.13 26.61
C GLY D 86 24.26 18.71 27.95
N MET D 87 25.53 18.60 28.34
CA MET D 87 25.98 19.24 29.58
C MET D 87 26.01 20.75 29.41
N LEU D 88 26.59 21.24 28.33
CA LEU D 88 26.61 22.65 28.01
C LEU D 88 25.74 22.90 26.78
N GLU D 89 25.43 24.18 26.55
CA GLU D 89 24.19 24.53 25.85
C GLU D 89 24.36 24.40 24.34
N ILE D 90 23.78 23.33 23.77
CA ILE D 90 23.73 23.11 22.33
C ILE D 90 22.26 23.18 21.90
N LEU D 91 21.88 24.28 21.26
CA LEU D 91 20.45 24.29 20.94
C LEU D 91 20.14 23.54 19.64
N PRO D 92 20.86 23.77 18.49
CA PRO D 92 20.68 22.84 17.36
C PRO D 92 21.56 21.61 17.44
N LYS D 93 21.09 20.56 18.09
CA LYS D 93 21.84 19.30 18.13
C LYS D 93 21.66 18.46 16.86
N GLU D 94 20.82 18.91 15.94
CA GLU D 94 20.64 18.27 14.64
C GLU D 94 21.29 19.13 13.57
N LEU D 95 22.23 18.55 12.81
CA LEU D 95 22.79 19.22 11.64
C LEU D 95 22.46 18.43 10.37
N GLU D 96 22.71 19.07 9.23
CA GLU D 96 22.26 18.55 7.94
C GLU D 96 22.99 19.26 6.82
N LEU D 97 23.62 18.50 5.92
CA LEU D 97 24.21 19.09 4.73
C LEU D 97 23.11 19.37 3.70
N CYS D 98 23.00 20.62 3.30
CA CYS D 98 22.15 21.03 2.19
C CYS D 98 22.84 22.24 1.58
N TYR D 99 22.81 22.34 0.26
CA TYR D 99 23.64 23.34 -0.40
C TYR D 99 23.02 24.73 -0.26
N ARG D 100 23.86 25.68 0.14
CA ARG D 100 23.55 27.09 0.05
C ARG D 100 24.77 27.79 -0.55
N SER D 101 24.52 28.97 -1.14
CA SER D 101 25.46 29.63 -2.02
C SER D 101 26.73 30.07 -1.27
N PRO D 102 27.84 30.28 -1.99
CA PRO D 102 29.05 30.80 -1.34
C PRO D 102 28.86 32.14 -0.63
N GLY D 103 28.07 33.05 -1.19
CA GLY D 103 27.91 34.36 -0.59
C GLY D 103 27.04 34.37 0.65
N GLU D 104 26.02 33.51 0.70
CA GLU D 104 24.93 33.67 1.65
C GLU D 104 25.26 33.06 3.02
N ASP D 105 24.50 33.51 4.02
CA ASP D 105 24.65 33.07 5.40
C ASP D 105 23.92 31.74 5.63
N GLN D 106 24.26 31.10 6.74
CA GLN D 106 24.02 29.66 6.92
C GLN D 106 23.32 29.37 8.24
N LEU D 107 22.73 28.18 8.29
CA LEU D 107 22.34 27.58 9.56
C LEU D 107 23.58 27.24 10.40
N PHE D 108 23.48 27.49 11.69
CA PHE D 108 24.56 27.33 12.66
C PHE D 108 24.15 26.26 13.68
N SER D 109 24.95 26.12 14.73
CA SER D 109 24.42 25.52 15.95
C SER D 109 25.03 26.25 17.13
N GLU D 110 24.20 27.00 17.85
CA GLU D 110 24.65 27.79 18.99
C GLU D 110 25.01 26.89 20.17
N PHE D 111 26.18 27.14 20.76
CA PHE D 111 26.72 26.24 21.78
C PHE D 111 27.51 27.09 22.79
N TYR D 112 26.90 27.35 23.94
CA TYR D 112 27.58 28.04 25.03
C TYR D 112 28.30 27.06 25.93
N VAL D 113 29.48 27.45 26.44
CA VAL D 113 30.17 26.58 27.39
C VAL D 113 30.43 27.25 28.73
N GLY D 114 30.48 28.58 28.75
CA GLY D 114 30.90 29.26 29.97
C GLY D 114 32.38 29.05 30.23
N HIS D 115 32.73 28.89 31.51
CA HIS D 115 34.11 28.62 31.89
C HIS D 115 34.44 27.17 31.52
N LEU D 116 35.10 27.00 30.37
CA LEU D 116 35.23 25.69 29.73
C LEU D 116 36.16 24.74 30.50
N GLY D 117 36.99 25.26 31.40
CA GLY D 117 37.93 24.42 32.09
C GLY D 117 39.15 24.14 31.24
N SER D 118 39.30 22.90 30.77
CA SER D 118 40.43 22.53 29.94
C SER D 118 40.06 21.75 28.68
N GLY D 119 38.78 21.45 28.46
CA GLY D 119 38.41 20.70 27.28
C GLY D 119 36.95 20.30 27.16
N ILE D 120 36.42 20.32 25.94
CA ILE D 120 35.01 20.06 25.64
C ILE D 120 34.97 19.05 24.49
N ARG D 121 34.70 17.79 24.81
CA ARG D 121 34.69 16.73 23.80
C ARG D 121 33.37 16.72 23.04
N LEU D 122 33.45 16.71 21.71
CA LEU D 122 32.29 16.84 20.86
C LEU D 122 32.31 15.76 19.79
N GLN D 123 31.13 15.53 19.19
CA GLN D 123 30.86 14.41 18.30
C GLN D 123 29.86 14.85 17.24
N VAL D 124 30.03 14.33 16.02
CA VAL D 124 28.99 14.41 14.99
C VAL D 124 28.86 13.01 14.42
N LYS D 125 27.82 12.30 14.84
CA LYS D 125 27.51 11.01 14.26
C LYS D 125 26.46 11.18 13.17
N ASP D 126 26.16 10.08 12.50
CA ASP D 126 25.09 10.05 11.52
C ASP D 126 23.82 9.51 12.17
N LYS D 127 22.68 9.95 11.67
CA LYS D 127 21.41 9.48 12.20
C LYS D 127 20.96 8.16 11.58
N LYS D 128 21.78 7.57 10.72
CA LYS D 128 21.43 6.32 10.05
C LYS D 128 21.68 5.12 10.96
N ASP D 129 22.94 4.94 11.40
CA ASP D 129 23.33 3.83 12.25
C ASP D 129 24.18 4.26 13.44
N GLU D 130 24.32 5.58 13.64
CA GLU D 130 25.10 6.18 14.74
C GLU D 130 26.55 5.70 14.74
N THR D 131 27.13 5.59 13.56
CA THR D 131 28.56 5.36 13.43
C THR D 131 29.32 6.60 13.89
N LEU D 132 30.43 6.39 14.59
CA LEU D 132 31.24 7.48 15.13
C LEU D 132 32.03 8.10 13.99
N VAL D 133 31.38 9.01 13.27
CA VAL D 133 31.99 9.61 12.09
C VAL D 133 33.05 10.63 12.49
N TRP D 134 32.75 11.49 13.46
CA TRP D 134 33.57 12.68 13.69
C TRP D 134 33.85 12.87 15.17
N GLU D 135 35.07 13.30 15.48
CA GLU D 135 35.61 13.38 16.83
C GLU D 135 36.33 14.72 16.99
N ALA D 136 36.22 15.32 18.18
CA ALA D 136 36.99 16.53 18.50
C ALA D 136 36.99 16.78 20.00
N LEU D 137 37.78 17.80 20.38
CA LEU D 137 37.81 18.48 21.66
C LEU D 137 38.59 19.79 21.50
N VAL D 138 38.11 20.85 22.15
CA VAL D 138 38.70 22.18 21.99
C VAL D 138 39.63 22.50 23.15
N LYS D 139 40.56 23.41 22.91
CA LYS D 139 41.66 23.64 23.82
C LYS D 139 41.78 25.10 24.21
N PRO D 140 41.73 25.45 25.51
CA PRO D 140 41.90 26.87 25.91
C PRO D 140 43.31 27.41 25.70
N GLY D 141 44.29 26.56 25.41
CA GLY D 141 45.58 27.05 24.95
C GLY D 141 45.62 27.47 23.50
N ASP D 142 44.53 27.25 22.76
CA ASP D 142 44.39 27.74 21.40
C ASP D 142 43.32 28.81 21.27
N LEU D 143 42.58 29.10 22.35
CA LEU D 143 41.69 30.25 22.39
C LEU D 143 42.47 31.56 22.30
N MET D 144 41.80 32.58 21.77
CA MET D 144 42.39 33.90 21.58
C MET D 144 42.67 34.62 22.90
N ASP E 18 15.14 -19.09 30.55
CA ASP E 18 16.31 -19.54 31.29
C ASP E 18 16.56 -21.02 31.08
N ASP E 19 15.47 -21.80 31.09
CA ASP E 19 15.55 -23.25 30.94
C ASP E 19 14.84 -23.66 29.67
N PRO E 20 15.58 -24.11 28.64
CA PRO E 20 14.92 -24.57 27.41
C PRO E 20 14.19 -25.90 27.56
N ALA E 21 14.33 -26.58 28.69
CA ALA E 21 13.44 -27.67 29.05
C ALA E 21 12.23 -27.21 29.85
N ALA E 22 12.20 -25.93 30.26
CA ALA E 22 11.04 -25.38 30.95
C ALA E 22 10.45 -24.18 30.22
N ARG E 23 10.77 -24.01 28.94
CA ARG E 23 10.14 -23.00 28.10
C ARG E 23 9.31 -23.72 27.06
N PHE E 24 7.99 -23.52 27.11
CA PHE E 24 7.09 -24.20 26.20
C PHE E 24 7.34 -23.78 24.76
N GLN E 25 7.50 -24.77 23.90
CA GLN E 25 7.67 -24.53 22.47
C GLN E 25 6.35 -24.76 21.77
N VAL E 26 5.90 -23.77 21.03
CA VAL E 26 4.68 -23.91 20.26
C VAL E 26 4.98 -24.79 19.07
N GLN E 27 4.06 -25.70 18.75
CA GLN E 27 4.25 -26.59 17.61
C GLN E 27 4.23 -25.79 16.33
N LYS E 28 5.29 -25.91 15.54
CA LYS E 28 5.34 -25.21 14.27
C LYS E 28 4.44 -25.93 13.27
N HIS E 29 3.27 -25.34 13.03
CA HIS E 29 2.36 -25.88 12.05
C HIS E 29 2.72 -25.34 10.67
N SER E 30 2.32 -26.08 9.65
CA SER E 30 2.37 -25.55 8.30
C SER E 30 1.35 -24.43 8.12
N TRP E 31 1.48 -23.71 7.01
CA TRP E 31 0.48 -22.71 6.65
C TRP E 31 -0.89 -23.36 6.43
N ASP E 32 -0.91 -24.48 5.72
CA ASP E 32 -2.17 -25.21 5.53
C ASP E 32 -2.69 -25.77 6.83
N GLY E 33 -1.80 -26.19 7.72
CA GLY E 33 -2.20 -26.53 9.08
C GLY E 33 -2.89 -25.38 9.81
N LEU E 34 -2.31 -24.18 9.72
CA LEU E 34 -2.92 -23.03 10.37
C LEU E 34 -4.27 -22.68 9.76
N ARG E 35 -4.42 -22.83 8.44
CA ARG E 35 -5.72 -22.69 7.82
C ARG E 35 -6.70 -23.75 8.34
N SER E 36 -6.25 -25.00 8.48
CA SER E 36 -7.08 -26.07 9.04
C SER E 36 -7.55 -25.73 10.45
N ILE E 37 -6.71 -25.05 11.22
CA ILE E 37 -7.07 -24.65 12.58
C ILE E 37 -8.13 -23.56 12.52
N ILE E 38 -7.92 -22.56 11.68
CA ILE E 38 -8.89 -21.48 11.53
C ILE E 38 -10.23 -21.99 11.01
N HIS E 39 -10.22 -22.89 10.03
CA HIS E 39 -11.49 -23.50 9.60
C HIS E 39 -12.15 -24.30 10.71
N GLY E 40 -11.39 -25.10 11.47
CA GLY E 40 -12.06 -25.75 12.60
C GLY E 40 -12.61 -24.77 13.62
N SER E 41 -12.08 -23.54 13.65
CA SER E 41 -12.64 -22.49 14.49
C SER E 41 -13.92 -21.95 13.85
N ARG E 42 -13.88 -21.88 12.52
CA ARG E 42 -14.97 -21.38 11.68
C ARG E 42 -16.23 -22.21 11.82
N LYS E 43 -16.08 -23.54 11.83
CA LYS E 43 -17.24 -24.43 11.87
C LYS E 43 -18.00 -24.25 13.18
N TYR E 44 -17.23 -24.28 14.26
CA TYR E 44 -17.71 -24.04 15.62
C TYR E 44 -18.11 -22.59 15.77
N SER E 45 -17.33 -21.72 15.13
CA SER E 45 -17.52 -20.28 15.19
C SER E 45 -18.87 -19.84 14.64
N GLY E 46 -19.32 -20.49 13.57
CA GLY E 46 -20.59 -20.13 12.97
C GLY E 46 -21.72 -20.35 13.97
N LEU E 47 -21.67 -21.47 14.68
CA LEU E 47 -22.69 -21.75 15.69
C LEU E 47 -22.60 -20.75 16.86
N ILE E 48 -21.38 -20.40 17.25
CA ILE E 48 -21.16 -19.47 18.36
C ILE E 48 -21.71 -18.07 18.11
N VAL E 49 -21.48 -17.54 16.90
CA VAL E 49 -21.99 -16.23 16.55
C VAL E 49 -23.49 -16.40 16.37
N ASN E 50 -24.29 -15.42 16.77
CA ASN E 50 -25.72 -15.63 16.62
C ASN E 50 -26.45 -14.44 16.02
N LYS E 51 -25.89 -13.24 16.14
CA LYS E 51 -26.53 -11.96 15.82
C LYS E 51 -27.88 -11.86 16.53
N ALA E 52 -27.77 -11.78 17.87
CA ALA E 52 -28.81 -11.67 18.89
C ALA E 52 -29.89 -10.69 18.50
N PRO E 53 -31.14 -10.96 18.85
CA PRO E 53 -32.22 -10.03 18.51
C PRO E 53 -32.07 -8.69 19.21
N HIS E 54 -32.53 -7.66 18.53
CA HIS E 54 -32.27 -6.29 18.95
C HIS E 54 -33.36 -5.42 18.34
N ASP E 55 -33.38 -4.16 18.78
CA ASP E 55 -34.34 -3.14 18.36
C ASP E 55 -35.77 -3.58 18.69
N PHE E 56 -35.98 -3.89 19.96
CA PHE E 56 -37.26 -4.42 20.40
C PHE E 56 -38.33 -3.35 20.43
N GLN E 57 -39.55 -3.77 20.11
CA GLN E 57 -40.67 -2.86 20.08
C GLN E 57 -41.89 -3.59 20.61
N PHE E 58 -42.28 -3.27 21.83
CA PHE E 58 -43.48 -3.79 22.45
C PHE E 58 -44.75 -3.11 21.97
N VAL E 59 -45.77 -3.89 21.62
CA VAL E 59 -47.08 -3.33 21.30
C VAL E 59 -48.09 -4.18 22.07
N GLN E 60 -49.04 -3.52 22.73
CA GLN E 60 -50.04 -4.29 23.46
C GLN E 60 -51.05 -4.90 22.51
N LYS E 61 -51.81 -5.85 23.02
CA LYS E 61 -52.86 -6.46 22.20
C LYS E 61 -54.25 -5.94 22.53
N THR E 62 -54.44 -5.43 23.75
CA THR E 62 -55.63 -4.71 24.20
C THR E 62 -56.93 -5.46 23.93
N ASP E 63 -56.90 -6.77 24.15
CA ASP E 63 -58.04 -7.62 23.82
C ASP E 63 -58.80 -8.13 25.02
N GLU E 64 -58.09 -8.52 26.09
CA GLU E 64 -58.60 -9.06 27.35
C GLU E 64 -59.36 -10.37 27.20
N SER E 65 -59.39 -10.94 26.00
CA SER E 65 -59.95 -12.26 25.78
C SER E 65 -59.11 -13.12 24.86
N GLY E 66 -58.11 -12.55 24.19
CA GLY E 66 -57.21 -13.33 23.36
C GLY E 66 -56.14 -13.99 24.18
N PRO E 67 -55.25 -14.71 23.51
CA PRO E 67 -54.21 -15.44 24.23
C PRO E 67 -52.95 -14.62 24.51
N HIS E 68 -52.64 -13.65 23.68
CA HIS E 68 -51.34 -12.98 23.71
C HIS E 68 -51.48 -11.62 24.36
N SER E 69 -50.58 -11.29 25.28
CA SER E 69 -50.72 -9.99 25.93
C SER E 69 -50.11 -8.90 25.08
N HIS E 70 -48.96 -9.21 24.46
CA HIS E 70 -48.28 -8.27 23.60
C HIS E 70 -47.83 -8.95 22.33
N ARG E 71 -47.29 -8.12 21.44
CA ARG E 71 -46.48 -8.58 20.32
C ARG E 71 -45.18 -7.82 20.37
N LEU E 72 -44.08 -8.55 20.48
CA LEU E 72 -42.75 -7.99 20.46
C LEU E 72 -42.20 -8.04 19.04
N TYR E 73 -41.84 -6.88 18.49
CA TYR E 73 -41.27 -6.82 17.16
C TYR E 73 -39.78 -6.54 17.25
N TYR E 74 -38.98 -7.19 16.43
CA TYR E 74 -37.54 -7.01 16.58
C TYR E 74 -36.83 -7.46 15.32
N LEU E 75 -35.56 -7.15 15.24
CA LEU E 75 -34.75 -7.62 14.14
C LEU E 75 -34.00 -8.88 14.54
N GLY E 76 -33.83 -9.77 13.58
CA GLY E 76 -33.17 -11.01 13.87
C GLY E 76 -32.96 -11.84 12.64
N MET E 77 -32.02 -12.70 12.68
CA MET E 77 -31.96 -13.72 11.66
C MET E 77 -32.35 -15.07 12.24
N PRO E 78 -33.33 -15.72 11.63
CA PRO E 78 -33.93 -16.96 12.11
C PRO E 78 -32.89 -18.05 12.18
N TYR E 79 -31.96 -17.96 11.23
CA TYR E 79 -30.80 -18.80 10.84
C TYR E 79 -31.17 -19.68 9.66
N GLY E 80 -32.45 -19.74 9.34
CA GLY E 80 -32.87 -20.48 8.18
C GLY E 80 -32.24 -19.76 7.01
N SER E 81 -32.24 -18.44 7.09
CA SER E 81 -31.68 -17.58 6.06
C SER E 81 -30.46 -16.89 6.63
N ARG E 82 -29.89 -15.98 5.84
CA ARG E 82 -28.68 -15.28 6.19
C ARG E 82 -28.95 -13.86 6.67
N GLU E 83 -29.82 -13.14 6.00
CA GLU E 83 -30.01 -11.73 6.28
C GLU E 83 -31.03 -11.53 7.39
N ASN E 84 -30.75 -10.59 8.29
CA ASN E 84 -31.65 -10.39 9.42
C ASN E 84 -32.84 -9.53 8.99
N SER E 85 -34.01 -9.86 9.50
CA SER E 85 -35.26 -9.33 9.00
C SER E 85 -36.18 -8.99 10.16
N LEU E 86 -37.25 -8.25 9.86
CA LEU E 86 -38.22 -7.91 10.87
C LEU E 86 -38.98 -9.15 11.26
N LEU E 87 -39.12 -9.38 12.56
CA LEU E 87 -39.78 -10.57 13.04
C LEU E 87 -40.67 -10.14 14.19
N TYR E 88 -41.43 -11.09 14.73
CA TYR E 88 -42.14 -10.83 15.96
C TYR E 88 -42.34 -12.09 16.77
N SER E 89 -42.57 -11.88 18.05
CA SER E 89 -42.94 -12.91 19.01
C SER E 89 -44.26 -12.51 19.65
N GLU E 90 -44.96 -13.49 20.18
CA GLU E 90 -46.22 -13.27 20.88
C GLU E 90 -46.06 -13.50 22.37
N ILE E 91 -46.14 -12.43 23.15
CA ILE E 91 -45.96 -12.51 24.59
C ILE E 91 -47.32 -12.82 25.23
N PRO E 92 -47.48 -13.95 25.90
CA PRO E 92 -48.79 -14.35 26.41
C PRO E 92 -49.20 -13.60 27.67
N LYS E 93 -50.48 -13.73 28.00
CA LYS E 93 -51.00 -13.19 29.25
C LYS E 93 -50.61 -14.04 30.44
N LYS E 94 -50.45 -15.35 30.25
CA LYS E 94 -50.15 -16.24 31.36
C LYS E 94 -49.16 -17.29 30.90
N VAL E 95 -48.05 -17.37 31.59
CA VAL E 95 -47.11 -18.45 31.38
C VAL E 95 -47.47 -19.57 32.34
N ARG E 96 -47.24 -20.81 31.92
CA ARG E 96 -47.25 -21.92 32.86
C ARG E 96 -45.98 -21.81 33.68
N LYS E 97 -46.12 -21.71 34.99
CA LYS E 97 -44.98 -21.44 35.84
C LYS E 97 -44.06 -22.66 35.94
N GLU E 98 -42.78 -22.37 36.21
CA GLU E 98 -41.69 -23.35 36.33
C GLU E 98 -41.53 -24.21 35.08
N ALA E 99 -41.78 -23.62 33.92
CA ALA E 99 -41.60 -24.28 32.63
C ALA E 99 -41.42 -23.17 31.62
N LEU E 100 -40.20 -22.97 31.14
CA LEU E 100 -39.84 -21.72 30.50
C LEU E 100 -40.43 -21.66 29.09
N LEU E 101 -40.94 -20.50 28.74
CA LEU E 101 -41.50 -20.27 27.42
C LEU E 101 -40.42 -19.74 26.52
N LEU E 102 -40.09 -20.49 25.48
CA LEU E 102 -39.15 -20.03 24.49
C LEU E 102 -39.99 -19.52 23.34
N LEU E 103 -39.77 -18.28 22.93
CA LEU E 103 -40.68 -17.65 22.00
C LEU E 103 -40.50 -18.19 20.60
N SER E 104 -41.61 -18.34 19.91
CA SER E 104 -41.56 -18.57 18.48
C SER E 104 -41.08 -17.30 17.79
N TRP E 105 -40.31 -17.47 16.71
CA TRP E 105 -39.79 -16.31 15.99
C TRP E 105 -40.56 -16.24 14.69
N LYS E 106 -41.70 -15.56 14.72
CA LYS E 106 -42.53 -15.49 13.53
C LYS E 106 -42.03 -14.38 12.62
N GLN E 107 -42.17 -14.60 11.33
CA GLN E 107 -41.66 -13.67 10.33
C GLN E 107 -42.75 -12.70 9.90
N MET E 108 -42.41 -11.43 9.84
CA MET E 108 -43.31 -10.47 9.21
C MET E 108 -43.27 -10.59 7.70
N LEU E 109 -42.08 -10.77 7.14
CA LEU E 109 -41.89 -10.72 5.71
C LEU E 109 -41.62 -12.12 5.18
N ASP E 110 -41.89 -12.31 3.89
CA ASP E 110 -41.86 -13.65 3.31
C ASP E 110 -40.55 -13.89 2.56
N HIS E 111 -39.48 -14.03 3.35
CA HIS E 111 -38.15 -14.55 2.97
C HIS E 111 -37.56 -13.91 1.71
N PHE E 112 -37.74 -12.60 1.59
CA PHE E 112 -37.23 -11.88 0.42
C PHE E 112 -35.83 -11.37 0.71
N GLN E 113 -35.14 -10.91 -0.33
CA GLN E 113 -33.77 -10.43 -0.14
C GLN E 113 -33.82 -9.01 0.41
N ALA E 114 -33.27 -8.82 1.60
CA ALA E 114 -33.24 -7.50 2.18
C ALA E 114 -32.07 -6.68 1.67
N THR E 115 -31.03 -7.33 1.17
CA THR E 115 -29.85 -6.76 0.53
C THR E 115 -29.69 -7.38 -0.84
N PRO E 116 -29.09 -6.65 -1.79
CA PRO E 116 -28.88 -7.24 -3.13
C PRO E 116 -27.85 -8.36 -3.16
N HIS E 117 -27.59 -8.88 -4.36
CA HIS E 117 -26.77 -10.07 -4.52
C HIS E 117 -25.31 -9.81 -4.16
N HIS E 118 -24.77 -10.70 -3.31
CA HIS E 118 -23.39 -10.67 -2.83
C HIS E 118 -23.04 -9.39 -2.07
N GLY E 119 -24.03 -8.79 -1.41
CA GLY E 119 -23.75 -7.67 -0.54
C GLY E 119 -23.41 -6.36 -1.20
N VAL E 120 -23.81 -6.15 -2.45
CA VAL E 120 -23.53 -4.87 -3.08
C VAL E 120 -24.48 -3.81 -2.52
N TYR E 121 -23.91 -2.67 -2.14
CA TYR E 121 -24.63 -1.54 -1.59
C TYR E 121 -24.27 -0.32 -2.41
N SER E 122 -24.83 0.83 -2.03
CA SER E 122 -24.23 2.04 -2.56
C SER E 122 -22.99 2.37 -1.74
N ARG E 123 -22.19 3.33 -2.24
CA ARG E 123 -20.98 3.68 -1.51
C ARG E 123 -21.30 4.44 -0.23
N GLU E 124 -22.39 5.21 -0.22
CA GLU E 124 -22.78 5.89 0.99
C GLU E 124 -23.44 4.91 1.98
N GLU E 125 -24.14 3.88 1.49
CA GLU E 125 -24.69 2.88 2.40
C GLU E 125 -23.58 2.08 3.05
N GLU E 126 -22.55 1.68 2.28
CA GLU E 126 -21.47 0.88 2.86
C GLU E 126 -20.66 1.74 3.81
N LEU E 127 -20.60 3.06 3.55
CA LEU E 127 -19.93 3.97 4.48
C LEU E 127 -20.72 4.11 5.77
N LEU E 128 -22.05 4.20 5.67
CA LEU E 128 -22.88 4.32 6.87
C LEU E 128 -22.81 3.04 7.69
N ARG E 129 -22.73 1.89 7.04
CA ARG E 129 -22.56 0.64 7.77
C ARG E 129 -21.16 0.52 8.35
N GLU E 130 -20.20 1.26 7.81
CA GLU E 130 -18.87 1.32 8.41
C GLU E 130 -18.87 2.22 9.63
N ARG E 131 -19.63 3.31 9.61
CA ARG E 131 -19.67 4.18 10.79
C ARG E 131 -20.46 3.54 11.91
N LYS E 132 -21.57 2.88 11.60
CA LYS E 132 -22.33 2.19 12.64
C LYS E 132 -21.72 0.85 13.01
N ARG E 133 -20.71 0.40 12.25
CA ARG E 133 -20.06 -0.90 12.43
C ARG E 133 -21.05 -2.05 12.33
N LEU E 134 -22.01 -1.92 11.41
CA LEU E 134 -23.01 -2.95 11.19
C LEU E 134 -22.40 -4.01 10.28
N GLY E 135 -21.89 -5.08 10.86
CA GLY E 135 -21.38 -6.15 10.03
C GLY E 135 -22.42 -7.07 9.47
N VAL E 136 -23.63 -6.99 9.98
CA VAL E 136 -24.67 -7.95 9.63
C VAL E 136 -25.43 -7.44 8.42
N PHE E 137 -26.00 -8.37 7.66
CA PHE E 137 -26.72 -8.02 6.45
C PHE E 137 -28.21 -8.17 6.70
N GLY E 138 -28.99 -7.35 6.02
CA GLY E 138 -30.43 -7.44 6.07
C GLY E 138 -31.09 -6.13 6.39
N ILE E 139 -32.17 -6.17 7.16
CA ILE E 139 -32.80 -4.95 7.63
C ILE E 139 -32.03 -4.52 8.87
N THR E 140 -31.08 -3.61 8.70
CA THR E 140 -30.23 -3.25 9.82
C THR E 140 -30.96 -2.35 10.81
N SER E 141 -31.72 -1.38 10.31
CA SER E 141 -32.50 -0.51 11.15
C SER E 141 -33.87 -0.32 10.51
N TYR E 142 -34.88 -0.19 11.36
CA TYR E 142 -36.22 0.10 10.91
C TYR E 142 -36.79 1.21 11.77
N ASP E 143 -37.86 1.81 11.29
CA ASP E 143 -38.55 2.86 12.03
C ASP E 143 -39.97 2.37 12.21
N PHE E 144 -40.57 2.77 13.33
CA PHE E 144 -41.89 2.30 13.72
C PHE E 144 -42.77 3.42 14.24
N HIS E 145 -44.05 3.35 13.90
CA HIS E 145 -45.05 4.27 14.38
C HIS E 145 -46.15 3.46 15.04
N SER E 146 -46.42 3.79 16.30
CA SER E 146 -47.27 2.97 17.17
C SER E 146 -48.70 2.90 16.67
N GLU E 147 -49.36 4.05 16.60
CA GLU E 147 -50.81 4.12 16.39
C GLU E 147 -51.21 3.59 15.03
N SER E 148 -50.52 4.02 13.97
CA SER E 148 -50.74 3.45 12.66
C SER E 148 -50.20 2.03 12.53
N GLY E 149 -49.26 1.65 13.39
CA GLY E 149 -48.63 0.35 13.27
C GLY E 149 -47.75 0.25 12.04
N LEU E 150 -47.02 1.32 11.73
CA LEU E 150 -46.25 1.42 10.48
C LEU E 150 -44.80 1.04 10.67
N PHE E 151 -44.32 0.15 9.80
CA PHE E 151 -42.94 -0.31 9.81
C PHE E 151 -42.32 0.18 8.51
N LEU E 152 -41.54 1.25 8.60
CA LEU E 152 -40.85 1.80 7.45
C LEU E 152 -39.39 1.39 7.53
N PHE E 153 -38.90 0.67 6.53
CA PHE E 153 -37.53 0.20 6.54
C PHE E 153 -36.95 0.30 5.13
N GLN E 154 -35.63 0.14 5.03
CA GLN E 154 -34.95 0.16 3.73
C GLN E 154 -34.40 -1.23 3.39
N ALA E 155 -34.94 -1.83 2.32
CA ALA E 155 -34.47 -3.13 1.87
C ALA E 155 -33.98 -3.05 0.44
N SER E 156 -32.77 -3.58 0.18
CA SER E 156 -32.19 -3.69 -1.16
C SER E 156 -32.18 -2.35 -1.89
N ASN E 157 -31.59 -1.36 -1.22
CA ASN E 157 -31.53 0.07 -1.61
C ASN E 157 -32.88 0.64 -2.05
N SER E 158 -33.98 0.18 -1.47
CA SER E 158 -35.27 0.79 -1.78
C SER E 158 -36.18 0.71 -0.56
N LEU E 159 -36.77 1.83 -0.21
CA LEU E 159 -37.71 1.86 0.91
C LEU E 159 -38.90 0.90 0.74
N PHE E 160 -39.33 0.38 1.87
CA PHE E 160 -40.42 -0.58 2.01
C PHE E 160 -41.18 -0.20 3.25
N HIS E 161 -42.39 -0.73 3.33
CA HIS E 161 -43.21 -0.49 4.51
C HIS E 161 -44.22 -1.62 4.64
N CYS E 162 -44.83 -1.66 5.80
CA CYS E 162 -45.85 -2.65 6.14
C CYS E 162 -46.57 -2.11 7.36
N ARG E 163 -47.68 -2.75 7.73
CA ARG E 163 -48.44 -2.30 8.88
C ARG E 163 -49.00 -3.49 9.62
N ASP E 164 -48.95 -3.41 10.95
CA ASP E 164 -49.31 -4.56 11.78
C ASP E 164 -49.97 -4.08 13.06
N GLY E 165 -51.30 -4.11 13.07
CA GLY E 165 -52.09 -3.92 14.27
C GLY E 165 -52.24 -2.51 14.80
N GLY E 166 -52.72 -1.60 13.97
CA GLY E 166 -53.07 -0.28 14.48
C GLY E 166 -54.56 -0.03 14.45
N LYS E 167 -55.00 0.78 13.48
CA LYS E 167 -56.41 0.80 13.12
C LYS E 167 -56.79 -0.47 12.38
N ASN E 168 -55.82 -1.13 11.77
CA ASN E 168 -56.01 -2.48 11.26
C ASN E 168 -55.80 -3.48 12.39
N GLY E 169 -55.70 -4.75 12.04
CA GLY E 169 -55.53 -5.81 13.01
C GLY E 169 -54.18 -6.46 12.89
N PHE E 170 -53.94 -7.42 13.77
CA PHE E 170 -52.68 -8.14 13.74
C PHE E 170 -52.76 -9.28 12.74
N MET E 171 -51.65 -10.00 12.60
CA MET E 171 -51.55 -11.06 11.63
C MET E 171 -50.93 -12.31 12.24
N VAL E 172 -51.12 -13.43 11.56
CA VAL E 172 -50.43 -14.67 11.89
C VAL E 172 -49.63 -15.21 10.71
N SER E 173 -50.00 -14.90 9.48
CA SER E 173 -49.16 -15.19 8.33
C SER E 173 -48.23 -14.02 8.04
N PRO E 174 -47.11 -14.24 7.37
CA PRO E 174 -46.31 -13.11 6.92
C PRO E 174 -46.91 -12.49 5.68
N MET E 175 -46.66 -11.19 5.48
CA MET E 175 -47.15 -10.51 4.30
C MET E 175 -46.01 -10.17 3.34
N LYS E 176 -46.39 -9.56 2.23
CA LYS E 176 -45.46 -8.92 1.31
C LYS E 176 -45.09 -7.54 1.82
N PRO E 177 -43.81 -7.18 1.85
CA PRO E 177 -43.45 -5.80 2.21
C PRO E 177 -43.68 -4.91 0.99
N LEU E 178 -44.49 -3.87 1.18
CA LEU E 178 -44.82 -3.00 0.06
C LEU E 178 -43.65 -2.09 -0.26
N GLU E 179 -43.34 -1.97 -1.53
CA GLU E 179 -42.25 -1.12 -1.99
C GLU E 179 -42.78 0.28 -2.18
N ILE E 180 -41.93 1.27 -1.97
CA ILE E 180 -42.34 2.65 -2.12
C ILE E 180 -41.81 3.16 -3.45
N LYS E 181 -42.73 3.48 -4.35
CA LYS E 181 -42.37 3.94 -5.68
C LYS E 181 -41.89 5.39 -5.62
N THR E 182 -40.86 5.68 -6.42
CA THR E 182 -40.28 7.01 -6.43
C THR E 182 -39.86 7.41 -7.83
N GLN E 183 -39.81 8.70 -8.08
CA GLN E 183 -39.15 9.23 -9.26
C GLN E 183 -37.71 9.63 -8.98
N CYS E 184 -37.28 9.60 -7.72
CA CYS E 184 -35.92 10.02 -7.39
C CYS E 184 -34.92 8.97 -7.82
N SER E 185 -33.81 9.42 -8.38
CA SER E 185 -32.76 8.55 -8.87
C SER E 185 -31.61 8.54 -7.89
N GLY E 186 -31.34 7.38 -7.30
CA GLY E 186 -30.36 7.27 -6.25
C GLY E 186 -30.96 6.57 -5.05
N PRO E 187 -30.15 6.33 -4.03
CA PRO E 187 -30.68 5.72 -2.82
C PRO E 187 -31.46 6.73 -2.00
N ARG E 188 -32.44 6.21 -1.27
CA ARG E 188 -33.25 7.02 -0.37
C ARG E 188 -32.85 6.62 1.04
N MET E 189 -31.96 7.39 1.64
CA MET E 189 -31.44 7.03 2.94
C MET E 189 -32.26 7.62 4.07
N ASP E 190 -32.08 7.03 5.25
CA ASP E 190 -32.52 7.52 6.56
C ASP E 190 -34.01 7.81 6.65
N PRO E 191 -34.90 6.84 6.43
CA PRO E 191 -36.33 7.16 6.43
C PRO E 191 -36.88 7.26 7.85
N LYS E 192 -37.76 8.23 8.05
CA LYS E 192 -38.41 8.42 9.34
C LYS E 192 -39.88 8.73 9.13
N ILE E 193 -40.75 8.06 9.89
CA ILE E 193 -42.17 8.38 9.88
C ILE E 193 -42.36 9.66 10.67
N CYS E 194 -43.17 10.59 10.15
CA CYS E 194 -43.56 11.73 10.95
C CYS E 194 -44.42 11.25 12.11
N PRO E 195 -44.02 11.48 13.36
CA PRO E 195 -44.83 11.01 14.49
C PRO E 195 -46.16 11.72 14.59
N ALA E 196 -46.19 13.00 14.22
CA ALA E 196 -47.44 13.74 14.24
C ALA E 196 -48.42 13.22 13.20
N ASP E 197 -47.93 12.88 12.02
CA ASP E 197 -48.78 12.34 10.96
C ASP E 197 -48.13 11.12 10.33
N PRO E 198 -48.60 9.91 10.65
CA PRO E 198 -47.95 8.70 10.14
C PRO E 198 -48.13 8.46 8.65
N ALA E 199 -49.05 9.15 8.00
CA ALA E 199 -49.14 9.07 6.54
C ALA E 199 -47.96 9.73 5.85
N PHE E 200 -47.21 10.56 6.54
CA PHE E 200 -46.10 11.29 5.96
C PHE E 200 -44.78 10.73 6.47
N PHE E 201 -43.77 10.73 5.60
CA PHE E 201 -42.45 10.31 6.05
C PHE E 201 -41.40 11.15 5.36
N SER E 202 -40.14 10.88 5.68
CA SER E 202 -39.08 11.71 5.15
C SER E 202 -37.81 10.90 4.99
N PHE E 203 -36.95 11.36 4.09
CA PHE E 203 -35.70 10.64 3.86
C PHE E 203 -34.67 11.60 3.30
N ILE E 204 -33.42 11.15 3.28
CA ILE E 204 -32.34 11.86 2.62
C ILE E 204 -32.14 11.28 1.23
N ASN E 205 -32.09 12.14 0.22
CA ASN E 205 -31.70 11.75 -1.12
C ASN E 205 -30.73 12.79 -1.64
N ASN E 206 -29.58 12.31 -2.11
CA ASN E 206 -28.48 13.12 -2.64
C ASN E 206 -28.08 14.23 -1.68
N SER E 207 -27.99 13.87 -0.39
CA SER E 207 -27.68 14.76 0.72
C SER E 207 -28.62 15.96 0.78
N ASP E 208 -29.89 15.73 0.47
CA ASP E 208 -30.92 16.74 0.64
C ASP E 208 -32.17 16.08 1.18
N LEU E 209 -32.90 16.85 2.00
CA LEU E 209 -34.05 16.31 2.70
C LEU E 209 -35.27 16.28 1.81
N TRP E 210 -35.87 15.11 1.68
CA TRP E 210 -37.11 14.93 0.98
C TRP E 210 -38.15 14.50 1.97
N VAL E 211 -39.41 14.56 1.54
CA VAL E 211 -40.57 14.16 2.34
C VAL E 211 -41.58 13.58 1.38
N ALA E 212 -42.31 12.56 1.82
CA ALA E 212 -43.20 11.85 0.93
C ALA E 212 -44.46 11.51 1.70
N ASN E 213 -45.33 10.76 1.03
CA ASN E 213 -46.56 10.30 1.62
C ASN E 213 -46.78 8.91 1.06
N ILE E 214 -47.02 7.94 1.96
CA ILE E 214 -46.96 6.52 1.58
C ILE E 214 -48.07 6.16 0.61
N GLU E 215 -49.31 6.47 0.95
CA GLU E 215 -50.44 5.91 0.18
C GLU E 215 -50.62 6.63 -1.15
N THR E 216 -50.41 7.94 -1.20
CA THR E 216 -50.58 8.64 -2.46
C THR E 216 -49.32 8.63 -3.30
N GLY E 217 -48.16 8.31 -2.73
CA GLY E 217 -46.92 8.26 -3.46
C GLY E 217 -46.28 9.59 -3.76
N GLU E 218 -46.87 10.70 -3.32
CA GLU E 218 -46.38 12.01 -3.69
C GLU E 218 -45.13 12.32 -2.87
N GLU E 219 -44.06 12.68 -3.56
CA GLU E 219 -42.81 13.07 -2.96
C GLU E 219 -42.58 14.56 -3.17
N ARG E 220 -41.64 15.11 -2.40
CA ARG E 220 -41.44 16.55 -2.37
C ARG E 220 -40.12 16.89 -1.73
N ARG E 221 -39.25 17.57 -2.47
CA ARG E 221 -37.99 18.01 -1.91
C ARG E 221 -38.23 19.18 -0.98
N LEU E 222 -37.40 19.31 0.05
CA LEU E 222 -37.52 20.39 1.00
C LEU E 222 -36.28 21.27 1.08
N THR E 223 -35.10 20.72 0.81
CA THR E 223 -33.87 21.49 0.87
C THR E 223 -33.23 21.53 -0.51
N PHE E 224 -32.42 22.56 -0.74
CA PHE E 224 -31.81 22.76 -2.05
C PHE E 224 -30.34 23.14 -1.87
N CYS E 225 -29.64 22.42 -1.00
CA CYS E 225 -28.23 22.69 -0.78
C CYS E 225 -27.30 21.88 -1.68
N HIS E 226 -27.79 20.84 -2.32
CA HIS E 226 -26.94 19.97 -3.13
C HIS E 226 -27.35 20.13 -4.59
N GLN E 227 -26.49 20.78 -5.38
CA GLN E 227 -26.84 21.04 -6.77
C GLN E 227 -26.67 19.82 -7.64
N GLY E 228 -25.91 18.83 -7.19
CA GLY E 228 -25.66 17.61 -7.96
C GLY E 228 -24.88 17.85 -9.23
N LEU E 229 -24.09 18.92 -9.29
CA LEU E 229 -23.51 19.35 -10.56
C LEU E 229 -22.23 18.59 -10.89
N SER E 230 -21.40 18.33 -9.90
CA SER E 230 -20.04 17.87 -10.15
C SER E 230 -19.61 17.00 -8.98
N ASN E 231 -18.30 16.85 -8.82
CA ASN E 231 -17.73 16.14 -7.69
C ASN E 231 -18.04 16.86 -6.38
N VAL E 232 -17.78 16.14 -5.29
CA VAL E 232 -17.99 16.68 -3.95
C VAL E 232 -16.95 17.72 -3.57
N LEU E 233 -15.88 17.86 -4.36
CA LEU E 233 -14.98 18.99 -4.18
C LEU E 233 -15.61 20.28 -4.67
N ASP E 234 -16.63 20.19 -5.51
CA ASP E 234 -17.26 21.36 -6.09
C ASP E 234 -18.70 21.52 -5.68
N ASP E 235 -19.28 20.56 -4.95
CA ASP E 235 -20.66 20.65 -4.48
C ASP E 235 -20.70 20.37 -2.98
N PRO E 236 -20.41 21.37 -2.15
CA PRO E 236 -20.04 21.09 -0.76
C PRO E 236 -21.15 21.16 0.28
N LYS E 237 -22.37 21.58 -0.06
CA LYS E 237 -23.41 21.74 0.93
C LYS E 237 -24.37 20.56 0.95
N SER E 238 -24.60 20.03 2.15
CA SER E 238 -25.45 18.88 2.39
C SER E 238 -26.49 19.32 3.41
N ALA E 239 -27.56 18.55 3.54
CA ALA E 239 -28.62 18.95 4.46
C ALA E 239 -29.37 17.74 4.98
N GLY E 240 -29.44 17.62 6.29
CA GLY E 240 -29.99 16.45 6.92
C GLY E 240 -29.03 15.29 6.98
N VAL E 241 -27.75 15.52 6.70
CA VAL E 241 -26.74 14.49 6.67
C VAL E 241 -25.78 14.72 7.82
N ALA E 242 -25.53 13.67 8.59
CA ALA E 242 -24.49 13.72 9.59
C ALA E 242 -23.14 13.54 8.92
N THR E 243 -22.23 14.47 9.17
CA THR E 243 -20.94 14.50 8.51
C THR E 243 -20.03 13.41 9.06
N PHE E 244 -18.77 13.42 8.62
CA PHE E 244 -17.82 12.39 9.01
C PHE E 244 -17.54 12.38 10.50
N VAL E 245 -17.05 13.50 11.04
CA VAL E 245 -16.61 13.57 12.42
C VAL E 245 -17.78 13.37 13.38
N ILE E 246 -18.97 13.79 12.97
CA ILE E 246 -20.16 13.56 13.79
C ILE E 246 -20.54 12.09 13.75
N GLN E 247 -20.49 11.48 12.57
CA GLN E 247 -20.82 10.06 12.43
C GLN E 247 -19.84 9.17 13.18
N GLU E 248 -18.57 9.49 13.15
CA GLU E 248 -17.58 8.55 13.61
C GLU E 248 -17.02 8.87 15.00
N GLU E 249 -17.29 10.04 15.56
CA GLU E 249 -16.84 10.31 16.92
C GLU E 249 -17.92 10.75 17.88
N PHE E 250 -19.04 11.26 17.42
CA PHE E 250 -20.12 11.65 18.32
C PHE E 250 -21.34 10.76 18.21
N ASP E 251 -21.24 9.68 17.43
CA ASP E 251 -22.25 8.63 17.31
C ASP E 251 -23.63 9.18 16.98
N ARG E 252 -23.67 10.16 16.09
CA ARG E 252 -24.91 10.67 15.57
C ARG E 252 -24.94 10.42 14.08
N PHE E 253 -25.99 9.79 13.59
CA PHE E 253 -26.04 9.37 12.21
C PHE E 253 -27.15 10.03 11.41
N THR E 254 -28.15 10.60 12.06
CA THR E 254 -29.16 11.38 11.40
C THR E 254 -28.91 12.85 11.71
N GLY E 255 -29.33 13.71 10.80
CA GLY E 255 -29.14 15.11 11.05
C GLY E 255 -30.44 15.87 10.92
N TYR E 256 -31.55 15.16 10.92
CA TYR E 256 -32.85 15.78 10.88
C TYR E 256 -33.76 15.07 11.86
N TRP E 257 -34.66 15.85 12.46
CA TRP E 257 -35.54 15.40 13.54
C TRP E 257 -36.92 15.96 13.28
N TRP E 258 -37.89 15.07 13.11
CA TRP E 258 -39.28 15.48 12.94
C TRP E 258 -39.80 16.16 14.19
N CYS E 259 -40.66 17.15 14.01
CA CYS E 259 -41.41 17.65 15.15
C CYS E 259 -42.49 16.64 15.50
N PRO E 260 -42.61 16.23 16.76
CA PRO E 260 -43.53 15.13 17.09
C PRO E 260 -44.98 15.53 17.17
N THR E 261 -45.29 16.81 17.08
CA THR E 261 -46.67 17.26 17.17
C THR E 261 -47.02 18.07 15.93
N ALA E 262 -48.32 18.23 15.71
CA ALA E 262 -48.82 18.95 14.55
C ALA E 262 -49.37 20.27 15.05
N SER E 263 -48.85 21.36 14.49
CA SER E 263 -49.34 22.69 14.80
C SER E 263 -50.24 23.17 13.65
N TRP E 264 -51.10 24.11 13.97
CA TRP E 264 -52.08 24.62 13.01
C TRP E 264 -51.87 26.12 12.92
N GLU E 265 -51.26 26.57 11.83
CA GLU E 265 -51.15 28.01 11.58
C GLU E 265 -52.50 28.59 11.21
N GLY E 266 -53.39 27.75 10.65
CA GLY E 266 -54.75 28.15 10.37
C GLY E 266 -54.94 29.15 9.26
N SER E 267 -54.64 28.76 8.01
CA SER E 267 -55.11 29.56 6.90
C SER E 267 -56.61 29.37 6.80
N GLU E 268 -57.03 28.16 6.46
CA GLU E 268 -58.43 27.81 6.70
C GLU E 268 -58.58 26.45 7.37
N GLY E 269 -57.75 25.46 7.00
CA GLY E 269 -57.79 24.16 7.64
C GLY E 269 -56.48 23.42 7.66
N LEU E 270 -55.39 24.07 7.25
CA LEU E 270 -54.17 23.36 6.93
C LEU E 270 -53.39 23.02 8.20
N LYS E 271 -52.39 22.15 8.04
CA LYS E 271 -51.66 21.58 9.15
C LYS E 271 -50.16 21.62 8.86
N THR E 272 -49.41 22.35 9.68
CA THR E 272 -47.97 22.40 9.53
C THR E 272 -47.31 21.16 10.13
N LEU E 273 -46.13 20.82 9.60
CA LEU E 273 -45.32 19.71 10.09
C LEU E 273 -43.87 20.14 9.98
N ARG E 274 -43.24 20.42 11.10
CA ARG E 274 -41.87 20.90 11.04
C ARG E 274 -40.87 19.75 11.05
N ILE E 275 -39.66 20.05 10.58
CA ILE E 275 -38.49 19.18 10.73
C ILE E 275 -37.32 20.08 11.02
N LEU E 276 -36.59 19.78 12.09
CA LEU E 276 -35.32 20.42 12.36
C LEU E 276 -34.24 19.66 11.61
N TYR E 277 -33.38 20.36 10.90
CA TYR E 277 -32.30 19.66 10.23
C TYR E 277 -31.03 20.48 10.36
N GLU E 278 -29.91 19.83 10.09
CA GLU E 278 -28.61 20.50 10.16
C GLU E 278 -28.14 20.69 8.72
N GLU E 279 -28.05 21.94 8.32
CA GLU E 279 -27.41 22.29 7.08
C GLU E 279 -25.91 22.32 7.34
N VAL E 280 -25.13 21.79 6.40
CA VAL E 280 -23.68 21.74 6.56
C VAL E 280 -23.06 22.20 5.26
N ASP E 281 -22.19 23.20 5.36
CA ASP E 281 -21.43 23.77 4.25
C ASP E 281 -19.98 23.36 4.44
N GLU E 282 -19.61 22.20 3.88
CA GLU E 282 -18.27 21.65 4.05
C GLU E 282 -17.33 22.12 2.95
N SER E 283 -17.31 23.41 2.61
CA SER E 283 -16.41 23.82 1.54
C SER E 283 -14.98 24.03 2.03
N GLU E 284 -14.82 24.63 3.21
CA GLU E 284 -13.52 25.03 3.71
C GLU E 284 -12.80 23.94 4.49
N VAL E 285 -13.15 22.68 4.30
CA VAL E 285 -12.57 21.58 5.06
C VAL E 285 -11.74 20.74 4.09
N GLU E 286 -10.61 20.21 4.57
CA GLU E 286 -9.62 19.57 3.72
C GLU E 286 -10.16 18.31 3.07
N VAL E 287 -9.85 18.14 1.80
CA VAL E 287 -10.29 16.98 1.02
C VAL E 287 -9.13 16.02 0.87
N ILE E 288 -9.38 14.74 1.10
CA ILE E 288 -8.37 13.71 0.96
C ILE E 288 -8.95 12.65 0.03
N HIS E 289 -8.10 12.06 -0.79
CA HIS E 289 -8.53 11.00 -1.68
C HIS E 289 -8.16 9.64 -1.13
N VAL E 290 -9.13 8.73 -1.08
CA VAL E 290 -8.85 7.36 -0.62
C VAL E 290 -9.32 6.41 -1.73
N PRO E 291 -8.54 5.38 -2.06
CA PRO E 291 -8.96 4.43 -3.10
C PRO E 291 -10.34 3.81 -2.93
N SER E 292 -11.05 3.72 -4.06
CA SER E 292 -12.39 3.17 -4.12
C SER E 292 -12.34 1.65 -4.02
N PRO E 293 -13.46 1.02 -3.67
CA PRO E 293 -13.53 -0.45 -3.71
C PRO E 293 -13.30 -1.07 -5.07
N ALA E 294 -13.63 -0.39 -6.16
CA ALA E 294 -13.45 -0.95 -7.50
C ALA E 294 -12.02 -0.71 -7.91
N LEU E 295 -11.14 -1.67 -7.60
CA LEU E 295 -9.71 -1.51 -7.83
C LEU E 295 -9.36 -1.44 -9.29
N GLU E 296 -10.14 -2.10 -10.15
CA GLU E 296 -9.89 -2.09 -11.59
C GLU E 296 -9.94 -0.68 -12.15
N GLU E 297 -10.89 0.14 -11.67
CA GLU E 297 -11.06 1.49 -12.19
C GLU E 297 -9.89 2.40 -11.80
N ARG E 298 -9.17 2.06 -10.72
CA ARG E 298 -8.06 2.83 -10.16
C ARG E 298 -8.40 4.28 -9.86
N LYS E 299 -9.64 4.55 -9.51
CA LYS E 299 -10.03 5.89 -9.14
C LYS E 299 -10.22 5.96 -7.64
N THR E 300 -10.18 7.16 -7.10
CA THR E 300 -10.35 7.36 -5.68
C THR E 300 -11.72 7.97 -5.42
N ASP E 301 -12.03 8.17 -4.15
CA ASP E 301 -13.14 8.99 -3.74
C ASP E 301 -12.61 10.13 -2.89
N SER E 302 -13.09 11.33 -3.18
CA SER E 302 -12.82 12.47 -2.33
C SER E 302 -13.60 12.36 -1.04
N TYR E 303 -12.99 12.79 0.06
CA TYR E 303 -13.61 12.76 1.37
C TYR E 303 -13.27 14.05 2.08
N ARG E 304 -14.29 14.76 2.52
CA ARG E 304 -14.12 15.98 3.29
C ARG E 304 -13.72 15.59 4.72
N TYR E 305 -12.43 15.35 4.90
CA TYR E 305 -11.90 14.82 6.13
C TYR E 305 -11.26 15.91 6.96
N PRO E 306 -11.82 16.31 8.10
CA PRO E 306 -11.20 17.38 8.87
C PRO E 306 -10.01 16.91 9.68
N ARG E 307 -8.82 17.27 9.23
CA ARG E 307 -7.60 16.96 9.96
C ARG E 307 -7.54 17.77 11.25
N THR E 308 -6.76 17.26 12.21
CA THR E 308 -6.60 17.93 13.50
C THR E 308 -5.94 19.29 13.32
N GLY E 309 -6.54 20.32 13.92
CA GLY E 309 -6.09 21.67 13.72
C GLY E 309 -6.78 22.39 12.59
N SER E 310 -7.14 21.67 11.53
CA SER E 310 -7.88 22.28 10.43
C SER E 310 -9.30 22.59 10.86
N LYS E 311 -9.98 23.38 10.05
CA LYS E 311 -11.25 23.94 10.46
C LYS E 311 -12.39 22.98 10.16
N ASN E 312 -13.32 22.89 11.11
CA ASN E 312 -14.44 21.98 11.04
C ASN E 312 -15.47 22.50 10.05
N PRO E 313 -16.43 21.67 9.65
CA PRO E 313 -17.49 22.16 8.76
C PRO E 313 -18.33 23.24 9.40
N LYS E 314 -18.84 24.14 8.56
CA LYS E 314 -19.66 25.23 9.07
C LYS E 314 -21.09 24.74 9.20
N ILE E 315 -21.57 24.64 10.43
CA ILE E 315 -22.77 23.93 10.71
C ILE E 315 -23.85 24.99 10.92
N ALA E 316 -25.12 24.58 10.94
CA ALA E 316 -26.26 25.44 11.23
C ALA E 316 -27.51 24.59 11.37
N LEU E 317 -28.45 25.04 12.21
CA LEU E 317 -29.74 24.39 12.34
C LEU E 317 -30.80 25.15 11.56
N LYS E 318 -31.77 24.41 11.02
CA LYS E 318 -32.73 24.97 10.09
C LYS E 318 -34.01 24.19 10.19
N LEU E 319 -35.13 24.87 9.98
CA LEU E 319 -36.45 24.23 9.96
C LEU E 319 -36.95 24.11 8.55
N ALA E 320 -37.19 22.90 8.11
CA ALA E 320 -37.83 22.72 6.83
C ALA E 320 -39.25 22.33 7.20
N GLU E 321 -40.16 23.28 7.03
CA GLU E 321 -41.57 23.10 7.34
C GLU E 321 -42.33 22.84 6.06
N PHE E 322 -43.54 22.35 6.23
CA PHE E 322 -44.46 22.29 5.11
C PHE E 322 -45.85 22.16 5.68
N GLN E 323 -46.83 22.44 4.83
CA GLN E 323 -48.21 22.54 5.24
C GLN E 323 -49.04 21.68 4.30
N THR E 324 -49.98 20.95 4.88
CA THR E 324 -50.75 19.95 4.16
C THR E 324 -52.22 20.08 4.50
N ASP E 325 -53.02 19.23 3.85
CA ASP E 325 -54.47 19.27 3.95
C ASP E 325 -55.03 17.88 4.21
N SER E 326 -56.34 17.86 4.49
CA SER E 326 -57.07 16.62 4.76
C SER E 326 -57.06 15.66 3.58
N GLN E 327 -56.91 16.17 2.35
CA GLN E 327 -56.79 15.29 1.21
C GLN E 327 -55.44 14.59 1.14
N GLY E 328 -54.44 15.10 1.85
CA GLY E 328 -53.17 14.42 1.92
C GLY E 328 -52.22 14.84 0.81
N LYS E 329 -52.00 16.15 0.69
CA LYS E 329 -51.06 16.69 -0.29
C LYS E 329 -50.22 17.76 0.39
N ILE E 330 -48.93 17.80 0.08
CA ILE E 330 -48.06 18.84 0.61
C ILE E 330 -48.36 20.10 -0.19
N VAL E 331 -49.23 20.94 0.34
CA VAL E 331 -49.62 22.15 -0.35
C VAL E 331 -48.50 23.18 -0.29
N SER E 332 -48.18 23.64 0.91
CA SER E 332 -47.14 24.65 1.05
C SER E 332 -45.86 24.02 1.58
N THR E 333 -44.76 24.75 1.46
CA THR E 333 -43.48 24.35 2.03
C THR E 333 -42.77 25.65 2.39
N GLN E 334 -41.74 25.57 3.24
CA GLN E 334 -41.01 26.76 3.70
C GLN E 334 -39.74 26.40 4.44
N GLU E 335 -38.60 26.85 3.93
CA GLU E 335 -37.36 26.80 4.69
C GLU E 335 -37.30 27.94 5.69
N LYS E 336 -36.82 27.65 6.89
CA LYS E 336 -36.60 28.67 7.89
C LYS E 336 -35.21 28.53 8.50
N GLU E 337 -34.68 29.65 8.95
CA GLU E 337 -33.34 29.74 9.48
C GLU E 337 -33.39 30.76 10.63
N LEU E 338 -32.41 30.70 11.52
CA LEU E 338 -32.41 31.53 12.72
C LEU E 338 -32.28 33.02 12.38
N VAL E 339 -32.76 33.88 13.29
CA VAL E 339 -32.85 35.32 13.01
C VAL E 339 -31.48 35.94 12.82
N GLN E 340 -30.48 35.47 13.53
CA GLN E 340 -29.12 35.77 13.20
C GLN E 340 -28.46 34.52 12.65
N PRO E 341 -27.33 34.66 11.96
CA PRO E 341 -26.56 33.46 11.60
C PRO E 341 -26.14 32.69 12.84
N PHE E 342 -26.03 31.38 12.67
CA PHE E 342 -25.87 30.46 13.78
C PHE E 342 -24.55 30.69 14.49
N SER E 343 -23.46 30.82 13.73
CA SER E 343 -22.13 31.06 14.28
C SER E 343 -22.04 32.34 15.09
N SER E 344 -22.85 33.35 14.76
CA SER E 344 -22.81 34.62 15.47
C SER E 344 -23.75 34.65 16.65
N LEU E 345 -24.94 34.07 16.51
CA LEU E 345 -25.85 33.95 17.63
C LEU E 345 -25.30 32.99 18.69
N PHE E 346 -24.52 32.00 18.29
CA PHE E 346 -23.91 31.03 19.20
C PHE E 346 -22.41 30.93 18.94
N PRO E 347 -21.62 31.86 19.44
CA PRO E 347 -20.17 31.70 19.37
C PRO E 347 -19.71 30.54 20.24
N LYS E 348 -18.51 30.04 19.93
CA LYS E 348 -17.90 28.87 20.58
C LYS E 348 -18.77 27.63 20.43
N VAL E 349 -19.36 27.44 19.26
CA VAL E 349 -20.15 26.25 19.00
C VAL E 349 -19.58 25.59 17.76
N GLU E 350 -18.82 24.52 17.96
CA GLU E 350 -18.19 23.83 16.86
C GLU E 350 -19.01 22.66 16.36
N TYR E 351 -19.60 21.87 17.25
CA TYR E 351 -20.30 20.66 16.85
C TYR E 351 -21.68 20.61 17.49
N ILE E 352 -22.65 20.18 16.71
CA ILE E 352 -23.97 19.83 17.23
C ILE E 352 -23.90 18.34 17.56
N ALA E 353 -23.66 18.04 18.83
CA ALA E 353 -23.62 16.65 19.28
C ALA E 353 -24.93 15.93 19.03
N ARG E 354 -26.03 16.45 19.56
CA ARG E 354 -27.34 15.82 19.45
C ARG E 354 -28.38 16.90 19.28
N ALA E 355 -29.59 16.50 18.90
CA ALA E 355 -30.69 17.44 18.78
C ALA E 355 -31.98 16.66 18.73
N GLY E 356 -33.07 17.38 18.93
CA GLY E 356 -34.39 16.80 18.86
C GLY E 356 -35.45 17.82 19.23
N TRP E 357 -36.55 17.37 19.81
CA TRP E 357 -37.61 18.26 20.22
C TRP E 357 -38.12 17.84 21.58
N THR E 358 -38.70 18.79 22.30
CA THR E 358 -39.52 18.42 23.44
C THR E 358 -40.81 17.79 22.92
N ARG E 359 -41.33 16.82 23.68
CA ARG E 359 -42.38 15.94 23.17
C ARG E 359 -43.70 16.66 22.92
N ASP E 360 -43.95 17.75 23.64
CA ASP E 360 -45.13 18.55 23.37
C ASP E 360 -44.99 19.34 22.07
N GLY E 361 -43.76 19.58 21.61
CA GLY E 361 -43.54 20.33 20.40
C GLY E 361 -43.15 21.77 20.61
N LYS E 362 -43.08 22.21 21.87
CA LYS E 362 -42.89 23.63 22.18
C LYS E 362 -41.51 24.11 21.76
N TYR E 363 -40.49 23.31 21.95
CA TYR E 363 -39.13 23.74 21.71
C TYR E 363 -38.35 22.67 20.98
N ALA E 364 -37.42 23.10 20.12
CA ALA E 364 -36.49 22.17 19.52
C ALA E 364 -35.16 22.25 20.27
N TRP E 365 -34.76 21.17 20.92
CA TRP E 365 -33.54 21.21 21.70
C TRP E 365 -32.34 20.78 20.87
N ALA E 366 -31.15 21.15 21.36
CA ALA E 366 -29.91 20.78 20.71
C ALA E 366 -28.79 20.87 21.71
N MET E 367 -27.93 19.86 21.72
CA MET E 367 -26.69 19.87 22.48
C MET E 367 -25.58 20.43 21.63
N PHE E 368 -25.03 21.56 22.02
CA PHE E 368 -23.88 22.12 21.33
C PHE E 368 -22.62 21.74 22.07
N LEU E 369 -21.49 21.89 21.40
CA LEU E 369 -20.24 21.49 22.00
C LEU E 369 -19.14 22.29 21.32
N ASP E 370 -18.13 22.72 22.07
CA ASP E 370 -17.12 23.58 21.48
C ASP E 370 -15.88 22.81 21.01
N ARG E 371 -15.03 23.51 20.26
CA ARG E 371 -13.80 22.92 19.73
C ARG E 371 -12.82 22.36 20.76
N PRO E 372 -12.55 22.98 21.93
CA PRO E 372 -11.77 22.26 22.95
C PRO E 372 -12.40 21.01 23.50
N GLN E 373 -13.73 20.85 23.35
CA GLN E 373 -14.52 19.74 23.90
C GLN E 373 -14.42 19.68 25.42
N GLN E 374 -14.34 20.85 26.05
CA GLN E 374 -14.40 20.98 27.49
C GLN E 374 -15.56 21.88 27.90
N TRP E 375 -16.49 22.10 26.97
CA TRP E 375 -17.54 23.08 27.15
C TRP E 375 -18.72 22.67 26.27
N LEU E 376 -19.67 21.97 26.89
CA LEU E 376 -20.88 21.49 26.26
C LEU E 376 -22.07 22.25 26.81
N GLN E 377 -23.00 22.63 25.94
CA GLN E 377 -24.19 23.20 26.53
C GLN E 377 -25.44 22.86 25.77
N LEU E 378 -26.46 22.50 26.53
CA LEU E 378 -27.75 22.13 25.99
C LEU E 378 -28.50 23.43 25.84
N VAL E 379 -29.22 23.57 24.72
CA VAL E 379 -29.98 24.77 24.38
C VAL E 379 -31.35 24.37 23.85
N LEU E 380 -32.38 25.15 24.19
CA LEU E 380 -33.71 25.01 23.64
C LEU E 380 -33.93 26.15 22.64
N LEU E 381 -34.38 25.82 21.44
CA LEU E 381 -34.67 26.76 20.35
C LEU E 381 -36.15 26.75 19.98
N PRO E 382 -36.95 27.69 20.46
CA PRO E 382 -38.38 27.72 20.09
C PRO E 382 -38.59 28.07 18.63
N PRO E 383 -39.50 27.35 17.95
CA PRO E 383 -39.74 27.53 16.50
C PRO E 383 -40.01 28.94 15.99
N ALA E 384 -40.52 29.85 16.82
CA ALA E 384 -40.69 31.23 16.38
C ALA E 384 -39.39 31.99 16.20
N LEU E 385 -38.29 31.54 16.82
CA LEU E 385 -36.96 32.07 16.56
C LEU E 385 -36.50 31.88 15.11
N PHE E 386 -37.09 30.95 14.39
CA PHE E 386 -36.72 30.71 13.00
C PHE E 386 -37.65 31.50 12.07
N ILE E 387 -37.11 32.55 11.45
CA ILE E 387 -37.79 33.31 10.41
C ILE E 387 -37.69 32.54 9.10
N PRO E 388 -38.51 32.84 8.09
CA PRO E 388 -38.26 32.31 6.74
C PRO E 388 -36.94 32.75 6.15
N SER E 389 -36.52 32.00 5.13
CA SER E 389 -35.24 32.21 4.47
C SER E 389 -35.52 32.59 3.03
N THR E 390 -35.07 33.77 2.64
CA THR E 390 -35.15 34.25 1.26
C THR E 390 -33.95 35.17 1.09
N GLU E 391 -33.46 35.28 -0.16
CA GLU E 391 -32.36 36.17 -0.46
C GLU E 391 -32.74 37.65 -0.38
N ASN E 392 -34.03 37.97 -0.36
CA ASN E 392 -34.45 39.37 -0.27
C ASN E 392 -34.21 39.88 1.13
N GLU E 393 -33.27 40.82 1.26
CA GLU E 393 -32.94 41.34 2.58
C GLU E 393 -34.02 42.22 3.16
N GLU E 394 -35.02 42.60 2.38
CA GLU E 394 -36.07 43.36 3.01
C GLU E 394 -37.14 42.44 3.59
N GLN E 395 -37.47 41.35 2.90
CA GLN E 395 -38.25 40.29 3.53
C GLN E 395 -37.56 39.76 4.79
N ARG E 396 -36.22 39.67 4.77
CA ARG E 396 -35.50 39.19 5.94
C ARG E 396 -35.66 40.15 7.12
N LEU E 397 -35.43 41.46 6.89
CA LEU E 397 -35.67 42.44 7.94
C LEU E 397 -37.13 42.45 8.38
N ALA E 398 -38.05 42.30 7.41
CA ALA E 398 -39.49 42.26 7.68
C ALA E 398 -39.85 41.21 8.71
N SER E 399 -39.34 39.99 8.52
CA SER E 399 -39.64 38.95 9.50
C SER E 399 -38.73 39.00 10.72
N ALA E 400 -37.59 39.69 10.64
CA ALA E 400 -36.85 40.03 11.85
C ALA E 400 -37.64 41.00 12.73
N ARG E 401 -38.37 41.92 12.11
CA ARG E 401 -39.31 42.74 12.86
C ARG E 401 -40.46 41.90 13.39
N ALA E 402 -40.95 40.96 12.56
CA ALA E 402 -42.11 40.13 12.91
C ALA E 402 -41.89 39.17 14.07
N VAL E 403 -40.65 38.73 14.30
CA VAL E 403 -40.45 37.79 15.41
C VAL E 403 -40.61 38.54 16.74
N PRO E 404 -41.36 37.99 17.70
CA PRO E 404 -41.64 38.70 18.95
C PRO E 404 -40.39 39.01 19.76
N ARG E 405 -40.48 40.09 20.53
CA ARG E 405 -39.38 40.51 21.39
C ARG E 405 -39.08 39.50 22.48
N ASN E 406 -40.10 38.82 22.99
CA ASN E 406 -39.91 37.96 24.16
C ASN E 406 -39.19 36.66 23.82
N VAL E 407 -39.53 36.02 22.69
CA VAL E 407 -39.02 34.69 22.37
C VAL E 407 -37.50 34.67 22.25
N GLN E 408 -36.91 33.55 22.67
CA GLN E 408 -35.51 33.54 23.03
C GLN E 408 -34.99 32.11 23.02
N PRO E 409 -33.77 31.87 22.56
CA PRO E 409 -33.14 30.58 22.85
C PRO E 409 -32.70 30.54 24.30
N TYR E 410 -32.97 29.44 24.96
CA TYR E 410 -32.61 29.27 26.35
C TYR E 410 -31.45 28.30 26.47
N VAL E 411 -30.26 28.82 26.78
CA VAL E 411 -29.18 27.89 27.09
C VAL E 411 -29.53 27.34 28.46
N VAL E 412 -30.05 26.13 28.46
CA VAL E 412 -30.59 25.58 29.69
C VAL E 412 -29.48 24.97 30.55
N TYR E 413 -28.52 24.30 29.94
CA TYR E 413 -27.55 23.57 30.75
C TYR E 413 -26.17 23.81 30.20
N GLU E 414 -25.18 23.93 31.08
CA GLU E 414 -23.83 24.26 30.61
C GLU E 414 -22.78 23.47 31.40
N GLU E 415 -22.34 22.36 30.82
CA GLU E 415 -21.28 21.54 31.38
C GLU E 415 -19.92 22.11 30.98
N VAL E 416 -19.06 22.34 31.97
CA VAL E 416 -17.71 22.83 31.76
C VAL E 416 -16.79 21.87 32.49
N THR E 417 -15.64 21.54 31.88
CA THR E 417 -14.75 20.58 32.52
C THR E 417 -13.30 20.91 32.23
N ASN E 418 -12.43 20.26 33.00
CA ASN E 418 -10.99 20.34 32.79
C ASN E 418 -10.42 19.12 32.08
N VAL E 419 -11.22 18.10 31.81
CA VAL E 419 -10.67 16.92 31.16
C VAL E 419 -11.16 16.83 29.71
N TRP E 420 -12.43 16.49 29.52
CA TRP E 420 -13.15 16.53 28.24
C TRP E 420 -14.59 16.17 28.50
N ILE E 421 -15.47 16.64 27.63
CA ILE E 421 -16.87 16.28 27.72
C ILE E 421 -17.14 15.04 26.88
N ASN E 422 -17.60 13.98 27.53
CA ASN E 422 -18.18 12.88 26.80
C ASN E 422 -19.64 13.21 26.50
N VAL E 423 -20.06 12.96 25.26
CA VAL E 423 -21.41 13.28 24.85
C VAL E 423 -22.37 12.29 25.49
N HIS E 424 -23.20 12.76 26.41
CA HIS E 424 -24.22 11.93 27.04
C HIS E 424 -25.55 12.28 26.42
N ASP E 425 -26.12 11.34 25.69
CA ASP E 425 -27.36 11.56 24.97
C ASP E 425 -28.60 11.42 25.83
N ILE E 426 -28.46 11.07 27.11
CA ILE E 426 -29.58 11.15 28.03
C ILE E 426 -30.00 12.60 28.20
N PHE E 427 -31.21 12.88 27.76
CA PHE E 427 -31.86 14.18 28.00
C PHE E 427 -33.34 13.93 27.88
N TYR E 428 -34.04 13.95 29.01
CA TYR E 428 -35.47 13.73 29.01
C TYR E 428 -36.18 14.99 29.47
N PRO E 429 -36.62 15.85 28.56
CA PRO E 429 -37.40 17.01 28.98
C PRO E 429 -38.82 16.59 29.35
N PHE E 430 -39.23 16.94 30.56
CA PHE E 430 -40.57 16.61 30.99
C PHE E 430 -41.55 17.55 30.31
N PRO E 431 -42.82 17.21 30.28
CA PRO E 431 -43.82 18.23 29.97
C PRO E 431 -43.83 19.28 31.06
N GLN E 432 -43.93 20.54 30.63
CA GLN E 432 -43.82 21.66 31.54
C GLN E 432 -45.12 22.42 31.69
N SER E 433 -46.25 21.81 31.29
CA SER E 433 -47.54 22.48 31.37
C SER E 433 -47.96 22.67 32.82
N GLU E 434 -47.45 21.85 33.73
CA GLU E 434 -47.61 22.10 35.15
C GLU E 434 -46.61 23.19 35.57
N GLY E 435 -47.14 24.32 36.04
CA GLY E 435 -46.29 25.45 36.34
C GLY E 435 -45.75 26.07 35.06
N GLU E 436 -46.58 26.80 34.32
CA GLU E 436 -46.38 27.08 32.90
C GLU E 436 -45.22 28.05 32.66
N ASP E 437 -44.02 27.57 32.99
CA ASP E 437 -42.70 28.08 32.63
C ASP E 437 -41.74 27.00 33.08
N GLU E 438 -40.45 27.32 33.24
CA GLU E 438 -39.49 26.63 34.12
C GLU E 438 -39.38 25.14 33.81
N LEU E 439 -38.76 24.88 32.66
CA LEU E 439 -38.54 23.52 32.17
C LEU E 439 -37.78 22.65 33.16
N CYS E 440 -38.29 21.45 33.37
CA CYS E 440 -37.68 20.44 34.22
C CYS E 440 -37.29 19.27 33.33
N PHE E 441 -36.03 18.86 33.41
CA PHE E 441 -35.52 17.78 32.58
C PHE E 441 -34.58 16.90 33.39
N LEU E 442 -34.24 15.76 32.81
CA LEU E 442 -33.21 14.89 33.33
C LEU E 442 -31.97 15.03 32.46
N ARG E 443 -30.81 14.80 33.05
CA ARG E 443 -29.55 14.99 32.33
C ARG E 443 -28.42 14.24 32.99
N ALA E 444 -27.70 13.45 32.20
CA ALA E 444 -26.50 12.78 32.69
C ALA E 444 -25.37 13.79 32.77
N ASN E 445 -24.63 13.78 33.87
CA ASN E 445 -23.56 14.76 34.05
C ASN E 445 -22.35 14.07 34.66
N GLU E 446 -21.34 13.85 33.84
CA GLU E 446 -20.09 13.28 34.32
C GLU E 446 -19.09 14.30 34.85
N CYS E 447 -19.09 15.52 34.30
CA CYS E 447 -18.11 16.54 34.71
C CYS E 447 -18.30 17.05 36.12
N LYS E 448 -19.53 17.05 36.65
CA LYS E 448 -19.78 17.55 38.00
C LYS E 448 -19.03 16.76 39.07
N THR E 449 -19.36 15.49 39.23
CA THR E 449 -18.74 14.71 40.28
C THR E 449 -17.58 13.85 39.80
N GLY E 450 -17.34 13.77 38.50
CA GLY E 450 -16.35 12.88 37.96
C GLY E 450 -16.92 11.62 37.36
N PHE E 451 -18.17 11.30 37.68
CA PHE E 451 -18.81 10.10 37.19
C PHE E 451 -20.14 10.47 36.54
N CYS E 452 -20.50 9.74 35.49
CA CYS E 452 -21.75 9.97 34.78
C CYS E 452 -22.92 9.61 35.67
N HIS E 453 -23.59 10.60 36.21
CA HIS E 453 -24.75 10.37 37.08
C HIS E 453 -25.94 11.17 36.59
N LEU E 454 -27.12 10.60 36.78
CA LEU E 454 -28.33 11.31 36.43
C LEU E 454 -28.62 12.40 37.43
N TYR E 455 -29.26 13.46 36.96
CA TYR E 455 -29.72 14.54 37.81
C TYR E 455 -31.10 14.91 37.31
N LYS E 456 -31.94 15.42 38.20
CA LYS E 456 -33.12 16.15 37.79
C LYS E 456 -32.78 17.61 37.95
N VAL E 457 -32.91 18.37 36.87
CA VAL E 457 -32.55 19.77 36.85
C VAL E 457 -33.75 20.58 36.43
N THR E 458 -34.05 21.61 37.21
CA THR E 458 -35.11 22.56 36.94
C THR E 458 -34.44 23.91 36.73
N ALA E 459 -34.49 24.40 35.50
CA ALA E 459 -34.04 25.73 35.12
C ALA E 459 -35.25 26.65 35.01
N VAL E 460 -34.97 27.95 34.94
CA VAL E 460 -36.02 28.97 34.86
C VAL E 460 -35.86 29.76 33.57
N LEU E 461 -36.87 29.68 32.71
CA LEU E 461 -36.83 30.34 31.41
C LEU E 461 -37.28 31.77 31.59
N LYS E 462 -36.31 32.65 31.91
CA LYS E 462 -36.59 34.06 32.16
C LYS E 462 -36.12 34.86 30.95
N SER E 463 -37.04 35.12 30.03
CA SER E 463 -36.72 35.91 28.83
C SER E 463 -36.58 37.37 29.19
N GLN E 464 -35.53 38.01 28.69
CA GLN E 464 -35.35 39.43 28.98
C GLN E 464 -35.91 40.33 27.89
N GLY E 465 -36.18 39.79 26.70
CA GLY E 465 -36.67 40.60 25.60
C GLY E 465 -35.61 41.00 24.59
N TYR E 466 -35.72 40.49 23.35
CA TYR E 466 -34.69 40.71 22.34
C TYR E 466 -35.25 41.37 21.09
N ASP E 467 -34.53 42.37 20.60
CA ASP E 467 -34.77 42.94 19.28
C ASP E 467 -33.93 42.17 18.26
N TRP E 468 -34.56 41.27 17.52
CA TRP E 468 -33.80 40.37 16.66
C TRP E 468 -33.43 40.99 15.33
N SER E 469 -33.87 42.21 15.04
CA SER E 469 -33.52 42.84 13.77
C SER E 469 -32.09 43.33 13.76
N GLU E 470 -31.68 44.04 14.81
CA GLU E 470 -30.29 44.44 14.89
C GLU E 470 -29.41 43.26 15.27
N PRO E 471 -28.18 43.22 14.80
CA PRO E 471 -27.26 42.15 15.21
C PRO E 471 -26.49 42.50 16.47
N PHE E 472 -26.53 41.62 17.47
CA PHE E 472 -25.78 41.79 18.70
C PHE E 472 -24.67 40.75 18.80
N SER E 473 -23.74 41.02 19.71
CA SER E 473 -22.71 40.05 20.06
C SER E 473 -23.08 39.40 21.38
N PRO E 474 -23.27 38.09 21.43
CA PRO E 474 -23.54 37.42 22.70
C PRO E 474 -22.38 37.50 23.67
N GLY E 475 -22.72 37.58 24.95
CA GLY E 475 -21.77 37.44 26.03
C GLY E 475 -21.50 36.00 26.39
N GLU E 476 -20.68 35.83 27.43
CA GLU E 476 -20.18 34.52 27.81
C GLU E 476 -21.23 33.66 28.51
N ASP E 477 -22.19 34.27 29.19
CA ASP E 477 -23.30 33.56 29.83
C ASP E 477 -24.61 34.20 29.42
N GLU E 478 -24.75 34.40 28.11
CA GLU E 478 -25.75 35.32 27.59
C GLU E 478 -27.16 34.77 27.72
N PHE E 479 -27.45 33.65 27.08
CA PHE E 479 -28.76 33.04 27.20
C PHE E 479 -28.86 32.07 28.36
N LYS E 480 -27.79 31.95 29.17
CA LYS E 480 -27.71 30.92 30.20
C LYS E 480 -28.72 31.19 31.29
N CYS E 481 -29.71 30.34 31.38
CA CYS E 481 -30.68 30.45 32.44
C CYS E 481 -30.10 29.95 33.75
N PRO E 482 -30.39 30.60 34.87
CA PRO E 482 -29.96 30.07 36.15
C PRO E 482 -30.79 28.87 36.54
N ILE E 483 -30.22 28.04 37.39
CA ILE E 483 -30.86 26.79 37.77
C ILE E 483 -31.74 27.03 38.99
N LYS E 484 -32.99 26.57 38.92
CA LYS E 484 -33.82 26.57 40.12
C LYS E 484 -33.28 25.53 41.10
N GLU E 485 -33.17 24.29 40.64
CA GLU E 485 -32.63 23.24 41.49
C GLU E 485 -32.02 22.14 40.64
N GLU E 486 -31.11 21.38 41.26
CA GLU E 486 -30.42 20.28 40.58
C GLU E 486 -30.33 19.12 41.59
N ILE E 487 -31.46 18.47 41.86
CA ILE E 487 -31.42 17.29 42.73
C ILE E 487 -30.64 16.16 42.06
N ALA E 488 -29.80 15.51 42.86
CA ALA E 488 -28.97 14.40 42.41
C ALA E 488 -29.66 13.07 42.69
N LEU E 489 -30.02 12.36 41.63
CA LEU E 489 -30.72 11.10 41.78
C LEU E 489 -29.79 9.93 42.02
N THR E 490 -28.55 9.97 41.55
CA THR E 490 -27.59 8.91 41.82
C THR E 490 -26.26 9.53 42.22
N SER E 491 -25.47 8.74 42.94
CA SER E 491 -24.14 9.14 43.38
C SER E 491 -23.34 7.89 43.71
N GLY E 492 -22.04 7.99 43.58
CA GLY E 492 -21.18 6.87 43.92
C GLY E 492 -19.92 6.86 43.07
N GLU E 493 -19.24 5.72 43.12
CA GLU E 493 -18.01 5.48 42.36
C GLU E 493 -18.28 4.65 41.12
N TRP E 494 -19.39 4.95 40.46
CA TRP E 494 -19.87 4.18 39.34
C TRP E 494 -20.55 5.17 38.41
N GLU E 495 -20.92 4.72 37.22
CA GLU E 495 -21.51 5.66 36.29
C GLU E 495 -22.80 5.12 35.73
N VAL E 496 -23.62 6.03 35.26
CA VAL E 496 -24.84 5.69 34.54
C VAL E 496 -24.47 5.60 33.07
N LEU E 497 -24.84 4.51 32.42
CA LEU E 497 -24.46 4.35 31.03
C LEU E 497 -25.26 5.29 30.14
N ALA E 498 -24.56 6.06 29.34
CA ALA E 498 -25.19 7.00 28.43
C ALA E 498 -24.86 6.72 26.98
N ARG E 499 -23.57 6.63 26.66
CA ARG E 499 -23.12 6.54 25.29
C ARG E 499 -23.42 5.16 24.71
N HIS E 500 -23.05 5.00 23.44
CA HIS E 500 -23.07 3.73 22.72
C HIS E 500 -24.49 3.18 22.62
N GLY E 501 -25.46 4.08 22.45
CA GLY E 501 -26.84 3.70 22.26
C GLY E 501 -27.55 3.12 23.45
N SER E 502 -27.03 3.31 24.66
CA SER E 502 -27.84 3.08 25.84
C SER E 502 -28.77 4.27 26.04
N LYS E 503 -29.77 4.09 26.89
CA LYS E 503 -30.79 5.11 27.06
C LYS E 503 -31.47 4.90 28.40
N ILE E 504 -32.25 5.90 28.81
CA ILE E 504 -33.08 5.79 29.98
C ILE E 504 -34.53 5.61 29.54
N TRP E 505 -35.38 5.18 30.46
CA TRP E 505 -36.80 5.04 30.22
C TRP E 505 -37.56 5.67 31.39
N VAL E 506 -38.34 6.71 31.11
CA VAL E 506 -38.94 7.52 32.16
C VAL E 506 -40.44 7.27 32.12
N ASN E 507 -40.93 6.47 33.07
CA ASN E 507 -42.36 6.34 33.27
C ASN E 507 -42.84 7.57 34.02
N GLU E 508 -43.60 8.43 33.34
CA GLU E 508 -44.11 9.64 33.96
C GLU E 508 -45.39 9.40 34.75
N GLU E 509 -46.07 8.27 34.55
CA GLU E 509 -47.26 8.00 35.34
C GLU E 509 -46.90 7.53 36.73
N THR E 510 -45.96 6.61 36.84
CA THR E 510 -45.50 6.16 38.14
C THR E 510 -44.39 7.05 38.68
N LYS E 511 -43.86 7.94 37.84
CA LYS E 511 -42.78 8.88 38.17
C LYS E 511 -41.51 8.13 38.59
N LEU E 512 -41.01 7.32 37.66
CA LEU E 512 -39.77 6.57 37.83
C LEU E 512 -38.88 6.75 36.61
N VAL E 513 -37.57 6.68 36.82
CA VAL E 513 -36.60 6.69 35.74
C VAL E 513 -35.74 5.43 35.84
N TYR E 514 -35.80 4.64 34.79
CA TYR E 514 -35.06 3.41 34.62
C TYR E 514 -33.79 3.72 33.86
N PHE E 515 -32.64 3.35 34.40
CA PHE E 515 -31.38 3.61 33.73
C PHE E 515 -30.54 2.36 33.79
N GLN E 516 -29.44 2.37 33.07
CA GLN E 516 -28.45 1.31 33.17
C GLN E 516 -27.23 1.85 33.89
N GLY E 517 -26.50 0.98 34.57
CA GLY E 517 -25.36 1.51 35.29
C GLY E 517 -24.40 0.41 35.67
N THR E 518 -23.31 0.83 36.28
CA THR E 518 -22.24 -0.06 36.74
C THR E 518 -22.15 -0.06 38.26
N LYS E 519 -23.30 0.09 38.92
CA LYS E 519 -23.30 0.34 40.37
C LYS E 519 -22.81 -0.86 41.16
N ASP E 520 -23.21 -2.07 40.73
CA ASP E 520 -22.77 -3.27 41.45
C ASP E 520 -21.27 -3.49 41.30
N THR E 521 -20.74 -3.31 40.09
CA THR E 521 -19.34 -3.56 39.80
C THR E 521 -19.00 -2.87 38.47
N PRO E 522 -17.75 -2.44 38.26
CA PRO E 522 -17.41 -1.84 36.96
C PRO E 522 -17.45 -2.80 35.79
N LEU E 523 -17.49 -4.10 36.01
CA LEU E 523 -17.45 -5.06 34.93
C LEU E 523 -18.82 -5.43 34.39
N GLU E 524 -19.90 -4.87 34.91
CA GLU E 524 -21.23 -5.33 34.56
C GLU E 524 -22.20 -4.18 34.39
N HIS E 525 -23.06 -4.28 33.39
CA HIS E 525 -24.10 -3.30 33.13
C HIS E 525 -25.43 -3.85 33.64
N HIS E 526 -25.96 -3.25 34.69
CA HIS E 526 -27.23 -3.69 35.25
C HIS E 526 -28.30 -2.63 35.07
N LEU E 527 -29.52 -3.09 34.87
CA LEU E 527 -30.68 -2.20 34.81
C LEU E 527 -31.09 -1.81 36.23
N TYR E 528 -31.09 -0.53 36.51
CA TYR E 528 -31.54 0.01 37.78
C TYR E 528 -32.76 0.89 37.57
N VAL E 529 -33.53 1.08 38.63
CA VAL E 529 -34.62 2.05 38.63
C VAL E 529 -34.53 2.90 39.88
N VAL E 530 -34.91 4.17 39.75
CA VAL E 530 -34.96 5.09 40.89
C VAL E 530 -36.12 6.03 40.59
N SER E 531 -36.66 6.64 41.64
CA SER E 531 -37.65 7.69 41.46
C SER E 531 -36.99 9.05 41.32
N TYR E 532 -37.56 9.88 40.46
CA TYR E 532 -37.07 11.25 40.33
C TYR E 532 -37.83 12.23 41.21
N GLU E 533 -38.51 11.77 42.26
CA GLU E 533 -38.95 12.69 43.30
C GLU E 533 -37.91 12.81 44.38
N ALA E 534 -37.42 11.68 44.87
CA ALA E 534 -36.36 11.64 45.84
C ALA E 534 -35.45 10.47 45.51
N ALA E 535 -34.17 10.62 45.81
CA ALA E 535 -33.21 9.53 45.61
C ALA E 535 -33.31 8.60 46.81
N GLY E 536 -34.39 7.83 46.84
CA GLY E 536 -34.63 6.92 47.95
C GLY E 536 -33.67 5.77 47.92
N GLU E 537 -33.77 4.91 46.92
CA GLU E 537 -32.84 3.82 46.77
C GLU E 537 -32.83 3.42 45.30
N ILE E 538 -31.77 2.72 44.94
CA ILE E 538 -31.54 2.33 43.55
C ILE E 538 -31.82 0.83 43.46
N VAL E 539 -32.93 0.47 42.85
CA VAL E 539 -33.35 -0.92 42.79
C VAL E 539 -32.79 -1.56 41.53
N ARG E 540 -32.01 -2.62 41.70
CA ARG E 540 -31.52 -3.39 40.57
C ARG E 540 -32.61 -4.34 40.09
N LEU E 541 -32.78 -4.42 38.78
CA LEU E 541 -33.79 -5.29 38.17
C LEU E 541 -33.16 -6.46 37.42
N THR E 542 -31.89 -6.75 37.65
CA THR E 542 -31.22 -7.81 36.92
C THR E 542 -30.41 -8.69 37.88
N THR E 543 -30.19 -9.91 37.45
CA THR E 543 -29.41 -10.85 38.25
C THR E 543 -27.95 -10.43 38.23
N PRO E 544 -27.26 -10.45 39.36
CA PRO E 544 -25.83 -10.14 39.35
C PRO E 544 -25.02 -11.27 38.76
N GLY E 545 -23.75 -11.00 38.51
CA GLY E 545 -22.90 -11.95 37.84
C GLY E 545 -23.06 -11.99 36.35
N PHE E 546 -23.83 -11.08 35.78
CA PHE E 546 -24.01 -10.99 34.34
C PHE E 546 -23.96 -9.52 33.96
N SER E 547 -23.86 -9.25 32.67
CA SER E 547 -23.98 -7.91 32.13
C SER E 547 -25.09 -7.88 31.11
N HIS E 548 -25.90 -6.81 31.17
CA HIS E 548 -27.22 -6.79 30.57
C HIS E 548 -27.36 -5.60 29.63
N SER E 549 -27.95 -5.83 28.48
CA SER E 549 -28.40 -4.79 27.57
C SER E 549 -29.92 -4.89 27.53
N CYS E 550 -30.61 -3.85 27.98
CA CYS E 550 -32.02 -4.00 28.23
C CYS E 550 -32.84 -3.07 27.34
N SER E 551 -34.13 -3.34 27.29
CA SER E 551 -35.03 -2.52 26.47
C SER E 551 -36.44 -2.70 26.98
N MET E 552 -37.05 -1.60 27.38
CA MET E 552 -38.35 -1.54 28.02
C MET E 552 -39.49 -1.44 27.04
N SER E 553 -40.66 -1.87 27.50
CA SER E 553 -41.89 -1.50 26.84
C SER E 553 -42.14 -0.01 27.05
N GLN E 554 -42.82 0.60 26.07
CA GLN E 554 -43.27 1.96 26.25
C GLN E 554 -44.38 2.07 27.28
N ASN E 555 -45.02 0.96 27.64
CA ASN E 555 -45.96 0.91 28.74
C ASN E 555 -45.30 0.61 30.08
N PHE E 556 -43.98 0.39 30.08
CA PHE E 556 -43.14 0.22 31.27
C PHE E 556 -43.59 -0.95 32.15
N ASP E 557 -44.18 -1.97 31.57
CA ASP E 557 -44.61 -3.11 32.35
C ASP E 557 -43.72 -4.31 32.20
N MET E 558 -42.95 -4.38 31.13
CA MET E 558 -42.14 -5.56 30.86
C MET E 558 -40.99 -5.17 29.96
N PHE E 559 -39.84 -5.85 30.14
CA PHE E 559 -38.67 -5.60 29.32
C PHE E 559 -38.01 -6.85 28.77
N VAL E 560 -37.11 -6.61 27.85
CA VAL E 560 -36.19 -7.62 27.36
C VAL E 560 -34.86 -7.32 28.02
N SER E 561 -34.08 -8.35 28.30
CA SER E 561 -32.67 -8.18 28.59
C SER E 561 -31.84 -9.20 27.83
N HIS E 562 -30.94 -8.71 27.00
CA HIS E 562 -29.96 -9.52 26.31
C HIS E 562 -28.72 -9.52 27.19
N TYR E 563 -28.45 -10.61 27.87
CA TYR E 563 -27.38 -10.59 28.84
C TYR E 563 -26.45 -11.77 28.68
N SER E 564 -25.29 -11.64 29.33
CA SER E 564 -24.25 -12.66 29.20
C SER E 564 -23.30 -12.52 30.36
N SER E 565 -22.32 -13.41 30.39
CA SER E 565 -21.25 -13.36 31.37
C SER E 565 -19.98 -13.79 30.67
N VAL E 566 -18.86 -13.72 31.40
CA VAL E 566 -17.58 -14.13 30.84
C VAL E 566 -17.56 -15.62 30.51
N SER E 567 -18.36 -16.43 31.20
CA SER E 567 -18.43 -17.86 30.96
C SER E 567 -19.58 -18.26 30.06
N THR E 568 -20.76 -17.80 30.35
CA THR E 568 -21.94 -18.18 29.59
C THR E 568 -22.10 -17.33 28.35
N PRO E 569 -22.57 -17.91 27.25
CA PRO E 569 -22.87 -17.14 26.04
C PRO E 569 -24.03 -16.19 26.26
N PRO E 570 -24.33 -15.30 25.30
CA PRO E 570 -25.48 -14.41 25.52
C PRO E 570 -26.80 -15.13 25.34
N CYS E 571 -27.69 -14.88 26.27
CA CYS E 571 -29.08 -15.30 26.25
C CYS E 571 -29.90 -14.03 26.17
N VAL E 572 -31.17 -14.16 25.82
CA VAL E 572 -32.08 -13.02 25.75
C VAL E 572 -33.37 -13.40 26.46
N HIS E 573 -33.53 -12.92 27.68
CA HIS E 573 -34.65 -13.27 28.51
C HIS E 573 -35.63 -12.11 28.57
N VAL E 574 -36.90 -12.45 28.68
CA VAL E 574 -37.97 -11.45 28.74
C VAL E 574 -38.51 -11.41 30.16
N TYR E 575 -38.34 -10.29 30.83
CA TYR E 575 -38.81 -10.15 32.19
C TYR E 575 -40.07 -9.29 32.23
N LYS E 576 -40.80 -9.42 33.33
CA LYS E 576 -42.09 -8.76 33.51
C LYS E 576 -42.10 -8.14 34.90
N LEU E 577 -42.18 -6.82 34.97
CA LEU E 577 -42.30 -6.13 36.24
C LEU E 577 -43.66 -6.38 36.89
N SER E 578 -43.64 -6.83 38.15
CA SER E 578 -44.86 -7.30 38.77
C SER E 578 -44.77 -7.02 40.25
N GLY E 579 -45.88 -6.55 40.80
CA GLY E 579 -45.97 -6.25 42.21
C GLY E 579 -47.16 -5.38 42.53
N PRO E 580 -47.31 -5.01 43.79
CA PRO E 580 -48.34 -4.02 44.17
C PRO E 580 -48.07 -2.69 43.49
N ASP E 581 -49.11 -2.12 42.88
CA ASP E 581 -48.95 -0.90 42.10
C ASP E 581 -48.70 0.33 42.97
N ASP E 582 -49.03 0.28 44.25
CA ASP E 582 -48.80 1.43 45.11
C ASP E 582 -47.32 1.69 45.36
N ASP E 583 -46.47 0.67 45.18
CA ASP E 583 -45.03 0.80 45.38
C ASP E 583 -44.34 0.38 44.10
N PRO E 584 -44.21 1.29 43.13
CA PRO E 584 -43.68 0.90 41.82
C PRO E 584 -42.17 0.74 41.82
N LEU E 585 -41.51 1.40 42.77
CA LEU E 585 -40.06 1.34 42.85
C LEU E 585 -39.56 -0.04 43.23
N HIS E 586 -40.33 -0.79 44.03
CA HIS E 586 -39.95 -2.13 44.44
C HIS E 586 -40.67 -3.21 43.67
N LYS E 587 -41.10 -2.94 42.44
CA LYS E 587 -41.72 -3.96 41.61
C LYS E 587 -40.71 -5.03 41.24
N GLN E 588 -41.06 -6.28 41.48
CA GLN E 588 -40.12 -7.37 41.29
C GLN E 588 -40.10 -7.81 39.83
N PRO E 589 -38.96 -7.78 39.18
CA PRO E 589 -38.88 -8.32 37.83
C PRO E 589 -38.92 -9.84 37.84
N ARG E 590 -39.98 -10.46 37.35
CA ARG E 590 -40.01 -11.91 37.32
C ARG E 590 -39.81 -12.37 35.90
N PHE E 591 -38.97 -13.38 35.73
CA PHE E 591 -38.70 -13.95 34.42
C PHE E 591 -39.98 -14.52 33.84
N TRP E 592 -40.40 -13.98 32.71
CA TRP E 592 -41.63 -14.42 32.09
C TRP E 592 -41.37 -15.47 31.03
N ALA E 593 -40.47 -15.18 30.12
CA ALA E 593 -40.21 -16.05 28.99
C ALA E 593 -38.82 -15.74 28.46
N SER E 594 -38.31 -16.61 27.61
CA SER E 594 -36.97 -16.49 27.08
C SER E 594 -37.05 -16.40 25.56
N MET E 595 -36.21 -15.58 24.95
CA MET E 595 -36.28 -15.44 23.50
C MET E 595 -35.25 -16.28 22.78
N MET E 596 -33.97 -16.10 23.11
CA MET E 596 -32.90 -16.80 22.43
C MET E 596 -32.06 -17.36 23.57
N GLU E 597 -32.15 -18.67 23.80
CA GLU E 597 -31.44 -19.18 24.95
C GLU E 597 -29.95 -19.33 24.66
N ALA E 598 -29.20 -19.59 25.73
CA ALA E 598 -27.74 -19.51 25.68
C ALA E 598 -27.16 -20.58 24.76
N ALA E 599 -26.26 -20.16 23.88
CA ALA E 599 -25.71 -21.03 22.86
C ALA E 599 -24.73 -22.02 23.46
N SER E 600 -24.21 -22.90 22.61
CA SER E 600 -23.25 -23.91 23.03
C SER E 600 -21.84 -23.39 22.89
N CYS E 601 -21.13 -23.25 24.00
CA CYS E 601 -19.70 -23.01 23.94
C CYS E 601 -19.02 -24.21 23.29
N PRO E 602 -18.12 -24.00 22.35
CA PRO E 602 -17.44 -25.12 21.69
C PRO E 602 -16.54 -25.86 22.68
N PRO E 603 -16.31 -27.17 22.46
CA PRO E 603 -15.58 -27.97 23.44
C PRO E 603 -14.13 -27.54 23.63
N ASP E 604 -13.54 -26.96 22.59
CA ASP E 604 -12.21 -26.41 22.70
C ASP E 604 -12.19 -25.03 23.35
N TYR E 605 -13.34 -24.41 23.58
CA TYR E 605 -13.39 -23.06 24.11
C TYR E 605 -13.35 -23.13 25.64
N VAL E 606 -12.30 -22.55 26.22
CA VAL E 606 -12.22 -22.35 27.66
C VAL E 606 -12.53 -20.89 27.94
N PRO E 607 -13.57 -20.59 28.71
CA PRO E 607 -13.83 -19.21 29.10
C PRO E 607 -12.70 -18.65 29.93
N PRO E 608 -12.35 -17.39 29.68
CA PRO E 608 -11.18 -16.78 30.31
C PRO E 608 -11.43 -16.28 31.73
N GLU E 609 -10.33 -16.01 32.42
CA GLU E 609 -10.33 -15.64 33.83
C GLU E 609 -10.18 -14.14 33.98
N ILE E 610 -11.08 -13.54 34.74
CA ILE E 610 -11.01 -12.13 35.10
C ILE E 610 -10.13 -11.98 36.34
N PHE E 611 -9.33 -10.92 36.38
CA PHE E 611 -8.58 -10.61 37.58
C PHE E 611 -8.60 -9.11 37.76
N HIS E 612 -8.06 -8.67 38.87
CA HIS E 612 -7.80 -7.26 39.09
C HIS E 612 -6.47 -7.12 39.79
N PHE E 613 -5.95 -5.89 39.81
CA PHE E 613 -4.73 -5.63 40.55
C PHE E 613 -4.64 -4.14 40.83
N HIS E 614 -3.64 -3.78 41.63
CA HIS E 614 -3.39 -2.40 42.02
C HIS E 614 -2.06 -1.92 41.50
N THR E 615 -2.01 -0.68 41.03
CA THR E 615 -0.78 -0.11 40.53
C THR E 615 0.07 0.50 41.65
N ARG E 616 1.21 1.07 41.26
CA ARG E 616 2.03 1.84 42.19
C ARG E 616 1.34 3.11 42.65
N SER E 617 0.38 3.62 41.86
CA SER E 617 -0.50 4.70 42.27
C SER E 617 -1.68 4.18 43.07
N ASP E 618 -1.78 2.86 43.25
CA ASP E 618 -2.82 2.17 44.00
C ASP E 618 -4.19 2.44 43.41
N VAL E 619 -4.28 2.39 42.10
CA VAL E 619 -5.56 2.38 41.40
C VAL E 619 -5.77 0.96 40.90
N ARG E 620 -7.02 0.56 40.91
CA ARG E 620 -7.42 -0.80 40.59
C ARG E 620 -7.65 -0.89 39.08
N LEU E 621 -6.91 -1.77 38.43
CA LEU E 621 -7.11 -2.05 37.01
C LEU E 621 -7.64 -3.45 36.88
N TYR E 622 -8.54 -3.65 35.94
CA TYR E 622 -9.04 -4.99 35.69
C TYR E 622 -8.36 -5.57 34.47
N GLY E 623 -8.42 -6.88 34.39
CA GLY E 623 -7.78 -7.56 33.28
C GLY E 623 -8.39 -8.92 33.08
N MET E 624 -8.16 -9.46 31.92
CA MET E 624 -8.54 -10.81 31.54
C MET E 624 -7.28 -11.59 31.28
N ILE E 625 -7.42 -12.91 31.30
CA ILE E 625 -6.37 -13.79 30.82
C ILE E 625 -7.02 -15.03 30.24
N TYR E 626 -6.53 -15.44 29.09
CA TYR E 626 -6.79 -16.74 28.52
C TYR E 626 -5.59 -17.59 28.86
N LYS E 627 -5.82 -18.64 29.62
CA LYS E 627 -4.80 -19.58 29.99
C LYS E 627 -4.48 -20.48 28.80
N PRO E 628 -3.23 -20.95 28.69
CA PRO E 628 -2.87 -21.87 27.63
C PRO E 628 -3.59 -23.20 27.80
N HIS E 629 -4.24 -23.65 26.75
CA HIS E 629 -4.93 -24.92 26.80
C HIS E 629 -3.91 -26.05 26.88
N ALA E 630 -4.29 -27.11 27.61
CA ALA E 630 -3.38 -28.18 28.04
C ALA E 630 -2.16 -27.60 28.76
N LEU E 631 -2.45 -26.76 29.74
CA LEU E 631 -1.41 -26.11 30.54
C LEU E 631 -0.60 -27.14 31.32
N GLN E 632 0.71 -27.00 31.28
CA GLN E 632 1.61 -27.85 32.04
C GLN E 632 2.27 -27.03 33.12
N PRO E 633 2.04 -27.36 34.40
CA PRO E 633 2.67 -26.60 35.49
C PRO E 633 4.19 -26.68 35.45
N GLY E 634 4.82 -25.53 35.67
CA GLY E 634 6.25 -25.42 35.52
C GLY E 634 6.64 -24.74 34.23
N LYS E 635 5.91 -25.04 33.16
CA LYS E 635 6.24 -24.51 31.85
C LYS E 635 5.88 -23.04 31.74
N LYS E 636 6.78 -22.26 31.17
CA LYS E 636 6.55 -20.85 30.91
C LYS E 636 6.13 -20.68 29.45
N HIS E 637 5.25 -19.72 29.20
CA HIS E 637 4.57 -19.72 27.91
C HIS E 637 4.72 -18.38 27.20
N PRO E 638 4.64 -18.35 25.87
CA PRO E 638 4.71 -17.08 25.15
C PRO E 638 3.41 -16.32 25.33
N THR E 639 3.52 -15.02 25.56
CA THR E 639 2.35 -14.26 25.99
C THR E 639 2.03 -13.19 24.97
N VAL E 640 0.80 -13.21 24.48
CA VAL E 640 0.27 -12.19 23.59
C VAL E 640 -0.51 -11.22 24.46
N LEU E 641 0.04 -10.04 24.66
CA LEU E 641 -0.68 -8.95 25.30
C LEU E 641 -1.57 -8.33 24.24
N PHE E 642 -2.82 -8.76 24.19
CA PHE E 642 -3.74 -8.08 23.31
C PHE E 642 -4.07 -6.76 23.95
N VAL E 643 -4.24 -5.72 23.15
CA VAL E 643 -4.42 -4.41 23.75
C VAL E 643 -5.29 -3.55 22.86
N TYR E 644 -6.18 -2.80 23.49
CA TYR E 644 -6.68 -1.56 22.89
C TYR E 644 -6.27 -0.38 23.73
N GLY E 645 -6.65 -0.33 25.00
CA GLY E 645 -6.08 0.64 25.93
C GLY E 645 -6.50 2.07 25.72
N GLY E 646 -7.42 2.34 24.79
CA GLY E 646 -7.82 3.68 24.49
C GLY E 646 -9.20 3.97 24.99
N PRO E 647 -9.60 5.24 24.91
CA PRO E 647 -10.88 5.65 25.48
C PRO E 647 -12.07 5.15 24.70
N GLN E 648 -13.23 5.25 25.35
CA GLN E 648 -14.56 4.87 24.86
C GLN E 648 -14.67 3.39 24.54
N VAL E 649 -13.75 2.55 25.01
CA VAL E 649 -13.81 1.12 24.80
C VAL E 649 -13.30 0.45 26.07
N GLN E 650 -14.09 -0.50 26.59
CA GLN E 650 -13.67 -1.32 27.71
C GLN E 650 -13.55 -2.75 27.23
N LEU E 651 -12.32 -3.26 27.17
CA LEU E 651 -12.13 -4.65 26.81
C LEU E 651 -12.56 -5.57 27.94
N VAL E 652 -12.18 -5.25 29.17
CA VAL E 652 -12.35 -6.21 30.25
C VAL E 652 -13.70 -5.93 30.93
N ASN E 653 -14.63 -6.87 30.79
CA ASN E 653 -15.90 -6.83 31.50
C ASN E 653 -16.51 -8.23 31.52
N ASN E 654 -17.45 -8.43 32.44
CA ASN E 654 -18.03 -9.74 32.65
C ASN E 654 -19.08 -9.91 31.57
N SER E 655 -18.64 -10.41 30.42
CA SER E 655 -19.46 -10.48 29.21
C SER E 655 -18.79 -11.47 28.27
N PHE E 656 -19.57 -11.99 27.33
CA PHE E 656 -19.09 -13.11 26.55
C PHE E 656 -18.04 -12.66 25.54
N LYS E 657 -16.83 -13.19 25.72
CA LYS E 657 -15.70 -12.86 24.87
C LYS E 657 -15.42 -13.93 23.84
N GLY E 658 -16.47 -14.58 23.35
CA GLY E 658 -16.25 -15.65 22.40
C GLY E 658 -16.70 -15.26 21.02
N ILE E 659 -17.75 -14.43 20.94
CA ILE E 659 -18.28 -14.07 19.65
C ILE E 659 -17.44 -12.99 18.99
N LYS E 660 -16.64 -12.26 19.77
CA LYS E 660 -15.83 -11.17 19.25
C LYS E 660 -14.34 -11.34 19.48
N TYR E 661 -13.93 -12.24 20.36
CA TYR E 661 -12.53 -12.43 20.69
C TYR E 661 -12.15 -13.90 20.66
N LEU E 662 -12.70 -14.62 19.68
CA LEU E 662 -12.38 -16.03 19.47
C LEU E 662 -10.92 -16.23 19.09
N ARG E 663 -10.33 -15.26 18.40
CA ARG E 663 -8.92 -15.30 18.03
C ARG E 663 -8.02 -15.41 19.24
N LEU E 664 -8.37 -14.74 20.32
CA LEU E 664 -7.66 -14.84 21.58
C LEU E 664 -7.71 -16.26 22.12
N ASN E 665 -8.85 -16.92 21.98
CA ASN E 665 -8.96 -18.32 22.34
C ASN E 665 -8.18 -19.23 21.42
N THR E 666 -8.13 -18.91 20.12
CA THR E 666 -7.31 -19.70 19.20
C THR E 666 -5.85 -19.65 19.58
N LEU E 667 -5.35 -18.47 19.91
CA LEU E 667 -4.01 -18.31 20.47
C LEU E 667 -3.82 -19.18 21.70
N ALA E 668 -4.77 -19.10 22.63
CA ALA E 668 -4.72 -19.95 23.82
C ALA E 668 -4.68 -21.43 23.45
N SER E 669 -5.48 -21.84 22.46
CA SER E 669 -5.51 -23.23 22.04
C SER E 669 -4.23 -23.66 21.37
N LEU E 670 -3.43 -22.73 20.85
CA LEU E 670 -2.10 -23.11 20.41
C LEU E 670 -1.10 -23.06 21.55
N GLY E 671 -1.46 -22.42 22.65
CA GLY E 671 -0.57 -22.49 23.78
C GLY E 671 -0.01 -21.16 24.19
N TYR E 672 -0.51 -20.09 23.59
CA TYR E 672 -0.09 -18.75 23.98
C TYR E 672 -0.93 -18.30 25.15
N ALA E 673 -0.29 -17.77 26.17
CA ALA E 673 -1.00 -17.01 27.20
C ALA E 673 -1.52 -15.75 26.53
N VAL E 674 -2.80 -15.44 26.68
CA VAL E 674 -3.34 -14.18 26.16
C VAL E 674 -3.74 -13.28 27.32
N VAL E 675 -3.12 -12.12 27.42
CA VAL E 675 -3.39 -11.20 28.51
C VAL E 675 -4.11 -9.99 27.93
N VAL E 676 -5.10 -9.46 28.65
CA VAL E 676 -5.83 -8.29 28.19
C VAL E 676 -6.00 -7.39 29.39
N ILE E 677 -5.60 -6.14 29.28
CA ILE E 677 -5.59 -5.24 30.43
C ILE E 677 -6.32 -3.97 30.05
N ASP E 678 -7.26 -3.50 30.87
CA ASP E 678 -7.67 -2.11 30.63
C ASP E 678 -6.99 -1.19 31.62
N GLY E 679 -5.89 -0.61 31.16
CA GLY E 679 -5.24 0.46 31.86
C GLY E 679 -6.05 1.74 31.84
N ARG E 680 -5.44 2.80 32.33
CA ARG E 680 -6.13 4.05 32.51
C ARG E 680 -6.46 4.68 31.16
N GLY E 681 -7.69 5.18 31.04
CA GLY E 681 -8.24 5.66 29.79
C GLY E 681 -9.51 4.94 29.36
N SER E 682 -9.64 3.66 29.69
CA SER E 682 -10.79 2.89 29.26
C SER E 682 -12.03 3.32 30.01
N CYS E 683 -13.16 3.36 29.32
CA CYS E 683 -14.35 4.00 29.86
C CYS E 683 -15.11 3.08 30.81
N GLN E 684 -16.32 3.52 31.18
CA GLN E 684 -17.15 2.97 32.27
C GLN E 684 -16.43 2.96 33.61
N ARG E 685 -15.49 3.86 33.84
CA ARG E 685 -14.89 3.92 35.16
C ARG E 685 -14.67 5.39 35.54
N GLY E 686 -15.37 6.28 34.87
CA GLY E 686 -15.42 7.67 35.27
C GLY E 686 -14.37 8.54 34.63
N LEU E 687 -14.57 9.85 34.80
CA LEU E 687 -13.81 10.84 34.04
C LEU E 687 -12.39 10.96 34.55
N ARG E 688 -12.18 10.88 35.87
CA ARG E 688 -10.83 11.00 36.41
C ARG E 688 -9.98 9.82 36.00
N PHE E 689 -10.59 8.65 35.88
CA PHE E 689 -9.90 7.47 35.39
C PHE E 689 -9.58 7.61 33.91
N GLU E 690 -10.59 7.95 33.11
CA GLU E 690 -10.42 8.18 31.69
C GLU E 690 -9.40 9.27 31.37
N GLY E 691 -9.35 10.31 32.18
CA GLY E 691 -8.48 11.44 32.03
C GLY E 691 -7.04 11.29 32.42
N ALA E 692 -6.53 10.08 32.66
CA ALA E 692 -5.10 9.98 32.89
C ALA E 692 -4.29 10.07 31.60
N LEU E 693 -4.94 10.02 30.45
CA LEU E 693 -4.25 10.14 29.17
C LEU E 693 -4.30 11.53 28.57
N LYS E 694 -4.93 12.48 29.25
CA LYS E 694 -5.11 13.84 28.73
C LYS E 694 -3.77 14.51 28.43
N ASN E 695 -3.55 14.77 27.14
CA ASN E 695 -2.37 15.40 26.55
C ASN E 695 -1.11 14.55 26.68
N GLN E 696 -1.25 13.30 27.07
CA GLN E 696 -0.14 12.36 27.03
C GLN E 696 -0.67 10.98 26.63
N MET E 697 -1.54 10.95 25.64
CA MET E 697 -2.19 9.71 25.24
C MET E 697 -1.20 8.91 24.41
N GLY E 698 -1.11 7.63 24.72
CA GLY E 698 -0.05 6.80 24.23
C GLY E 698 1.08 6.63 25.21
N GLN E 699 1.18 7.49 26.21
CA GLN E 699 2.33 7.49 27.09
C GLN E 699 2.11 6.73 28.39
N VAL E 700 0.90 6.70 28.97
CA VAL E 700 0.67 6.15 30.31
C VAL E 700 0.09 4.73 30.27
N GLU E 701 -0.59 4.44 29.15
CA GLU E 701 -1.24 3.16 28.94
C GLU E 701 -0.22 2.03 28.97
N ILE E 702 0.91 2.21 28.29
CA ILE E 702 1.91 1.15 28.25
C ILE E 702 2.48 0.85 29.64
N GLU E 703 2.61 1.83 30.53
CA GLU E 703 3.03 1.52 31.90
C GLU E 703 1.99 0.68 32.61
N ASP E 704 0.71 0.99 32.39
CA ASP E 704 -0.33 0.14 32.96
C ASP E 704 -0.32 -1.28 32.38
N GLN E 705 0.00 -1.41 31.10
CA GLN E 705 0.04 -2.74 30.50
C GLN E 705 1.24 -3.54 30.99
N VAL E 706 2.41 -2.90 31.07
CA VAL E 706 3.62 -3.51 31.61
C VAL E 706 3.44 -3.97 33.05
N GLU E 707 2.88 -3.10 33.92
CA GLU E 707 2.59 -3.50 35.30
C GLU E 707 1.61 -4.66 35.36
N GLY E 708 0.65 -4.68 34.46
CA GLY E 708 -0.23 -5.82 34.37
C GLY E 708 0.49 -7.12 34.02
N LEU E 709 1.44 -7.06 33.08
CA LEU E 709 2.31 -8.23 32.85
C LEU E 709 3.07 -8.65 34.10
N GLN E 710 3.70 -7.70 34.81
CA GLN E 710 4.53 -8.16 35.93
C GLN E 710 3.67 -8.74 37.04
N PHE E 711 2.46 -8.22 37.22
CA PHE E 711 1.54 -8.81 38.20
C PHE E 711 1.10 -10.20 37.75
N VAL E 712 0.73 -10.37 36.49
CA VAL E 712 0.24 -11.68 36.05
C VAL E 712 1.38 -12.69 36.07
N ALA E 713 2.58 -12.24 35.74
CA ALA E 713 3.80 -13.04 35.86
C ALA E 713 4.03 -13.50 37.29
N GLU E 714 3.79 -12.63 38.26
CA GLU E 714 3.97 -13.04 39.65
C GLU E 714 2.83 -13.94 40.12
N LYS E 715 1.59 -13.57 39.84
CA LYS E 715 0.41 -14.33 40.24
C LYS E 715 0.36 -15.73 39.64
N TYR E 716 0.30 -15.83 38.32
CA TYR E 716 0.33 -17.11 37.65
C TYR E 716 1.75 -17.40 37.19
N GLY E 717 2.16 -18.65 37.28
CA GLY E 717 3.55 -18.95 37.04
C GLY E 717 3.90 -19.38 35.63
N PHE E 718 3.06 -19.07 34.64
CA PHE E 718 3.30 -19.56 33.29
C PHE E 718 3.52 -18.43 32.29
N ILE E 719 3.92 -17.25 32.77
CA ILE E 719 4.14 -16.11 31.92
C ILE E 719 5.64 -15.99 31.71
N ASP E 720 6.09 -16.20 30.48
CA ASP E 720 7.50 -16.03 30.13
C ASP E 720 7.71 -14.58 29.72
N LEU E 721 8.51 -13.85 30.50
CA LEU E 721 8.74 -12.44 30.19
C LEU E 721 9.61 -12.26 28.96
N SER E 722 10.45 -13.25 28.65
CA SER E 722 11.33 -13.13 27.51
C SER E 722 10.60 -13.21 26.17
N ARG E 723 9.41 -13.80 26.13
CA ARG E 723 8.66 -13.93 24.89
C ARG E 723 7.29 -13.28 25.06
N VAL E 724 7.25 -11.98 24.83
CA VAL E 724 6.02 -11.21 24.92
C VAL E 724 5.76 -10.54 23.58
N ALA E 725 4.55 -10.72 23.11
CA ALA E 725 4.08 -10.12 21.88
C ALA E 725 3.05 -9.11 22.30
N ILE E 726 2.97 -7.99 21.61
CA ILE E 726 1.90 -7.06 21.92
C ILE E 726 1.16 -6.86 20.62
N HIS E 727 -0.12 -7.19 20.62
CA HIS E 727 -0.91 -7.14 19.41
C HIS E 727 -2.02 -6.15 19.67
N GLY E 728 -2.30 -5.34 18.67
CA GLY E 728 -3.39 -4.38 18.76
C GLY E 728 -3.97 -4.06 17.41
N TRP E 729 -5.27 -3.74 17.38
CA TRP E 729 -5.66 -3.13 16.11
C TRP E 729 -5.87 -1.63 15.92
N SER E 730 -6.77 -0.89 16.53
CA SER E 730 -6.75 0.52 16.10
C SER E 730 -5.84 1.36 16.98
N TYR E 731 -6.35 1.79 18.13
CA TYR E 731 -5.51 2.39 19.13
C TYR E 731 -4.63 1.34 19.76
N GLY E 732 -5.03 0.09 19.66
CA GLY E 732 -4.22 -0.98 20.15
C GLY E 732 -2.97 -1.16 19.32
N GLY E 733 -3.10 -1.07 17.99
CA GLY E 733 -1.93 -1.11 17.15
C GLY E 733 -1.00 0.07 17.38
N PHE E 734 -1.59 1.25 17.58
CA PHE E 734 -0.80 2.40 18.00
C PHE E 734 -0.05 2.14 19.30
N LEU E 735 -0.72 1.53 20.29
CA LEU E 735 -0.04 1.20 21.53
C LEU E 735 0.98 0.10 21.39
N SER E 736 0.69 -0.94 20.62
CA SER E 736 1.68 -1.98 20.35
C SER E 736 2.99 -1.41 19.83
N LEU E 737 2.89 -0.41 18.95
CA LEU E 737 4.10 0.27 18.49
C LEU E 737 4.72 1.15 19.57
N MET E 738 3.90 1.75 20.42
CA MET E 738 4.45 2.49 21.54
C MET E 738 5.10 1.56 22.55
N GLY E 739 4.54 0.38 22.72
CA GLY E 739 5.12 -0.65 23.56
C GLY E 739 6.49 -1.06 23.07
N LEU E 740 6.61 -1.31 21.77
CA LEU E 740 7.90 -1.74 21.25
C LEU E 740 8.92 -0.61 21.28
N ILE E 741 8.48 0.64 21.25
CA ILE E 741 9.42 1.75 21.37
C ILE E 741 9.85 1.98 22.82
N HIS E 742 8.89 2.22 23.72
CA HIS E 742 9.25 2.66 25.04
C HIS E 742 9.47 1.55 26.03
N LYS E 743 9.13 0.31 25.70
CA LYS E 743 9.41 -0.83 26.56
C LYS E 743 9.97 -1.94 25.69
N PRO E 744 11.19 -1.77 25.15
CA PRO E 744 11.69 -2.75 24.20
C PRO E 744 12.14 -4.06 24.82
N GLN E 745 12.67 -4.02 26.05
CA GLN E 745 13.23 -5.23 26.65
C GLN E 745 12.16 -6.22 27.11
N VAL E 746 10.94 -5.77 27.36
CA VAL E 746 9.90 -6.69 27.77
C VAL E 746 9.12 -7.24 26.57
N PHE E 747 8.82 -6.42 25.58
CA PHE E 747 8.00 -6.85 24.45
C PHE E 747 8.89 -7.39 23.36
N LYS E 748 8.76 -8.68 23.06
CA LYS E 748 9.59 -9.27 22.03
C LYS E 748 9.15 -8.84 20.64
N VAL E 749 7.87 -9.03 20.32
CA VAL E 749 7.39 -8.63 19.00
C VAL E 749 6.18 -7.73 19.16
N ALA E 750 5.74 -7.17 18.03
CA ALA E 750 4.60 -6.25 18.07
C ALA E 750 3.83 -6.32 16.77
N ILE E 751 2.64 -6.93 16.83
CA ILE E 751 1.77 -7.01 15.68
C ILE E 751 0.81 -5.83 15.74
N ALA E 752 1.17 -4.79 15.04
CA ALA E 752 0.48 -3.52 15.04
C ALA E 752 -0.43 -3.51 13.83
N GLY E 753 -1.71 -3.54 14.04
CA GLY E 753 -2.62 -3.51 12.93
C GLY E 753 -3.05 -2.07 12.94
N ALA E 754 -3.55 -1.59 11.81
CA ALA E 754 -4.17 -0.30 11.53
C ALA E 754 -3.70 0.89 12.35
N PRO E 755 -2.41 1.11 12.55
CA PRO E 755 -1.98 1.95 13.65
C PRO E 755 -2.14 3.42 13.34
N VAL E 756 -2.38 4.19 14.39
CA VAL E 756 -2.40 5.64 14.25
C VAL E 756 -0.97 6.09 14.49
N THR E 757 -0.25 6.36 13.41
CA THR E 757 1.17 6.62 13.55
C THR E 757 1.50 8.09 13.72
N VAL E 758 0.69 8.99 13.19
CA VAL E 758 0.89 10.42 13.36
C VAL E 758 -0.42 11.03 13.80
N TRP E 759 -0.41 11.64 14.98
CA TRP E 759 -1.63 12.20 15.55
C TRP E 759 -2.08 13.43 14.78
N MET E 760 -1.14 14.27 14.34
CA MET E 760 -1.43 15.44 13.52
C MET E 760 -2.23 15.14 12.26
N ALA E 761 -2.19 13.92 11.77
CA ALA E 761 -2.99 13.54 10.62
C ALA E 761 -4.37 13.03 10.96
N TYR E 762 -4.62 12.60 12.20
CA TYR E 762 -5.92 12.04 12.52
C TYR E 762 -6.96 13.15 12.67
N ASP E 763 -8.23 12.77 12.66
CA ASP E 763 -9.29 13.75 12.55
C ASP E 763 -9.53 14.48 13.87
N THR E 764 -10.39 15.49 13.79
CA THR E 764 -10.57 16.44 14.88
C THR E 764 -11.23 15.83 16.10
N GLY E 765 -12.45 15.30 15.91
CA GLY E 765 -13.30 14.81 17.01
C GLY E 765 -12.62 13.91 18.03
N TYR E 766 -11.83 12.96 17.57
CA TYR E 766 -11.08 12.13 18.50
C TYR E 766 -9.90 12.91 19.08
N THR E 767 -8.95 13.31 18.22
CA THR E 767 -7.65 13.76 18.72
C THR E 767 -7.79 15.04 19.51
N GLU E 768 -8.54 16.01 18.98
CA GLU E 768 -8.75 17.32 19.59
C GLU E 768 -9.39 17.24 20.97
N ARG E 769 -9.88 16.06 21.36
CA ARG E 769 -10.50 15.74 22.62
C ARG E 769 -9.60 15.00 23.58
N TYR E 770 -8.83 14.03 23.12
CA TYR E 770 -7.96 13.40 24.10
C TYR E 770 -6.54 13.97 24.17
N MET E 771 -6.07 14.63 23.11
CA MET E 771 -5.10 15.70 23.17
C MET E 771 -5.83 16.91 22.61
N ASP E 772 -5.10 17.91 22.17
CA ASP E 772 -5.74 19.08 21.60
C ASP E 772 -5.02 19.54 20.34
N VAL E 773 -5.30 20.75 19.89
CA VAL E 773 -4.78 21.37 18.67
C VAL E 773 -3.25 21.40 18.70
N PRO E 774 -2.57 21.10 17.57
CA PRO E 774 -1.10 20.98 17.59
C PRO E 774 -0.35 22.20 18.06
N GLU E 775 -0.93 23.38 17.90
CA GLU E 775 -0.32 24.59 18.44
C GLU E 775 -0.28 24.55 19.96
N ASN E 776 -1.25 23.87 20.57
CA ASN E 776 -1.29 23.78 22.02
C ASN E 776 -0.34 22.71 22.55
N ASN E 777 -0.36 21.52 21.97
CA ASN E 777 0.38 20.39 22.54
C ASN E 777 1.43 19.87 21.58
N GLN E 778 2.54 20.61 21.48
CA GLN E 778 3.59 20.21 20.56
C GLN E 778 4.41 19.07 21.16
N HIS E 779 4.67 19.11 22.46
CA HIS E 779 5.42 18.03 23.10
C HIS E 779 4.61 16.76 23.14
N GLY E 780 3.30 16.88 23.38
CA GLY E 780 2.45 15.70 23.40
C GLY E 780 2.31 15.06 22.03
N TYR E 781 2.16 15.86 20.99
CA TYR E 781 2.15 15.31 19.64
C TYR E 781 3.48 14.69 19.23
N GLU E 782 4.61 15.32 19.54
CA GLU E 782 5.88 14.71 19.16
C GLU E 782 6.16 13.44 19.95
N ALA E 783 5.74 13.38 21.22
CA ALA E 783 5.96 12.18 22.00
C ALA E 783 4.91 11.11 21.75
N GLY E 784 3.80 11.46 21.12
CA GLY E 784 2.76 10.48 20.91
C GLY E 784 2.70 9.94 19.51
N SER E 785 3.01 10.75 18.50
CA SER E 785 3.09 10.25 17.13
C SER E 785 4.24 9.27 17.04
N VAL E 786 3.90 8.00 16.93
CA VAL E 786 4.91 6.93 17.00
C VAL E 786 5.82 6.96 15.78
N ALA E 787 5.31 7.42 14.64
CA ALA E 787 6.10 7.50 13.41
C ALA E 787 7.22 8.53 13.48
N LEU E 788 7.13 9.49 14.39
CA LEU E 788 8.22 10.41 14.63
C LEU E 788 9.23 9.89 15.64
N HIS E 789 9.02 8.70 16.18
CA HIS E 789 9.90 8.11 17.17
C HIS E 789 10.49 6.80 16.67
N VAL E 790 10.68 6.72 15.37
CA VAL E 790 10.97 5.47 14.70
C VAL E 790 12.39 4.96 14.99
N GLU E 791 13.35 5.86 15.17
CA GLU E 791 14.71 5.51 15.62
C GLU E 791 14.79 4.60 16.84
N LYS E 792 13.81 4.61 17.74
CA LYS E 792 13.87 3.72 18.89
C LYS E 792 13.25 2.35 18.64
N LEU E 793 12.80 2.06 17.42
CA LEU E 793 12.31 0.73 17.11
C LEU E 793 13.50 -0.23 17.03
N PRO E 794 13.26 -1.55 17.13
CA PRO E 794 14.41 -2.47 17.21
C PRO E 794 15.19 -2.56 15.91
N ASN E 795 16.51 -2.68 16.06
CA ASN E 795 17.38 -2.98 14.93
C ASN E 795 17.25 -4.42 14.49
N GLU E 796 16.76 -5.29 15.36
CA GLU E 796 16.58 -6.69 15.02
C GLU E 796 15.43 -6.84 14.04
N PRO E 797 15.49 -7.82 13.16
CA PRO E 797 14.40 -8.06 12.22
C PRO E 797 13.33 -9.00 12.77
N ASN E 798 12.18 -8.96 12.09
CA ASN E 798 11.00 -9.78 12.38
C ASN E 798 10.48 -9.57 13.80
N ARG E 799 10.52 -8.34 14.27
CA ARG E 799 9.93 -8.00 15.55
C ARG E 799 8.75 -7.07 15.41
N LEU E 800 8.36 -6.72 14.19
CA LEU E 800 7.33 -5.73 13.96
C LEU E 800 6.54 -6.11 12.72
N LEU E 801 5.25 -6.38 12.88
CA LEU E 801 4.39 -6.71 11.76
C LEU E 801 3.31 -5.65 11.68
N ILE E 802 3.27 -4.90 10.59
CA ILE E 802 2.28 -3.85 10.38
C ILE E 802 1.18 -4.38 9.47
N LEU E 803 -0.05 -4.34 9.93
CA LEU E 803 -1.21 -4.76 9.17
C LEU E 803 -2.05 -3.54 8.83
N HIS E 804 -2.60 -3.48 7.63
CA HIS E 804 -3.44 -2.32 7.33
C HIS E 804 -4.41 -2.61 6.21
N GLY E 805 -5.67 -2.21 6.40
CA GLY E 805 -6.63 -2.23 5.31
C GLY E 805 -6.43 -1.05 4.39
N PHE E 806 -6.30 -1.33 3.09
CA PHE E 806 -5.89 -0.31 2.13
C PHE E 806 -6.95 0.75 1.90
N LEU E 807 -8.22 0.39 1.91
CA LEU E 807 -9.28 1.35 1.60
C LEU E 807 -9.80 2.03 2.84
N ASP E 808 -9.00 2.15 3.87
CA ASP E 808 -9.48 2.63 5.15
C ASP E 808 -9.88 4.08 5.08
N GLU E 809 -10.98 4.41 5.76
CA GLU E 809 -11.42 5.78 5.85
C GLU E 809 -11.33 6.35 7.26
N ASN E 810 -11.15 5.50 8.27
CA ASN E 810 -11.04 6.01 9.64
C ASN E 810 -9.57 6.27 9.97
N VAL E 811 -8.78 5.21 10.04
CA VAL E 811 -7.33 5.31 10.18
C VAL E 811 -6.79 5.09 8.77
N HIS E 812 -6.64 6.19 8.03
CA HIS E 812 -6.26 6.16 6.62
C HIS E 812 -4.95 5.45 6.40
N PHE E 813 -4.81 4.90 5.20
CA PHE E 813 -3.63 4.15 4.82
C PHE E 813 -2.34 4.94 4.96
N PHE E 814 -2.39 6.26 4.75
CA PHE E 814 -1.31 7.20 5.02
C PHE E 814 -0.57 6.92 6.31
N HIS E 815 -1.26 6.52 7.37
CA HIS E 815 -0.61 6.28 8.66
C HIS E 815 0.41 5.16 8.59
N THR E 816 0.00 4.00 8.08
CA THR E 816 0.92 2.90 7.81
C THR E 816 1.98 3.29 6.79
N ASN E 817 1.56 4.03 5.75
CA ASN E 817 2.49 4.49 4.72
C ASN E 817 3.58 5.40 5.27
N PHE E 818 3.22 6.34 6.13
CA PHE E 818 4.19 7.23 6.73
C PHE E 818 5.06 6.52 7.74
N LEU E 819 4.51 5.51 8.41
CA LEU E 819 5.35 4.71 9.30
C LEU E 819 6.41 3.99 8.50
N VAL E 820 5.99 3.29 7.44
CA VAL E 820 6.92 2.57 6.57
C VAL E 820 7.94 3.52 5.96
N SER E 821 7.51 4.72 5.58
CA SER E 821 8.42 5.79 5.15
C SER E 821 9.49 6.10 6.18
N GLN E 822 9.09 6.32 7.43
CA GLN E 822 10.08 6.69 8.43
C GLN E 822 10.92 5.51 8.86
N LEU E 823 10.39 4.30 8.74
CA LEU E 823 11.20 3.10 8.94
C LEU E 823 12.28 3.01 7.87
N ILE E 824 11.92 3.27 6.62
CA ILE E 824 12.87 3.31 5.51
C ILE E 824 13.97 4.34 5.80
N ARG E 825 13.57 5.55 6.23
CA ARG E 825 14.54 6.61 6.46
C ARG E 825 15.43 6.33 7.67
N ALA E 826 14.94 5.59 8.65
CA ALA E 826 15.78 5.24 9.78
C ALA E 826 16.47 3.91 9.60
N GLY E 827 16.19 3.19 8.52
CA GLY E 827 16.87 1.95 8.25
C GLY E 827 16.49 0.84 9.19
N LYS E 828 15.20 0.67 9.44
CA LYS E 828 14.74 -0.35 10.36
C LYS E 828 13.86 -1.35 9.64
N PRO E 829 13.98 -2.63 9.94
CA PRO E 829 13.17 -3.64 9.26
C PRO E 829 11.74 -3.62 9.74
N TYR E 830 10.89 -4.28 8.98
CA TYR E 830 9.51 -4.52 9.39
C TYR E 830 8.99 -5.72 8.61
N GLN E 831 7.72 -5.98 8.78
CA GLN E 831 6.95 -6.80 7.85
C GLN E 831 5.63 -6.08 7.66
N LEU E 832 4.94 -6.38 6.59
CA LEU E 832 3.75 -5.61 6.29
C LEU E 832 2.76 -6.48 5.56
N GLN E 833 1.49 -6.25 5.83
CA GLN E 833 0.43 -7.00 5.18
C GLN E 833 -0.65 -6.01 4.84
N ILE E 834 -1.14 -6.09 3.63
CA ILE E 834 -2.15 -5.15 3.18
C ILE E 834 -3.41 -5.95 2.98
N TYR E 835 -4.56 -5.34 3.24
CA TYR E 835 -5.82 -5.95 2.87
C TYR E 835 -6.48 -5.00 1.90
N PRO E 836 -6.34 -5.26 0.60
CA PRO E 836 -6.67 -4.26 -0.42
C PRO E 836 -8.12 -3.89 -0.52
N ASN E 837 -9.05 -4.72 -0.04
CA ASN E 837 -10.46 -4.44 -0.22
C ASN E 837 -11.21 -4.13 1.06
N GLU E 838 -10.53 -3.98 2.19
CA GLU E 838 -11.19 -3.91 3.48
C GLU E 838 -10.98 -2.53 4.07
N ARG E 839 -12.05 -1.94 4.61
CA ARG E 839 -11.90 -0.56 5.06
C ARG E 839 -11.18 -0.49 6.39
N HIS E 840 -11.86 -0.78 7.46
CA HIS E 840 -11.20 -0.60 8.75
C HIS E 840 -11.22 -1.86 9.57
N SER E 841 -12.34 -2.55 9.62
CA SER E 841 -12.34 -3.93 10.05
C SER E 841 -12.19 -4.77 8.81
N ILE E 842 -11.43 -5.83 8.94
CA ILE E 842 -11.37 -6.84 7.91
C ILE E 842 -12.73 -7.51 7.87
N ARG E 843 -13.50 -7.19 6.84
CA ARG E 843 -14.91 -7.54 6.74
C ARG E 843 -15.14 -8.90 6.12
N CYS E 844 -14.50 -9.15 4.99
CA CYS E 844 -14.72 -10.40 4.27
C CYS E 844 -14.08 -11.54 5.05
N PRO E 845 -14.78 -12.66 5.22
CA PRO E 845 -14.24 -13.79 5.99
C PRO E 845 -12.96 -14.39 5.46
N GLU E 846 -12.79 -14.47 4.13
CA GLU E 846 -11.53 -14.95 3.55
C GLU E 846 -10.35 -14.08 3.94
N SER E 847 -10.53 -12.76 3.88
CA SER E 847 -9.47 -11.84 4.28
C SER E 847 -9.23 -11.91 5.78
N GLY E 848 -10.28 -12.14 6.56
CA GLY E 848 -10.10 -12.31 7.99
C GLY E 848 -9.36 -13.59 8.31
N GLU E 849 -9.61 -14.66 7.56
CA GLU E 849 -8.90 -15.91 7.74
C GLU E 849 -7.43 -15.77 7.42
N HIS E 850 -7.12 -14.98 6.38
CA HIS E 850 -5.72 -14.73 6.07
C HIS E 850 -5.07 -13.93 7.19
N TYR E 851 -5.77 -12.92 7.71
CA TYR E 851 -5.27 -12.15 8.84
C TYR E 851 -4.93 -13.06 10.02
N GLU E 852 -5.81 -14.03 10.31
CA GLU E 852 -5.57 -14.87 11.48
C GLU E 852 -4.44 -15.86 11.24
N VAL E 853 -4.35 -16.45 10.04
CA VAL E 853 -3.25 -17.37 9.79
C VAL E 853 -1.92 -16.63 9.73
N THR E 854 -1.91 -15.37 9.28
CA THR E 854 -0.71 -14.55 9.35
C THR E 854 -0.32 -14.25 10.77
N LEU E 855 -1.30 -14.03 11.65
CA LEU E 855 -0.98 -13.75 13.04
C LEU E 855 -0.41 -14.97 13.73
N LEU E 856 -1.03 -16.12 13.51
CA LEU E 856 -0.53 -17.36 14.08
C LEU E 856 0.85 -17.70 13.55
N HIS E 857 1.07 -17.55 12.24
CA HIS E 857 2.38 -17.79 11.65
C HIS E 857 3.45 -16.89 12.20
N PHE E 858 3.16 -15.59 12.30
CA PHE E 858 4.14 -14.65 12.81
C PHE E 858 4.54 -14.98 14.23
N LEU E 859 3.56 -15.34 15.07
CA LEU E 859 3.88 -15.72 16.43
C LEU E 859 4.65 -17.03 16.48
N GLN E 860 4.19 -18.03 15.73
CA GLN E 860 4.86 -19.33 15.61
C GLN E 860 6.33 -19.19 15.26
N GLU E 861 6.65 -18.36 14.26
CA GLU E 861 8.02 -18.31 13.78
C GLU E 861 8.89 -17.37 14.60
N TYR E 862 8.42 -16.18 14.93
CA TYR E 862 9.33 -15.16 15.43
C TYR E 862 9.13 -14.80 16.89
N LEU E 863 8.05 -15.26 17.51
CA LEU E 863 7.92 -15.16 18.94
C LEU E 863 8.38 -16.47 19.58
N PHE F 1079 -51.26 -51.42 16.86
CA PHE F 1079 -51.67 -52.55 17.66
C PHE F 1079 -52.62 -52.14 18.79
N TRP F 1080 -53.10 -53.13 19.53
CA TRP F 1080 -54.01 -52.90 20.67
C TRP F 1080 -53.62 -53.90 21.75
N GLY F 1081 -53.33 -53.39 22.94
CA GLY F 1081 -52.69 -54.21 23.95
C GLY F 1081 -53.52 -55.33 24.54
N PRO F 1082 -54.51 -54.99 25.36
CA PRO F 1082 -55.29 -56.05 26.02
C PRO F 1082 -56.31 -56.72 25.11
N THR F 1083 -56.77 -56.04 24.06
CA THR F 1083 -57.83 -56.58 23.20
C THR F 1083 -57.31 -57.40 22.02
N GLY F 1084 -56.01 -57.66 21.93
CA GLY F 1084 -55.48 -58.40 20.80
C GLY F 1084 -55.29 -57.54 19.56
N PRO F 1085 -55.11 -58.19 18.39
CA PRO F 1085 -54.78 -57.44 17.18
C PRO F 1085 -55.89 -56.54 16.65
N VAL F 1086 -55.74 -55.24 16.90
CA VAL F 1086 -56.55 -54.18 16.28
C VAL F 1086 -55.56 -53.13 15.78
N ALA F 1087 -55.45 -52.98 14.47
CA ALA F 1087 -54.54 -51.99 13.90
C ALA F 1087 -55.08 -50.58 14.10
N THR F 1088 -54.16 -49.65 14.40
CA THR F 1088 -54.51 -48.25 14.50
C THR F 1088 -54.99 -47.73 13.14
N GLU F 1089 -56.09 -46.99 13.15
CA GLU F 1089 -56.63 -46.46 11.90
C GLU F 1089 -55.76 -45.33 11.37
N VAL F 1090 -55.38 -45.43 10.11
CA VAL F 1090 -54.70 -44.38 9.37
C VAL F 1090 -55.69 -43.76 8.41
N VAL F 1091 -55.77 -42.42 8.40
CA VAL F 1091 -56.69 -41.76 7.49
C VAL F 1091 -56.03 -41.48 6.13
N ASP F 1092 -54.75 -41.12 6.11
CA ASP F 1092 -54.01 -41.00 4.87
C ASP F 1092 -52.54 -41.21 5.15
N LYS F 1093 -51.84 -41.83 4.19
CA LYS F 1093 -50.41 -42.09 4.33
C LYS F 1093 -49.60 -40.81 4.38
N GLU F 1094 -49.99 -39.81 3.59
CA GLU F 1094 -49.19 -38.61 3.39
C GLU F 1094 -49.21 -37.67 4.58
N LYS F 1095 -50.14 -37.83 5.52
CA LYS F 1095 -50.16 -37.00 6.72
C LYS F 1095 -49.60 -37.74 7.94
N ASN F 1096 -49.50 -39.07 7.86
CA ASN F 1096 -49.04 -39.95 8.97
C ASN F 1096 -49.87 -39.76 10.23
N LEU F 1097 -51.19 -39.71 10.07
CA LEU F 1097 -52.12 -39.63 11.19
C LEU F 1097 -52.56 -41.03 11.56
N TYR F 1098 -52.63 -41.30 12.88
CA TYR F 1098 -52.96 -42.61 13.42
C TYR F 1098 -53.98 -42.42 14.52
N ARG F 1099 -55.21 -42.85 14.27
CA ARG F 1099 -56.33 -42.77 15.20
C ARG F 1099 -56.53 -44.16 15.78
N VAL F 1100 -57.08 -44.22 17.00
CA VAL F 1100 -57.68 -45.45 17.50
C VAL F 1100 -58.84 -45.09 18.42
N HIS F 1101 -59.73 -46.06 18.62
CA HIS F 1101 -60.66 -46.08 19.73
C HIS F 1101 -60.25 -47.22 20.66
N PHE F 1102 -59.91 -46.87 21.89
CA PHE F 1102 -59.65 -47.85 22.93
C PHE F 1102 -60.96 -48.38 23.50
N PRO F 1103 -61.24 -49.68 23.40
CA PRO F 1103 -62.37 -50.25 24.13
C PRO F 1103 -62.00 -50.77 25.52
N VAL F 1104 -60.78 -50.57 25.98
CA VAL F 1104 -60.28 -51.26 27.16
C VAL F 1104 -59.61 -50.27 28.11
N ALA F 1105 -59.56 -50.64 29.39
CA ALA F 1105 -58.75 -49.95 30.39
C ALA F 1105 -57.30 -50.41 30.30
N GLY F 1106 -56.40 -49.49 30.02
CA GLY F 1106 -54.99 -49.85 30.00
C GLY F 1106 -54.50 -50.22 28.62
N SER F 1107 -53.22 -49.95 28.37
CA SER F 1107 -52.63 -50.16 27.06
C SER F 1107 -51.25 -50.79 27.18
N TYR F 1108 -50.74 -51.25 26.05
CA TYR F 1108 -49.43 -51.87 25.96
C TYR F 1108 -48.60 -51.12 24.92
N ARG F 1109 -47.27 -51.24 25.05
CA ARG F 1109 -46.32 -50.56 24.17
C ARG F 1109 -46.48 -50.99 22.71
N TRP F 1110 -46.61 -49.99 21.84
CA TRP F 1110 -46.68 -50.24 20.40
C TRP F 1110 -45.29 -50.20 19.82
N PRO F 1111 -44.82 -51.29 19.18
CA PRO F 1111 -43.44 -51.32 18.65
C PRO F 1111 -43.31 -50.50 17.37
N ASN F 1112 -44.38 -50.47 16.57
CA ASN F 1112 -44.42 -49.63 15.37
C ASN F 1112 -44.30 -48.15 15.70
N THR F 1113 -44.95 -47.69 16.76
CA THR F 1113 -44.63 -46.36 17.26
C THR F 1113 -43.41 -46.38 18.14
N GLY F 1114 -43.09 -47.52 18.76
CA GLY F 1114 -41.99 -47.58 19.70
C GLY F 1114 -42.27 -46.88 21.00
N LEU F 1115 -43.55 -46.72 21.35
CA LEU F 1115 -43.91 -45.91 22.50
C LEU F 1115 -45.26 -46.35 23.03
N CYS F 1116 -45.70 -45.70 24.11
CA CYS F 1116 -46.92 -46.13 24.76
C CYS F 1116 -47.56 -45.01 25.57
N PHE F 1117 -48.88 -44.93 25.50
CA PHE F 1117 -49.68 -44.02 26.29
C PHE F 1117 -50.69 -44.94 26.98
N VAL F 1118 -50.96 -44.70 28.26
CA VAL F 1118 -52.01 -45.45 28.95
C VAL F 1118 -53.09 -44.53 29.48
N MET F 1119 -54.32 -45.02 29.25
CA MET F 1119 -55.63 -44.43 29.49
C MET F 1119 -56.52 -45.56 29.97
N ARG F 1120 -57.31 -45.30 31.01
CA ARG F 1120 -58.01 -46.35 31.75
C ARG F 1120 -59.48 -46.51 31.38
N GLU F 1121 -59.90 -46.00 30.22
CA GLU F 1121 -61.28 -46.21 29.78
C GLU F 1121 -61.35 -46.14 28.25
N ALA F 1122 -62.53 -46.49 27.73
CA ALA F 1122 -62.81 -46.39 26.30
C ALA F 1122 -62.74 -44.95 25.84
N VAL F 1123 -62.08 -44.72 24.69
CA VAL F 1123 -61.70 -43.37 24.32
C VAL F 1123 -61.37 -43.28 22.83
N THR F 1124 -61.60 -42.12 22.22
CA THR F 1124 -60.94 -41.77 20.97
C THR F 1124 -59.62 -41.08 21.23
N VAL F 1125 -58.58 -41.44 20.45
CA VAL F 1125 -57.37 -40.64 20.42
C VAL F 1125 -56.93 -40.56 18.96
N GLU F 1126 -56.51 -39.37 18.53
CA GLU F 1126 -55.73 -39.19 17.32
C GLU F 1126 -54.28 -38.81 17.63
N ILE F 1127 -53.36 -39.28 16.79
CA ILE F 1127 -51.93 -39.10 16.98
C ILE F 1127 -51.39 -38.63 15.64
N GLU F 1128 -50.45 -37.68 15.68
CA GLU F 1128 -49.58 -37.38 14.56
C GLU F 1128 -48.11 -37.61 14.88
N PHE F 1129 -47.39 -38.10 13.88
CA PHE F 1129 -45.94 -38.00 13.76
C PHE F 1129 -45.69 -36.94 12.69
N CYS F 1130 -45.61 -35.65 13.06
CA CYS F 1130 -45.51 -34.69 11.96
C CYS F 1130 -44.09 -34.51 11.43
N VAL F 1131 -43.31 -33.67 12.11
CA VAL F 1131 -41.96 -33.24 11.74
C VAL F 1131 -41.38 -32.36 12.86
N TRP F 1132 -40.09 -32.52 13.15
CA TRP F 1132 -39.44 -31.66 14.15
C TRP F 1132 -38.88 -30.38 13.54
N ASP F 1133 -38.31 -30.47 12.33
CA ASP F 1133 -37.76 -29.34 11.56
C ASP F 1133 -38.58 -28.06 11.47
N GLN F 1134 -39.90 -28.11 11.44
CA GLN F 1134 -40.62 -26.86 11.21
C GLN F 1134 -41.07 -26.29 12.53
N PHE F 1135 -40.65 -26.93 13.61
CA PHE F 1135 -40.86 -26.50 14.97
C PHE F 1135 -39.55 -26.10 15.64
N LEU F 1136 -38.43 -26.67 15.20
CA LEU F 1136 -37.13 -26.40 15.81
C LEU F 1136 -36.18 -25.56 14.95
N GLY F 1137 -36.37 -25.50 13.63
CA GLY F 1137 -35.59 -24.52 12.86
C GLY F 1137 -36.15 -23.13 13.01
N GLU F 1138 -37.35 -23.03 13.57
CA GLU F 1138 -37.99 -21.80 13.96
C GLU F 1138 -37.49 -21.32 15.32
N ILE F 1139 -36.73 -22.15 16.01
CA ILE F 1139 -36.06 -21.81 17.26
C ILE F 1139 -34.56 -21.70 17.00
N ASN F 1140 -33.97 -20.55 17.40
CA ASN F 1140 -32.55 -20.23 17.12
C ASN F 1140 -31.34 -21.03 17.68
N PRO F 1141 -31.30 -21.30 19.00
CA PRO F 1141 -30.22 -22.16 19.49
C PRO F 1141 -30.59 -23.64 19.42
N GLN F 1142 -31.07 -24.08 18.25
CA GLN F 1142 -31.56 -25.44 18.08
C GLN F 1142 -30.45 -26.47 18.20
N HIS F 1143 -29.21 -26.06 17.99
CA HIS F 1143 -28.06 -26.93 18.22
C HIS F 1143 -27.55 -26.84 19.65
N SER F 1144 -28.24 -26.08 20.51
CA SER F 1144 -28.19 -26.30 21.96
C SER F 1144 -29.30 -27.25 22.41
N TRP F 1145 -29.80 -28.07 21.49
CA TRP F 1145 -30.72 -29.17 21.74
C TRP F 1145 -30.39 -30.22 20.68
N MET F 1146 -30.86 -31.46 20.86
CA MET F 1146 -30.94 -32.37 19.73
C MET F 1146 -32.27 -33.09 19.78
N VAL F 1147 -32.81 -33.40 18.62
CA VAL F 1147 -34.04 -34.20 18.54
C VAL F 1147 -33.75 -35.60 19.02
N ALA F 1148 -34.54 -36.06 19.99
CA ALA F 1148 -34.37 -37.40 20.55
C ALA F 1148 -35.67 -38.18 20.51
N GLY F 1149 -36.60 -37.78 19.65
CA GLY F 1149 -37.91 -38.40 19.62
C GLY F 1149 -38.71 -38.11 18.38
N PRO F 1150 -40.00 -38.41 18.42
CA PRO F 1150 -40.88 -38.33 17.24
C PRO F 1150 -41.75 -37.09 17.11
N LEU F 1151 -41.84 -36.24 18.13
CA LEU F 1151 -42.72 -35.07 18.20
C LEU F 1151 -44.18 -35.48 18.01
N LEU F 1152 -44.71 -36.13 19.05
CA LEU F 1152 -46.11 -36.53 19.06
C LEU F 1152 -47.04 -35.32 18.96
N ASP F 1153 -48.15 -35.50 18.27
CA ASP F 1153 -49.30 -34.63 18.43
C ASP F 1153 -50.47 -35.49 18.88
N ILE F 1154 -51.22 -35.03 19.87
CA ILE F 1154 -52.29 -35.82 20.46
C ILE F 1154 -53.59 -35.03 20.42
N LYS F 1155 -54.65 -35.71 20.04
CA LYS F 1155 -56.01 -35.15 20.03
C LYS F 1155 -56.89 -36.12 20.82
N ALA F 1156 -57.05 -35.83 22.11
CA ALA F 1156 -57.93 -36.54 23.01
C ALA F 1156 -58.61 -35.51 23.91
N GLU F 1157 -59.62 -35.96 24.65
CA GLU F 1157 -60.31 -35.07 25.57
C GLU F 1157 -59.43 -34.80 26.79
N PRO F 1158 -59.46 -33.58 27.33
CA PRO F 1158 -58.60 -33.25 28.47
C PRO F 1158 -59.06 -33.90 29.76
N GLY F 1159 -58.10 -34.13 30.65
CA GLY F 1159 -58.36 -34.62 31.99
C GLY F 1159 -58.37 -36.13 32.14
N ALA F 1160 -58.32 -36.90 31.06
CA ALA F 1160 -58.50 -38.34 31.16
C ALA F 1160 -57.28 -39.17 30.80
N VAL F 1161 -56.37 -38.65 29.98
CA VAL F 1161 -55.08 -39.33 29.76
C VAL F 1161 -54.29 -39.28 31.05
N GLU F 1162 -53.81 -40.44 31.51
CA GLU F 1162 -53.11 -40.44 32.78
C GLU F 1162 -51.63 -40.80 32.68
N ALA F 1163 -51.17 -41.37 31.57
CA ALA F 1163 -49.72 -41.38 31.35
C ALA F 1163 -49.41 -41.43 29.85
N VAL F 1164 -48.35 -40.72 29.47
CA VAL F 1164 -47.78 -40.81 28.14
C VAL F 1164 -46.30 -41.12 28.33
N HIS F 1165 -45.78 -42.01 27.49
CA HIS F 1165 -44.40 -42.50 27.54
C HIS F 1165 -43.78 -42.09 26.22
N LEU F 1166 -42.81 -41.21 26.30
CA LEU F 1166 -42.12 -40.77 25.10
C LEU F 1166 -40.85 -41.58 24.88
N PRO F 1167 -40.50 -41.90 23.64
CA PRO F 1167 -39.27 -42.69 23.38
C PRO F 1167 -37.95 -41.96 23.59
N HIS F 1168 -37.54 -41.93 24.86
CA HIS F 1168 -36.19 -41.55 25.26
C HIS F 1168 -35.14 -42.39 24.55
N PHE F 1169 -34.03 -41.76 24.19
CA PHE F 1169 -32.87 -42.49 23.69
C PHE F 1169 -31.82 -42.57 24.79
N VAL F 1170 -31.30 -43.77 25.02
CA VAL F 1170 -30.61 -44.07 26.25
C VAL F 1170 -29.17 -43.57 26.22
N ALA F 1171 -28.72 -43.07 27.36
CA ALA F 1171 -27.33 -42.81 27.66
C ALA F 1171 -26.94 -43.23 29.07
N LEU F 1172 -27.92 -43.42 29.97
CA LEU F 1172 -27.68 -43.81 31.36
C LEU F 1172 -26.99 -45.16 31.50
N GLN F 1173 -27.07 -46.03 30.48
CA GLN F 1173 -26.25 -47.25 30.46
C GLN F 1173 -24.77 -46.93 30.52
N GLY F 1174 -24.35 -45.80 29.96
CA GLY F 1174 -23.02 -45.28 30.17
C GLY F 1174 -23.00 -44.33 31.35
N GLY F 1175 -22.38 -43.16 31.17
CA GLY F 1175 -22.45 -42.13 32.17
C GLY F 1175 -22.53 -40.73 31.60
N HIS F 1176 -22.23 -39.74 32.46
CA HIS F 1176 -22.12 -38.32 32.11
C HIS F 1176 -23.41 -37.74 31.54
N VAL F 1177 -24.55 -38.16 32.09
CA VAL F 1177 -25.85 -37.56 31.78
C VAL F 1177 -26.60 -37.33 33.08
N ASP F 1178 -27.13 -36.12 33.26
CA ASP F 1178 -27.97 -35.81 34.42
C ASP F 1178 -29.40 -36.27 34.17
N THR F 1179 -30.06 -36.69 35.25
CA THR F 1179 -31.47 -37.04 35.19
C THR F 1179 -32.39 -35.88 35.60
N SER F 1180 -31.84 -34.82 36.17
CA SER F 1180 -32.65 -33.73 36.72
C SER F 1180 -32.83 -32.58 35.74
N LEU F 1181 -31.79 -32.22 34.99
CA LEU F 1181 -31.86 -31.06 34.11
C LEU F 1181 -32.61 -31.31 32.80
N PHE F 1182 -33.25 -32.47 32.65
CA PHE F 1182 -34.01 -32.79 31.44
C PHE F 1182 -35.16 -31.82 31.20
N GLN F 1183 -35.42 -31.52 29.92
CA GLN F 1183 -36.34 -30.46 29.51
C GLN F 1183 -37.28 -30.99 28.43
N MET F 1184 -38.51 -31.36 28.82
CA MET F 1184 -39.49 -31.85 27.86
C MET F 1184 -40.07 -30.68 27.08
N ALA F 1185 -40.31 -30.91 25.79
CA ALA F 1185 -40.73 -29.86 24.85
C ALA F 1185 -42.23 -29.90 24.63
N HIS F 1186 -42.94 -28.98 25.25
CA HIS F 1186 -44.39 -28.88 25.13
C HIS F 1186 -44.69 -27.67 24.25
N PHE F 1187 -45.08 -27.93 23.02
CA PHE F 1187 -45.27 -26.80 22.12
C PHE F 1187 -46.62 -26.15 22.36
N LYS F 1188 -46.68 -24.86 22.06
CA LYS F 1188 -47.93 -24.17 21.77
C LYS F 1188 -47.68 -23.26 20.59
N GLU F 1189 -48.77 -22.69 20.07
CA GLU F 1189 -48.66 -21.62 19.08
C GLU F 1189 -47.96 -20.40 19.66
N GLU F 1190 -47.98 -20.25 20.99
CA GLU F 1190 -47.13 -19.30 21.69
C GLU F 1190 -45.66 -19.55 21.37
N GLY F 1191 -45.21 -20.77 21.60
CA GLY F 1191 -43.79 -21.08 21.53
C GLY F 1191 -43.47 -22.39 22.20
N MET F 1192 -42.17 -22.64 22.27
CA MET F 1192 -41.66 -23.81 22.97
C MET F 1192 -41.81 -23.64 24.48
N LEU F 1193 -42.37 -24.63 25.16
CA LEU F 1193 -42.32 -24.74 26.60
C LEU F 1193 -41.35 -25.84 26.97
N LEU F 1194 -40.65 -25.67 28.09
CA LEU F 1194 -39.74 -26.70 28.60
C LEU F 1194 -40.21 -27.15 29.98
N GLU F 1195 -41.11 -28.12 30.00
CA GLU F 1195 -41.55 -28.73 31.24
C GLU F 1195 -40.42 -29.57 31.85
N LYS F 1196 -40.48 -29.76 33.16
CA LYS F 1196 -39.63 -30.74 33.82
C LYS F 1196 -40.34 -32.07 33.85
N PRO F 1197 -39.82 -33.11 33.19
CA PRO F 1197 -40.48 -34.41 33.21
C PRO F 1197 -40.47 -35.04 34.60
N ALA F 1198 -41.51 -35.83 34.86
CA ALA F 1198 -41.64 -36.49 36.16
C ALA F 1198 -40.59 -37.58 36.34
N ARG F 1199 -40.37 -38.41 35.31
CA ARG F 1199 -39.40 -39.50 35.40
C ARG F 1199 -39.01 -39.95 34.00
N VAL F 1200 -37.79 -40.47 33.89
CA VAL F 1200 -37.24 -41.01 32.65
C VAL F 1200 -37.01 -42.51 32.80
N GLU F 1201 -37.48 -43.29 31.83
CA GLU F 1201 -37.21 -44.71 31.76
C GLU F 1201 -35.93 -44.99 30.98
N LEU F 1202 -35.68 -46.28 30.74
CA LEU F 1202 -34.58 -46.69 29.88
C LEU F 1202 -34.78 -46.22 28.45
N HIS F 1203 -36.02 -46.30 27.97
CA HIS F 1203 -36.33 -45.96 26.57
C HIS F 1203 -37.64 -45.21 26.44
N HIS F 1204 -38.19 -44.68 27.54
CA HIS F 1204 -39.39 -43.87 27.53
C HIS F 1204 -39.24 -42.81 28.61
N ILE F 1205 -40.21 -41.89 28.69
CA ILE F 1205 -40.41 -41.04 29.85
C ILE F 1205 -41.90 -41.03 30.14
N VAL F 1206 -42.26 -40.87 31.41
CA VAL F 1206 -43.66 -40.82 31.81
C VAL F 1206 -44.01 -39.36 32.08
N LEU F 1207 -45.22 -38.98 31.71
CA LEU F 1207 -45.70 -37.64 32.00
C LEU F 1207 -46.95 -37.67 32.87
N GLU F 1208 -47.35 -36.49 33.32
CA GLU F 1208 -48.51 -36.33 34.18
C GLU F 1208 -49.78 -36.25 33.34
N ASN F 1209 -50.91 -36.07 34.03
CA ASN F 1209 -52.21 -36.15 33.37
C ASN F 1209 -52.51 -35.03 32.36
N PRO F 1210 -52.19 -33.72 32.58
CA PRO F 1210 -52.38 -32.76 31.48
C PRO F 1210 -51.41 -32.94 30.31
N SER F 1211 -51.68 -33.94 29.48
CA SER F 1211 -50.96 -34.14 28.23
C SER F 1211 -51.71 -33.44 27.11
N PHE F 1212 -51.14 -32.34 26.62
CA PHE F 1212 -51.75 -31.61 25.50
C PHE F 1212 -50.96 -31.90 24.23
CA SER G 1 -50.87 -29.17 21.26
C SER G 1 -49.89 -30.26 20.87
N PRO G 2 -48.87 -29.92 20.09
CA PRO G 2 -47.79 -30.88 19.83
C PRO G 2 -47.00 -31.14 21.09
N LEU G 3 -46.50 -32.37 21.21
CA LEU G 3 -45.68 -32.77 22.34
C LEU G 3 -44.35 -33.30 21.84
N GLY G 4 -43.28 -32.97 22.58
CA GLY G 4 -41.95 -33.38 22.18
C GLY G 4 -41.21 -33.96 23.37
N VAL G 5 -40.14 -34.68 23.05
CA VAL G 5 -39.37 -35.38 24.05
C VAL G 5 -38.40 -34.41 24.72
N LEU G 6 -37.83 -34.84 25.84
CA LEU G 6 -36.69 -34.15 26.43
C LEU G 6 -35.53 -34.25 25.46
N LEU G 7 -34.84 -33.13 25.32
CA LEU G 7 -33.63 -32.97 24.51
C LEU G 7 -32.80 -31.79 25.06
N LYS G 8 -32.74 -31.66 26.38
CA LYS G 8 -32.05 -30.53 27.04
C LYS G 8 -30.52 -30.36 26.87
N MET G 9 -29.78 -31.46 26.98
CA MET G 9 -28.31 -31.46 26.86
C MET G 9 -27.61 -30.47 27.82
N ILE G 10 -26.63 -29.72 27.30
CA ILE G 10 -25.87 -28.73 28.09
C ILE G 10 -25.25 -27.69 27.17
N HIS G 11 -24.79 -26.55 27.71
CA HIS G 11 -24.19 -25.56 26.81
C HIS G 11 -22.70 -25.39 27.03
N ASN G 12 -22.20 -25.82 28.20
CA ASN G 12 -20.84 -25.48 28.60
C ASN G 12 -19.82 -26.27 27.79
N ALA G 13 -20.04 -27.57 27.61
CA ALA G 13 -19.05 -28.38 26.94
C ALA G 13 -19.76 -29.53 26.25
N LEU G 14 -18.96 -30.35 25.55
CA LEU G 14 -19.46 -31.42 24.72
C LEU G 14 -19.97 -32.57 25.59
N ARG G 15 -20.92 -33.29 25.05
CA ARG G 15 -21.13 -34.63 25.59
C ARG G 15 -21.11 -35.71 24.52
N PHE G 16 -21.71 -35.46 23.35
CA PHE G 16 -21.94 -36.45 22.30
C PHE G 16 -22.59 -37.73 22.86
N ILE G 17 -23.83 -37.56 23.30
CA ILE G 17 -24.54 -38.64 24.00
C ILE G 17 -24.85 -39.77 23.02
N PRO G 18 -24.87 -41.02 23.45
CA PRO G 18 -25.18 -42.12 22.54
C PRO G 18 -26.66 -42.17 22.18
N VAL G 19 -26.92 -42.84 21.07
CA VAL G 19 -28.29 -43.03 20.60
C VAL G 19 -28.57 -44.53 20.63
N THR G 20 -29.86 -44.87 20.70
CA THR G 20 -30.26 -46.27 20.81
C THR G 20 -30.50 -46.91 19.45
N SER G 21 -31.05 -46.18 18.50
CA SER G 21 -31.73 -46.77 17.36
C SER G 21 -30.78 -47.32 16.30
N VAL G 22 -31.38 -47.60 15.14
CA VAL G 22 -30.91 -48.61 14.21
C VAL G 22 -30.20 -47.95 13.03
N VAL G 23 -29.37 -48.74 12.35
CA VAL G 23 -28.71 -48.36 11.12
C VAL G 23 -29.26 -49.23 10.01
N LEU G 24 -29.68 -48.62 8.89
CA LEU G 24 -30.37 -49.41 7.89
C LEU G 24 -29.84 -49.19 6.49
N LEU G 25 -29.64 -50.31 5.81
CA LEU G 25 -29.27 -50.44 4.41
C LEU G 25 -30.52 -50.76 3.57
N TYR G 26 -30.74 -49.99 2.51
CA TYR G 26 -31.80 -50.32 1.54
C TYR G 26 -31.21 -50.73 0.20
N HIS G 27 -32.06 -51.39 -0.60
CA HIS G 27 -31.66 -52.21 -1.73
C HIS G 27 -32.38 -51.75 -3.00
N ARG G 28 -31.91 -52.25 -4.14
CA ARG G 28 -32.59 -52.07 -5.42
C ARG G 28 -32.57 -53.40 -6.17
N VAL G 29 -33.43 -53.54 -7.17
CA VAL G 29 -33.50 -54.77 -7.97
C VAL G 29 -33.41 -54.27 -9.43
N HIS G 30 -32.71 -53.17 -9.64
CA HIS G 30 -32.61 -52.62 -10.99
C HIS G 30 -31.74 -53.51 -11.89
N PRO G 31 -32.13 -53.74 -13.15
CA PRO G 31 -31.45 -54.76 -13.96
C PRO G 31 -30.03 -54.41 -14.38
N GLU G 32 -29.75 -53.15 -14.70
CA GLU G 32 -28.41 -52.78 -15.15
C GLU G 32 -27.40 -52.82 -14.00
N GLU G 33 -27.64 -52.00 -12.99
CA GLU G 33 -26.81 -52.02 -11.78
C GLU G 33 -27.72 -51.96 -10.57
N VAL G 34 -27.30 -52.62 -9.50
CA VAL G 34 -28.06 -52.68 -8.26
C VAL G 34 -27.36 -51.77 -7.25
N THR G 35 -28.10 -50.79 -6.75
CA THR G 35 -27.57 -49.77 -5.86
C THR G 35 -28.13 -49.93 -4.46
N PHE G 36 -27.23 -50.12 -3.50
CA PHE G 36 -27.58 -50.09 -2.10
C PHE G 36 -27.37 -48.68 -1.55
N HIS G 37 -28.17 -48.32 -0.54
CA HIS G 37 -27.95 -47.10 0.23
C HIS G 37 -27.87 -47.45 1.70
N LEU G 38 -26.74 -47.10 2.30
CA LEU G 38 -26.52 -47.32 3.72
C LEU G 38 -26.78 -45.97 4.38
N TYR G 39 -27.78 -45.95 5.24
CA TYR G 39 -28.22 -44.78 5.98
C TYR G 39 -27.64 -44.81 7.39
N LEU G 40 -27.67 -43.64 8.04
CA LEU G 40 -27.26 -43.54 9.44
C LEU G 40 -28.34 -42.72 10.14
N ILE G 41 -29.34 -43.41 10.68
CA ILE G 41 -30.52 -42.75 11.25
C ILE G 41 -30.53 -42.96 12.76
N PRO G 42 -30.91 -41.96 13.54
CA PRO G 42 -30.96 -42.13 15.00
C PRO G 42 -32.32 -42.45 15.59
N SER G 43 -33.35 -42.72 14.78
CA SER G 43 -34.71 -42.82 15.33
C SER G 43 -35.37 -44.12 14.92
N ASP G 44 -36.67 -44.20 15.16
CA ASP G 44 -37.45 -45.42 15.10
C ASP G 44 -38.46 -45.35 13.96
N CYS G 45 -39.40 -46.31 13.98
CA CYS G 45 -40.12 -46.78 12.80
C CYS G 45 -40.93 -45.69 12.11
N SER G 46 -41.42 -44.69 12.85
CA SER G 46 -42.20 -43.62 12.23
C SER G 46 -41.34 -42.76 11.32
N ILE G 47 -40.12 -42.47 11.76
CA ILE G 47 -39.17 -41.76 10.91
C ILE G 47 -38.75 -42.68 9.77
N ARG G 48 -38.53 -43.96 10.09
CA ARG G 48 -38.28 -44.98 9.08
C ARG G 48 -39.43 -45.12 8.10
N LYS G 49 -40.68 -45.04 8.58
CA LYS G 49 -41.81 -45.11 7.64
C LYS G 49 -41.89 -43.87 6.76
N ALA G 50 -41.51 -42.70 7.26
CA ALA G 50 -41.41 -41.51 6.40
C ALA G 50 -40.34 -41.71 5.33
N ILE G 51 -39.20 -42.30 5.71
CA ILE G 51 -38.13 -42.62 4.76
C ILE G 51 -38.61 -43.67 3.77
N ASP G 52 -39.33 -44.67 4.28
CA ASP G 52 -39.98 -45.69 3.45
C ASP G 52 -40.89 -45.06 2.40
N ASP G 53 -41.69 -44.07 2.79
CA ASP G 53 -42.56 -43.36 1.84
C ASP G 53 -41.76 -42.68 0.72
N LEU G 54 -40.71 -41.93 1.09
CA LEU G 54 -39.81 -41.35 0.07
C LEU G 54 -39.19 -42.42 -0.83
N GLU G 55 -38.56 -43.43 -0.22
CA GLU G 55 -37.91 -44.50 -0.95
C GLU G 55 -38.89 -45.26 -1.83
N MET G 56 -40.11 -45.46 -1.34
CA MET G 56 -41.19 -46.02 -2.14
C MET G 56 -41.48 -45.17 -3.37
N LYS G 57 -41.43 -43.84 -3.22
CA LYS G 57 -41.57 -42.98 -4.39
C LYS G 57 -40.38 -43.11 -5.34
N PHE G 58 -39.21 -43.48 -4.83
CA PHE G 58 -38.07 -43.73 -5.72
C PHE G 58 -37.58 -45.17 -5.71
N GLN G 59 -38.53 -46.12 -5.67
CA GLN G 59 -38.39 -47.57 -5.92
C GLN G 59 -37.23 -48.22 -5.14
N PHE G 60 -37.36 -48.20 -3.82
CA PHE G 60 -36.49 -48.99 -2.96
C PHE G 60 -37.28 -50.06 -2.21
N VAL G 61 -36.58 -51.17 -1.93
CA VAL G 61 -37.09 -52.22 -1.05
C VAL G 61 -35.93 -52.58 -0.12
N ARG G 62 -36.25 -53.14 1.04
CA ARG G 62 -35.27 -53.24 2.10
C ARG G 62 -35.42 -54.56 2.85
N ILE G 63 -34.28 -55.17 3.19
CA ILE G 63 -34.27 -56.23 4.19
C ILE G 63 -33.75 -55.68 5.51
N HIS G 64 -34.24 -56.25 6.60
CA HIS G 64 -34.01 -55.70 7.94
C HIS G 64 -32.85 -56.41 8.63
N LYS G 65 -31.66 -55.82 8.52
CA LYS G 65 -30.48 -56.27 9.23
C LYS G 65 -30.62 -56.00 10.73
N PRO G 66 -29.95 -56.77 11.58
CA PRO G 66 -30.10 -56.59 13.04
C PRO G 66 -29.51 -55.27 13.49
N PRO G 67 -29.96 -54.72 14.62
CA PRO G 67 -29.51 -53.39 15.04
C PRO G 67 -28.11 -53.43 15.61
N PRO G 68 -27.46 -52.26 15.75
CA PRO G 68 -26.22 -52.19 16.52
C PRO G 68 -26.44 -52.56 17.98
N LEU G 69 -25.40 -53.18 18.56
CA LEU G 69 -25.44 -53.59 19.95
C LEU G 69 -24.50 -52.80 20.84
N THR G 70 -23.57 -52.04 20.25
CA THR G 70 -23.04 -51.02 21.14
C THR G 70 -23.73 -49.71 20.84
N PRO G 71 -23.97 -48.88 21.86
CA PRO G 71 -24.48 -47.54 21.61
C PRO G 71 -23.47 -46.70 20.84
N LEU G 72 -23.99 -45.87 19.94
CA LEU G 72 -23.18 -45.10 19.01
C LEU G 72 -23.48 -43.61 19.19
N TYR G 73 -22.41 -42.82 19.27
CA TYR G 73 -22.48 -41.46 19.78
C TYR G 73 -22.96 -40.49 18.71
N MET G 74 -23.91 -39.61 19.11
CA MET G 74 -24.56 -38.69 18.19
C MET G 74 -23.60 -37.68 17.57
N GLY G 75 -23.70 -37.51 16.25
CA GLY G 75 -22.96 -36.47 15.55
C GLY G 75 -21.51 -36.79 15.29
N CYS G 76 -20.99 -37.89 15.83
CA CYS G 76 -19.61 -38.28 15.63
C CYS G 76 -19.38 -38.72 14.19
N ARG G 77 -18.15 -38.52 13.73
CA ARG G 77 -17.75 -39.00 12.41
C ARG G 77 -17.49 -40.50 12.48
N TYR G 78 -18.21 -41.28 11.66
CA TYR G 78 -18.02 -42.72 11.60
C TYR G 78 -17.65 -43.16 10.18
N THR G 79 -16.37 -43.45 9.97
CA THR G 79 -15.93 -44.04 8.71
C THR G 79 -16.64 -45.36 8.47
N VAL G 80 -17.13 -45.56 7.27
CA VAL G 80 -17.81 -46.77 6.87
C VAL G 80 -16.83 -47.51 5.98
N SER G 81 -16.67 -48.81 6.20
CA SER G 81 -15.81 -49.62 5.34
C SER G 81 -16.52 -50.93 5.06
N GLY G 82 -15.79 -51.94 4.63
CA GLY G 82 -16.48 -53.10 4.11
C GLY G 82 -15.59 -53.99 3.29
N SER G 83 -16.13 -55.17 2.96
CA SER G 83 -15.46 -56.10 2.06
C SER G 83 -15.40 -55.52 0.65
N GLY G 84 -16.43 -54.78 0.27
CA GLY G 84 -16.46 -54.12 -1.02
C GLY G 84 -15.78 -52.77 -1.03
N SER G 85 -15.16 -52.36 0.07
CA SER G 85 -14.37 -51.15 0.09
C SER G 85 -13.10 -51.35 -0.74
N GLY G 86 -12.89 -50.48 -1.71
CA GLY G 86 -11.72 -50.54 -2.57
C GLY G 86 -11.83 -51.46 -3.78
N MET G 87 -12.20 -52.74 -3.56
CA MET G 87 -12.37 -53.65 -4.69
C MET G 87 -13.67 -53.39 -5.44
N LEU G 88 -14.70 -52.88 -4.78
CA LEU G 88 -15.88 -52.34 -5.43
C LEU G 88 -15.90 -50.83 -5.17
N GLU G 89 -16.63 -50.09 -5.98
CA GLU G 89 -16.63 -48.64 -5.81
C GLU G 89 -17.71 -48.23 -4.85
N ILE G 90 -17.32 -47.81 -3.64
CA ILE G 90 -18.35 -47.40 -2.69
C ILE G 90 -17.92 -46.55 -1.49
N LEU G 91 -18.91 -45.90 -0.88
CA LEU G 91 -18.77 -45.09 0.35
C LEU G 91 -17.92 -43.81 0.42
N PRO G 92 -18.57 -42.65 0.55
CA PRO G 92 -17.86 -41.37 0.74
C PRO G 92 -17.13 -41.51 2.07
N LYS G 93 -15.89 -41.06 2.18
CA LYS G 93 -15.17 -41.35 3.40
C LYS G 93 -15.55 -40.44 4.56
N GLU G 94 -16.72 -40.72 5.11
CA GLU G 94 -17.22 -39.98 6.26
C GLU G 94 -18.73 -40.20 6.44
N LEU G 95 -19.21 -39.99 7.67
CA LEU G 95 -20.62 -40.01 7.97
C LEU G 95 -20.89 -39.51 9.39
N GLU G 96 -21.89 -38.65 9.52
CA GLU G 96 -22.36 -38.10 10.78
C GLU G 96 -23.72 -38.69 11.12
N LEU G 97 -24.03 -38.82 12.40
CA LEU G 97 -25.30 -39.42 12.79
C LEU G 97 -26.36 -38.38 13.15
N CYS G 98 -26.12 -37.14 12.75
CA CYS G 98 -27.00 -36.04 13.13
C CYS G 98 -28.39 -36.19 12.52
N TYR G 99 -29.40 -35.87 13.32
CA TYR G 99 -30.79 -36.02 12.92
C TYR G 99 -31.20 -34.89 12.00
N ARG G 100 -31.85 -35.25 10.90
CA ARG G 100 -32.68 -34.33 10.16
C ARG G 100 -33.94 -35.06 9.74
N SER G 101 -35.02 -34.29 9.56
CA SER G 101 -36.30 -34.85 9.18
C SER G 101 -36.22 -35.51 7.81
N PRO G 102 -37.07 -36.51 7.55
CA PRO G 102 -37.21 -37.06 6.20
C PRO G 102 -37.57 -36.07 5.10
N GLY G 103 -38.07 -34.87 5.42
CA GLY G 103 -38.29 -33.87 4.39
C GLY G 103 -36.99 -33.38 3.76
N GLU G 104 -35.90 -33.39 4.52
CA GLU G 104 -34.58 -32.96 4.06
C GLU G 104 -33.68 -34.19 4.07
N ASP G 105 -33.28 -34.63 2.87
CA ASP G 105 -32.87 -36.02 2.65
C ASP G 105 -31.63 -36.40 3.46
N GLN G 106 -31.56 -37.69 3.79
CA GLN G 106 -30.64 -38.19 4.79
C GLN G 106 -29.25 -38.45 4.20
N LEU G 107 -28.29 -38.61 5.11
CA LEU G 107 -26.94 -38.95 4.72
C LEU G 107 -26.85 -40.43 4.35
N PHE G 108 -26.19 -40.76 3.26
CA PHE G 108 -26.16 -42.16 2.86
C PHE G 108 -24.94 -42.50 2.02
N SER G 109 -24.62 -43.78 1.97
CA SER G 109 -23.49 -44.22 1.17
C SER G 109 -23.96 -45.11 0.04
N GLU G 110 -23.54 -44.74 -1.17
CA GLU G 110 -23.88 -45.47 -2.37
C GLU G 110 -23.18 -46.82 -2.46
N PHE G 111 -23.86 -47.82 -3.02
CA PHE G 111 -23.16 -49.10 -3.25
C PHE G 111 -23.57 -49.86 -4.51
N TYR G 112 -22.83 -49.71 -5.61
CA TYR G 112 -23.10 -50.52 -6.81
C TYR G 112 -22.54 -51.92 -6.61
N VAL G 113 -23.39 -52.93 -6.80
CA VAL G 113 -22.95 -54.31 -6.62
C VAL G 113 -23.05 -55.15 -7.90
N GLY G 114 -23.85 -54.75 -8.89
CA GLY G 114 -24.09 -55.63 -10.01
C GLY G 114 -25.16 -56.64 -9.66
N HIS G 115 -24.81 -57.92 -9.58
CA HIS G 115 -25.73 -58.91 -9.04
C HIS G 115 -25.89 -58.72 -7.54
N LEU G 116 -27.14 -58.83 -7.06
CA LEU G 116 -27.37 -58.76 -5.62
C LEU G 116 -26.91 -60.04 -4.93
N GLY G 117 -27.04 -61.18 -5.61
CA GLY G 117 -26.58 -62.47 -5.09
C GLY G 117 -27.26 -62.85 -3.78
N SER G 118 -26.45 -63.05 -2.75
CA SER G 118 -26.94 -63.11 -1.39
C SER G 118 -26.64 -61.83 -0.62
N GLY G 119 -25.37 -61.50 -0.49
CA GLY G 119 -24.92 -60.36 0.28
C GLY G 119 -23.48 -60.55 0.73
N ILE G 120 -22.83 -59.42 0.98
CA ILE G 120 -21.44 -59.38 1.32
C ILE G 120 -21.20 -58.61 2.60
N ARG G 121 -20.01 -58.74 3.16
CA ARG G 121 -19.71 -58.10 4.44
C ARG G 121 -19.71 -56.57 4.33
N LEU G 122 -20.23 -55.91 5.37
CA LEU G 122 -20.12 -54.47 5.59
C LEU G 122 -19.40 -54.17 6.91
N GLN G 123 -18.83 -52.95 7.04
CA GLN G 123 -18.18 -52.50 8.26
C GLN G 123 -18.65 -51.08 8.56
N VAL G 124 -18.72 -50.74 9.85
CA VAL G 124 -18.78 -49.35 10.32
C VAL G 124 -17.81 -49.18 11.47
N LYS G 125 -17.11 -48.03 11.50
CA LYS G 125 -16.02 -47.81 12.44
C LYS G 125 -15.90 -46.34 12.85
N ASP G 126 -15.73 -46.11 14.14
CA ASP G 126 -15.65 -44.75 14.65
C ASP G 126 -14.31 -44.15 14.19
N LYS G 127 -14.35 -42.93 13.64
CA LYS G 127 -13.08 -42.32 13.23
C LYS G 127 -12.21 -41.91 14.41
N LYS G 128 -12.80 -41.71 15.59
CA LYS G 128 -12.01 -41.32 16.76
C LYS G 128 -11.04 -42.41 17.22
N ASP G 129 -11.52 -43.64 17.37
CA ASP G 129 -10.67 -44.68 17.93
C ASP G 129 -10.75 -46.03 17.20
N GLU G 130 -11.34 -46.06 16.00
CA GLU G 130 -11.33 -47.23 15.10
C GLU G 130 -11.95 -48.47 15.73
N THR G 131 -13.17 -48.33 16.23
CA THR G 131 -13.90 -49.46 16.78
C THR G 131 -15.05 -49.88 15.87
N LEU G 132 -15.05 -51.16 15.51
CA LEU G 132 -16.20 -51.78 14.87
C LEU G 132 -17.37 -51.79 15.85
N VAL G 133 -18.53 -51.33 15.41
CA VAL G 133 -19.73 -51.42 16.25
C VAL G 133 -20.81 -52.31 15.65
N TRP G 134 -20.79 -52.61 14.36
CA TRP G 134 -21.88 -53.35 13.74
C TRP G 134 -21.35 -54.06 12.52
N GLU G 135 -21.86 -55.26 12.27
CA GLU G 135 -21.85 -55.90 10.96
C GLU G 135 -23.06 -56.80 10.79
N ALA G 136 -23.45 -57.00 9.54
CA ALA G 136 -24.54 -57.90 9.18
C ALA G 136 -24.23 -58.48 7.80
N LEU G 137 -24.34 -59.79 7.68
CA LEU G 137 -24.39 -60.40 6.36
C LEU G 137 -25.81 -60.33 5.83
N VAL G 138 -25.94 -59.94 4.57
CA VAL G 138 -27.24 -59.71 3.99
C VAL G 138 -27.47 -60.65 2.82
N SER H 1 -11.98 6.06 16.26
CA SER H 1 -11.35 4.74 16.29
C SER H 1 -12.02 3.80 17.29
N PRO H 2 -13.30 3.45 17.07
CA PRO H 2 -14.10 2.84 18.13
C PRO H 2 -13.99 1.32 18.22
N LEU H 3 -12.76 0.81 18.06
CA LEU H 3 -12.44 -0.62 18.10
C LEU H 3 -13.30 -1.44 17.15
N GLY H 4 -12.97 -1.43 15.86
CA GLY H 4 -13.41 -2.56 15.07
C GLY H 4 -12.85 -3.79 15.76
N VAL H 5 -13.71 -4.60 16.36
CA VAL H 5 -13.20 -5.78 17.05
C VAL H 5 -12.46 -6.60 16.01
N LEU H 6 -13.00 -6.59 14.79
CA LEU H 6 -12.44 -7.27 13.62
C LEU H 6 -12.36 -8.78 13.71
N LEU H 7 -13.22 -9.38 14.53
CA LEU H 7 -13.27 -10.84 14.62
C LEU H 7 -13.75 -11.35 13.27
N LYS H 8 -14.78 -10.70 12.74
CA LYS H 8 -15.34 -10.99 11.44
C LYS H 8 -15.67 -12.47 11.30
N MET H 9 -15.22 -13.05 10.21
CA MET H 9 -15.43 -14.47 9.99
C MET H 9 -16.91 -14.81 9.94
N ILE H 10 -17.75 -13.91 9.47
CA ILE H 10 -19.17 -14.26 9.43
C ILE H 10 -19.54 -14.87 8.07
N HIS H 11 -19.25 -16.16 7.95
CA HIS H 11 -19.72 -16.95 6.83
C HIS H 11 -21.22 -17.19 6.89
N ASN H 12 -21.76 -17.41 8.10
CA ASN H 12 -23.17 -17.65 8.36
C ASN H 12 -23.71 -18.83 7.55
N ALA H 13 -22.94 -19.93 7.53
CA ALA H 13 -23.23 -21.04 6.62
C ALA H 13 -24.51 -21.77 7.00
N LEU H 14 -25.33 -22.06 6.00
CA LEU H 14 -26.66 -22.56 6.24
C LEU H 14 -26.69 -24.09 6.19
N ARG H 15 -27.60 -24.66 6.98
CA ARG H 15 -27.91 -26.09 6.91
C ARG H 15 -28.67 -26.46 5.65
N PHE H 16 -29.11 -25.47 4.87
CA PHE H 16 -29.64 -25.72 3.53
C PHE H 16 -28.60 -26.26 2.57
N ILE H 17 -27.32 -26.07 2.85
CA ILE H 17 -26.24 -26.47 1.94
C ILE H 17 -26.19 -27.98 1.69
N PRO H 18 -26.57 -28.87 2.63
CA PRO H 18 -26.87 -30.25 2.20
C PRO H 18 -27.97 -30.39 1.15
N VAL H 19 -29.07 -29.64 1.26
CA VAL H 19 -30.17 -29.84 0.32
C VAL H 19 -29.99 -28.97 -0.91
N THR H 20 -28.95 -28.13 -0.94
CA THR H 20 -28.51 -27.55 -2.21
C THR H 20 -27.92 -28.61 -3.13
N SER H 21 -27.38 -29.69 -2.58
CA SER H 21 -26.96 -30.82 -3.40
C SER H 21 -28.16 -31.58 -3.97
N VAL H 22 -29.34 -31.42 -3.35
CA VAL H 22 -30.52 -32.14 -3.80
C VAL H 22 -31.13 -31.48 -5.04
N VAL H 23 -30.96 -30.17 -5.13
CA VAL H 23 -31.31 -29.44 -6.33
C VAL H 23 -30.40 -30.01 -7.42
N LEU H 24 -29.16 -30.35 -7.03
CA LEU H 24 -28.15 -30.92 -7.92
C LEU H 24 -28.59 -32.30 -8.43
N LEU H 25 -28.15 -32.61 -9.63
CA LEU H 25 -28.54 -33.85 -10.35
C LEU H 25 -29.94 -33.72 -10.95
N TYR H 26 -30.05 -32.92 -12.00
CA TYR H 26 -31.20 -33.01 -12.90
C TYR H 26 -30.73 -33.61 -14.22
N HIS H 27 -31.40 -34.66 -14.70
CA HIS H 27 -31.05 -35.20 -16.00
C HIS H 27 -32.32 -35.35 -16.82
N ARG H 28 -32.16 -35.39 -18.14
CA ARG H 28 -33.31 -35.47 -19.04
C ARG H 28 -33.10 -36.59 -20.05
N VAL H 29 -33.99 -37.59 -20.04
CA VAL H 29 -34.04 -38.55 -21.13
C VAL H 29 -35.06 -38.14 -22.20
N HIS H 30 -34.76 -37.07 -22.93
CA HIS H 30 -35.52 -36.86 -24.16
C HIS H 30 -34.84 -37.55 -25.36
N PRO H 31 -33.54 -37.25 -25.70
CA PRO H 31 -32.94 -37.96 -26.84
C PRO H 31 -32.17 -39.19 -26.41
N GLU H 32 -31.44 -39.78 -27.36
CA GLU H 32 -30.47 -40.84 -27.05
C GLU H 32 -29.44 -40.39 -26.02
N GLU H 33 -29.05 -39.11 -26.04
CA GLU H 33 -28.13 -38.58 -25.06
C GLU H 33 -28.83 -38.29 -23.73
N VAL H 34 -28.03 -38.15 -22.66
CA VAL H 34 -28.53 -37.69 -21.37
C VAL H 34 -27.64 -36.54 -20.86
N THR H 35 -28.30 -35.56 -20.23
CA THR H 35 -27.67 -34.34 -19.79
C THR H 35 -28.27 -33.88 -18.46
N PHE H 36 -27.50 -33.02 -17.78
CA PHE H 36 -27.67 -32.68 -16.38
C PHE H 36 -27.66 -31.17 -16.18
N HIS H 37 -28.43 -30.75 -15.17
CA HIS H 37 -28.48 -29.40 -14.62
C HIS H 37 -28.06 -29.48 -13.16
N LEU H 38 -27.19 -28.54 -12.76
CA LEU H 38 -26.65 -28.46 -11.41
C LEU H 38 -26.96 -27.10 -10.82
N TYR H 39 -27.58 -27.10 -9.63
CA TYR H 39 -27.99 -25.91 -8.88
C TYR H 39 -27.49 -26.03 -7.45
N LEU H 40 -27.06 -24.91 -6.87
CA LEU H 40 -26.69 -24.83 -5.44
C LEU H 40 -27.19 -23.51 -4.87
N ILE H 41 -28.44 -23.48 -4.38
CA ILE H 41 -29.02 -22.22 -3.93
C ILE H 41 -29.44 -22.32 -2.46
N PRO H 42 -28.71 -21.68 -1.54
CA PRO H 42 -29.21 -21.49 -0.18
C PRO H 42 -29.99 -20.19 -0.03
N SER H 43 -30.34 -19.86 1.23
CA SER H 43 -30.91 -18.59 1.68
C SER H 43 -32.37 -18.40 1.26
N ASP H 44 -33.02 -19.49 0.84
CA ASP H 44 -34.46 -19.54 0.64
C ASP H 44 -34.93 -20.98 0.64
N CYS H 45 -35.98 -21.28 1.40
CA CYS H 45 -36.53 -22.63 1.39
C CYS H 45 -37.38 -22.89 0.16
N SER H 46 -37.99 -21.85 -0.42
CA SER H 46 -38.91 -21.99 -1.53
C SER H 46 -38.21 -22.29 -2.85
N ILE H 47 -36.87 -22.19 -2.89
CA ILE H 47 -36.14 -22.50 -4.12
C ILE H 47 -36.21 -23.99 -4.43
N ARG H 48 -36.42 -24.83 -3.40
CA ARG H 48 -36.56 -26.27 -3.63
C ARG H 48 -37.76 -26.58 -4.49
N LYS H 49 -38.95 -26.22 -4.01
CA LYS H 49 -40.17 -26.47 -4.77
C LYS H 49 -40.22 -25.66 -6.06
N ALA H 50 -39.62 -24.46 -6.06
CA ALA H 50 -39.59 -23.63 -7.26
C ALA H 50 -38.80 -24.28 -8.39
N ILE H 51 -37.55 -24.68 -8.12
CA ILE H 51 -36.74 -25.25 -9.17
C ILE H 51 -37.20 -26.69 -9.45
N ASP H 52 -37.84 -27.33 -8.47
CA ASP H 52 -38.44 -28.65 -8.70
C ASP H 52 -39.53 -28.57 -9.74
N ASP H 53 -40.55 -27.74 -9.51
CA ASP H 53 -41.67 -27.60 -10.44
C ASP H 53 -41.21 -27.08 -11.80
N LEU H 54 -40.29 -26.10 -11.79
CA LEU H 54 -39.75 -25.53 -13.02
C LEU H 54 -39.05 -26.59 -13.87
N GLU H 55 -38.23 -27.43 -13.25
CA GLU H 55 -37.50 -28.39 -14.06
C GLU H 55 -38.21 -29.71 -14.27
N MET H 56 -39.35 -29.98 -13.61
CA MET H 56 -40.10 -31.15 -14.10
C MET H 56 -41.08 -30.76 -15.19
N LYS H 57 -41.62 -29.54 -15.16
CA LYS H 57 -42.35 -29.08 -16.34
C LYS H 57 -41.41 -28.66 -17.47
N PHE H 58 -40.12 -28.50 -17.20
CA PHE H 58 -39.11 -28.47 -18.25
C PHE H 58 -38.52 -29.83 -18.55
N GLN H 59 -39.16 -30.90 -18.06
CA GLN H 59 -38.87 -32.30 -18.41
C GLN H 59 -37.45 -32.74 -18.01
N PHE H 60 -37.20 -32.69 -16.69
CA PHE H 60 -35.98 -33.26 -16.12
C PHE H 60 -36.36 -34.15 -14.95
N VAL H 61 -35.38 -34.93 -14.48
CA VAL H 61 -35.59 -35.97 -13.48
C VAL H 61 -34.77 -35.60 -12.24
N ARG H 62 -35.20 -36.06 -11.06
CA ARG H 62 -34.43 -35.94 -9.82
C ARG H 62 -33.83 -37.29 -9.48
N ILE H 63 -32.55 -37.20 -9.07
CA ILE H 63 -31.66 -38.30 -8.70
C ILE H 63 -31.42 -38.33 -7.18
N HIS H 64 -30.54 -39.21 -6.73
CA HIS H 64 -30.25 -39.38 -5.29
C HIS H 64 -29.69 -38.19 -4.52
N LYS H 65 -28.77 -37.44 -5.11
CA LYS H 65 -28.21 -36.24 -4.44
C LYS H 65 -27.61 -36.35 -3.01
N PRO H 66 -26.52 -37.12 -2.84
CA PRO H 66 -25.92 -37.25 -1.51
C PRO H 66 -25.53 -35.88 -0.97
N PRO H 67 -25.80 -35.62 0.31
CA PRO H 67 -25.59 -34.31 0.93
C PRO H 67 -24.17 -34.16 1.44
N PRO H 68 -23.58 -32.97 1.30
CA PRO H 68 -22.33 -32.67 2.00
C PRO H 68 -22.52 -32.70 3.50
N LEU H 69 -21.51 -33.22 4.21
CA LEU H 69 -21.58 -33.25 5.67
C LEU H 69 -21.40 -31.84 6.24
N THR H 70 -20.55 -31.05 5.61
CA THR H 70 -20.29 -29.69 6.08
C THR H 70 -21.29 -28.73 5.47
N PRO H 71 -22.06 -27.99 6.27
CA PRO H 71 -22.79 -26.83 5.74
C PRO H 71 -21.80 -25.79 5.25
N LEU H 72 -21.79 -25.59 3.94
CA LEU H 72 -20.67 -24.92 3.30
C LEU H 72 -20.73 -23.41 3.51
N TYR H 73 -19.55 -22.83 3.71
CA TYR H 73 -19.40 -21.41 3.98
C TYR H 73 -19.76 -20.60 2.74
N MET H 74 -20.48 -19.50 2.94
CA MET H 74 -20.93 -18.67 1.85
C MET H 74 -19.92 -17.57 1.55
N GLY H 75 -19.79 -17.24 0.27
CA GLY H 75 -18.81 -16.28 -0.21
C GLY H 75 -17.68 -16.89 -1.00
N CYS H 76 -17.68 -18.20 -1.21
CA CYS H 76 -16.59 -18.88 -1.90
C CYS H 76 -17.15 -19.80 -2.98
N ARG H 77 -16.54 -19.74 -4.16
CA ARG H 77 -16.92 -20.61 -5.26
C ARG H 77 -16.35 -22.00 -5.08
N TYR H 78 -17.07 -23.00 -5.58
CA TYR H 78 -16.68 -24.40 -5.46
C TYR H 78 -16.48 -25.00 -6.85
N THR H 79 -15.33 -25.64 -7.05
CA THR H 79 -14.98 -26.18 -8.35
C THR H 79 -15.57 -27.57 -8.55
N VAL H 80 -15.56 -28.01 -9.81
CA VAL H 80 -16.09 -29.29 -10.24
C VAL H 80 -14.99 -30.07 -10.94
N SER H 81 -14.76 -31.29 -10.47
CA SER H 81 -13.80 -32.22 -11.04
C SER H 81 -14.46 -33.59 -11.27
N GLY H 82 -13.64 -34.59 -11.56
CA GLY H 82 -14.10 -35.96 -11.56
C GLY H 82 -13.65 -36.67 -12.83
N SER H 83 -14.18 -37.87 -13.02
CA SER H 83 -13.98 -38.57 -14.29
C SER H 83 -14.89 -38.01 -15.38
N GLY H 84 -15.96 -37.31 -14.98
CA GLY H 84 -16.84 -36.72 -15.97
C GLY H 84 -16.24 -35.50 -16.64
N SER H 85 -15.75 -34.55 -15.84
CA SER H 85 -15.14 -33.35 -16.40
C SER H 85 -13.77 -33.68 -16.99
N GLY H 86 -13.61 -33.37 -18.27
CA GLY H 86 -12.42 -33.74 -19.00
C GLY H 86 -12.61 -34.84 -20.02
N MET H 87 -13.69 -35.60 -19.95
CA MET H 87 -14.03 -36.59 -20.97
C MET H 87 -15.32 -36.26 -21.69
N LEU H 88 -16.40 -36.04 -20.95
CA LEU H 88 -17.70 -35.67 -21.50
C LEU H 88 -18.12 -34.31 -20.97
N GLU H 89 -19.03 -33.66 -21.70
CA GLU H 89 -19.12 -32.20 -21.68
C GLU H 89 -19.73 -31.67 -20.39
N ILE H 90 -19.07 -30.66 -19.80
CA ILE H 90 -19.62 -29.85 -18.71
C ILE H 90 -19.37 -28.38 -19.07
N LEU H 91 -20.44 -27.59 -19.15
CA LEU H 91 -20.24 -26.27 -19.75
C LEU H 91 -19.63 -25.28 -18.76
N PRO H 92 -20.23 -24.95 -17.53
CA PRO H 92 -19.37 -24.31 -16.52
C PRO H 92 -18.86 -25.28 -15.48
N LYS H 93 -17.73 -24.99 -14.86
CA LYS H 93 -17.27 -25.81 -13.74
C LYS H 93 -17.67 -25.22 -12.39
N GLU H 94 -17.15 -24.05 -12.06
CA GLU H 94 -17.27 -23.52 -10.70
C GLU H 94 -18.67 -23.00 -10.42
N LEU H 95 -19.11 -23.16 -9.18
CA LEU H 95 -20.41 -22.71 -8.71
C LEU H 95 -20.18 -21.71 -7.58
N GLU H 96 -20.66 -20.49 -7.77
CA GLU H 96 -20.76 -19.55 -6.67
C GLU H 96 -22.17 -19.63 -6.11
N LEU H 97 -22.28 -19.90 -4.82
CA LEU H 97 -23.57 -19.96 -4.17
C LEU H 97 -23.97 -18.53 -3.87
N CYS H 98 -24.76 -17.94 -4.76
CA CYS H 98 -25.29 -16.61 -4.58
C CYS H 98 -26.81 -16.67 -4.57
N TYR H 99 -27.42 -15.75 -3.85
CA TYR H 99 -28.87 -15.74 -3.73
C TYR H 99 -29.52 -15.15 -4.98
N ARG H 100 -30.63 -15.76 -5.39
CA ARG H 100 -31.65 -15.09 -6.18
C ARG H 100 -33.00 -15.49 -5.60
N SER H 101 -34.01 -14.67 -5.88
CA SER H 101 -35.37 -14.96 -5.46
C SER H 101 -35.87 -16.24 -6.15
N PRO H 102 -36.74 -17.02 -5.50
CA PRO H 102 -37.13 -18.33 -6.06
C PRO H 102 -37.87 -18.27 -7.39
N GLY H 103 -38.41 -17.12 -7.78
CA GLY H 103 -39.13 -17.02 -9.04
C GLY H 103 -38.25 -16.98 -10.27
N GLU H 104 -36.93 -16.94 -10.11
CA GLU H 104 -36.01 -16.82 -11.22
C GLU H 104 -35.25 -18.13 -11.44
N ASP H 105 -34.99 -18.43 -12.71
CA ASP H 105 -34.07 -19.52 -13.01
C ASP H 105 -32.64 -19.07 -12.71
N GLN H 106 -31.91 -19.95 -12.04
CA GLN H 106 -30.61 -19.63 -11.48
C GLN H 106 -29.50 -20.02 -12.46
N LEU H 107 -28.27 -19.78 -12.05
CA LEU H 107 -27.14 -20.34 -12.76
C LEU H 107 -27.12 -21.85 -12.53
N PHE H 108 -26.85 -22.59 -13.60
CA PHE H 108 -26.81 -24.04 -13.52
C PHE H 108 -25.67 -24.56 -14.36
N SER H 109 -25.16 -25.72 -13.99
CA SER H 109 -24.13 -26.38 -14.79
C SER H 109 -24.76 -27.46 -15.65
N GLU H 110 -24.40 -27.47 -16.92
CA GLU H 110 -25.00 -28.31 -17.94
C GLU H 110 -24.01 -29.39 -18.36
N PHE H 111 -24.45 -30.64 -18.37
CA PHE H 111 -23.54 -31.79 -18.39
C PHE H 111 -24.05 -32.85 -19.35
N TYR H 112 -23.42 -32.96 -20.51
CA TYR H 112 -23.82 -33.87 -21.59
C TYR H 112 -22.88 -35.07 -21.62
N VAL H 113 -23.44 -36.29 -21.65
CA VAL H 113 -22.55 -37.45 -21.75
C VAL H 113 -22.92 -38.41 -22.88
N GLY H 114 -24.04 -38.18 -23.54
CA GLY H 114 -24.45 -39.09 -24.60
C GLY H 114 -25.04 -40.36 -24.02
N HIS H 115 -24.51 -41.51 -24.44
CA HIS H 115 -24.89 -42.77 -23.81
C HIS H 115 -24.29 -42.85 -22.42
N LEU H 116 -24.94 -43.62 -21.55
CA LEU H 116 -24.60 -43.61 -20.14
C LEU H 116 -23.66 -44.75 -19.77
N GLY H 117 -24.07 -45.99 -19.99
CA GLY H 117 -23.22 -47.13 -19.72
C GLY H 117 -23.04 -47.41 -18.25
N SER H 118 -21.79 -47.62 -17.82
CA SER H 118 -21.52 -48.00 -16.43
C SER H 118 -21.61 -46.82 -15.46
N GLY H 119 -21.75 -45.61 -15.97
CA GLY H 119 -21.79 -44.41 -15.15
C GLY H 119 -20.51 -43.61 -15.29
N ILE H 120 -20.53 -42.42 -14.71
CA ILE H 120 -19.39 -41.52 -14.77
C ILE H 120 -19.42 -40.61 -13.55
N ARG H 121 -18.26 -40.23 -13.06
CA ARG H 121 -18.13 -39.55 -11.79
C ARG H 121 -18.10 -38.02 -11.92
N LEU H 122 -18.86 -37.36 -11.04
CA LEU H 122 -18.88 -35.93 -10.88
C LEU H 122 -18.44 -35.63 -9.45
N GLN H 123 -17.65 -34.58 -9.27
CA GLN H 123 -17.21 -34.18 -7.93
C GLN H 123 -17.28 -32.67 -7.77
N VAL H 124 -17.67 -32.23 -6.59
CA VAL H 124 -17.70 -30.82 -6.23
C VAL H 124 -16.80 -30.63 -5.01
N LYS H 125 -15.82 -29.75 -5.13
CA LYS H 125 -14.85 -29.51 -4.07
C LYS H 125 -14.62 -28.00 -3.97
N ASP H 126 -13.77 -27.59 -3.03
CA ASP H 126 -13.44 -26.18 -2.88
C ASP H 126 -12.11 -25.87 -3.56
N LYS H 127 -12.01 -24.65 -4.07
CA LYS H 127 -10.73 -24.17 -4.59
C LYS H 127 -9.87 -23.55 -3.51
N LYS H 128 -10.46 -23.27 -2.34
CA LYS H 128 -9.72 -22.60 -1.28
C LYS H 128 -8.67 -23.51 -0.66
N ASP H 129 -9.01 -24.78 -0.45
CA ASP H 129 -8.12 -25.73 0.20
C ASP H 129 -8.01 -27.07 -0.50
N GLU H 130 -8.88 -27.34 -1.50
CA GLU H 130 -9.07 -28.66 -2.12
C GLU H 130 -9.36 -29.73 -1.06
N THR H 131 -10.47 -29.54 -0.36
CA THR H 131 -11.07 -30.59 0.45
C THR H 131 -12.37 -31.03 -0.23
N LEU H 132 -12.82 -32.24 0.10
CA LEU H 132 -13.98 -32.81 -0.58
C LEU H 132 -15.24 -32.18 0.00
N VAL H 133 -15.95 -31.44 -0.83
CA VAL H 133 -17.29 -30.96 -0.46
C VAL H 133 -18.36 -31.95 -0.87
N TRP H 134 -18.21 -32.57 -2.04
CA TRP H 134 -19.24 -33.45 -2.58
C TRP H 134 -18.62 -34.41 -3.58
N GLU H 135 -19.16 -35.63 -3.64
CA GLU H 135 -18.59 -36.68 -4.46
C GLU H 135 -19.62 -37.79 -4.67
N ALA H 136 -19.90 -38.12 -5.93
CA ALA H 136 -20.80 -39.21 -6.26
C ALA H 136 -20.51 -39.67 -7.69
N LEU H 137 -21.12 -40.78 -8.08
CA LEU H 137 -21.15 -41.23 -9.46
C LEU H 137 -22.60 -41.42 -9.86
N VAL H 138 -22.90 -41.14 -11.13
CA VAL H 138 -24.28 -41.06 -11.61
C VAL H 138 -24.89 -42.45 -11.72
N LYS H 139 -26.21 -42.52 -11.74
CA LYS H 139 -26.82 -43.84 -11.77
C LYS H 139 -27.30 -44.22 -13.16
N PRO H 140 -27.14 -45.47 -13.55
CA PRO H 140 -27.96 -46.04 -14.62
C PRO H 140 -29.19 -46.75 -14.07
N GLY H 141 -29.42 -46.61 -12.76
CA GLY H 141 -30.51 -47.29 -12.09
C GLY H 141 -31.68 -46.43 -11.64
N ASP H 142 -31.56 -45.11 -11.75
CA ASP H 142 -32.59 -44.18 -11.32
C ASP H 142 -33.16 -43.45 -12.53
N LEU H 143 -33.40 -44.19 -13.61
CA LEU H 143 -33.87 -43.65 -14.89
C LEU H 143 -35.13 -44.38 -15.33
N MET H 144 -35.78 -43.85 -16.36
CA MET H 144 -36.95 -44.48 -16.93
C MET H 144 -36.55 -45.68 -17.77
#